data_9DJT
#
_entry.id   9DJT
#
_cell.length_a   109.711
_cell.length_b   145.600
_cell.length_c   192.099
_cell.angle_alpha   90.00
_cell.angle_beta   90.00
_cell.angle_gamma   90.00
#
_symmetry.space_group_name_H-M   'P 21 21 21'
#
loop_
_entity.id
_entity.type
_entity.pdbx_description
1 polymer 'Protein cereblon'
2 polymer 'DNA damage-binding protein 1'
3 polymer 'Protein Wiz'
4 non-polymer 'ZINC ION'
5 non-polymer 'SULFATE ION'
6 non-polymer (3S)-3-(5-{[(4R)-6-ethyl-6-azaspiro[2.5]octan-4-yl]oxy}-1-oxo-1,3-dihydro-2H-isoindol-2-yl)piperidine-2,6-dione
7 water water
#
loop_
_entity_poly.entity_id
_entity_poly.type
_entity_poly.pdbx_seq_one_letter_code
_entity_poly.pdbx_strand_id
1 'polypeptide(L)'
;RTLHDDDSCQVIPVLPQVMMILIPGQTLPLQLFHPQEVSMVRNLIQKDRTFAVLAYSNVQEREAQFGTTAEIYAYREEQD
FGIEIVKVKAIGRQRFKVLELRTQSDGIQQAKVQILPECVLPSTMSAVQLESLNKCQIFPSKPVSREDQCSYKWWQKYQK
RKFHCANLTSWPRWLYSLYDAETLMDRIKKQLREWDENLKDDSLPSNPIDFSYRVAACLPIDDVLRIQLLKIGSAIQRLR
CELDIMNKCTSLCCKQCQETEITTKNEIFSLSLCGPMAAYVNPHGYVHETLTVYKACNLNLIGRPSTEHSWFPGYAWTVA
QCKICASHIGWKFTATKKDMSPQKFWGLTRSALLPTIPDTEDEISPDKVILCL
;
A,D
2 'polypeptide(L)'
;MSYNYVVTAQKPTAVNGCVTGHFTSAEDLNLLIAKNTRLEIYVVTAEGLRPVKEVGMYGKIAVMELFRPKGESKDLLFIL
TAKYNACILEYKQSGESIDIITRAHGNVQDRIGRPSETGIIGIIDPECRMIGLRLYDGLFKVIPLDRDNKELKAFNIRLE
ELHVIDVKFLYGCQAPTICFVYQDPQGRHVKTYEVSLREKEFNKGPWKQENVEAEASMVIAVPEPFGGAIIIGQESITYH
NGDKYLAIAPPIIKQSTIVCHNRVDPNGSRYLLGDMEGRLFMLLLEKEEQMDGTVTLKDLRVELLGETSIAECLTYLDNG
VVFVGSRLGDSQLVKLNVDSNEQGSYVVAMETFTNLGPIVDMCVVDLERQGQGQLVTCSGAFKEGSLRIIRNGIGGNGNS
GEIQKLHIRTVPLYESPRKICYQEVSQCFGVLSSRIEVQDTSGGTTALRPSASTQALSSSVSSSKLFSSSTAPHETSFGE
EVEVHNLLIIDQHTFEVLHAHQFLQNEYALSLVSCKLGKDPNTYFIVGTAMVYPEEAEPKQGRIVVFQYSDGKLQTVAEK
EVKGAVYSMVEFNGKLLASINSTVRLYEWTTEKELRTECNHYNNIMALYLKTKGDFILVGDLMRSVLLLAYKPMEGNFEE
IARDFNPNWMSAVEILDDDNFLGAENAFNLFVCQKDSAATTDEERQHLQEVGLFHLGEFVNVFCHGSLVMQNLGETSTPT
QGSVLFGTVNGMIGLVTSLSESWYNLLLDMQNRLNKVIKSVGKIEHSFWRSFHTERKTEPATGFIDGDLIESFLDISRPK
MQEVVANLQYDDGSGMKREATADDLIKVVEELTRIH
;
B,E
3 'polypeptide(L)' SQSLTTCEVCGACFETRKGLSSHARSHLRQ C,F
#
loop_
_chem_comp.id
_chem_comp.type
_chem_comp.name
_chem_comp.formula
A1A5H non-polymer (3S)-3-(5-{[(4R)-6-ethyl-6-azaspiro[2.5]octan-4-yl]oxy}-1-oxo-1,3-dihydro-2H-isoindol-2-yl)piperidine-2,6-dione 'C22 H27 N3 O4'
SO4 non-polymer 'SULFATE ION' 'O4 S -2'
ZN non-polymer 'ZINC ION' 'Zn 2'
#
# COMPACT_ATOMS: atom_id res chain seq x y z
N HIS A 4 3.60 22.47 -8.93
CA HIS A 4 3.64 23.92 -8.95
C HIS A 4 2.24 24.53 -9.03
N ASP A 5 2.13 25.65 -9.74
CA ASP A 5 0.87 26.34 -9.97
C ASP A 5 0.65 26.50 -11.47
N ASP A 6 -0.56 26.16 -11.93
CA ASP A 6 -0.85 25.99 -13.36
C ASP A 6 -0.29 27.12 -14.24
N ASP A 7 -0.25 28.35 -13.72
CA ASP A 7 0.24 29.51 -14.47
C ASP A 7 1.18 30.35 -13.60
N SER A 8 2.12 29.67 -12.94
CA SER A 8 3.11 30.30 -12.10
C SER A 8 4.26 30.86 -12.96
N CYS A 9 5.00 31.82 -12.41
CA CYS A 9 6.27 32.26 -12.98
C CYS A 9 7.38 31.78 -12.06
N GLN A 10 7.99 30.65 -12.37
CA GLN A 10 9.02 30.07 -11.52
C GLN A 10 10.39 30.11 -12.21
N VAL A 11 11.44 29.99 -11.41
CA VAL A 11 12.80 29.89 -11.93
C VAL A 11 13.32 28.46 -11.69
N ILE A 12 14.04 27.93 -12.68
CA ILE A 12 14.41 26.53 -12.73
C ILE A 12 15.71 26.39 -13.51
N PRO A 13 16.68 25.62 -13.02
CA PRO A 13 17.93 25.45 -13.76
C PRO A 13 17.78 24.53 -14.96
N VAL A 14 18.65 24.75 -15.93
CA VAL A 14 18.60 24.09 -17.22
C VAL A 14 19.77 23.13 -17.34
N LEU A 15 19.49 21.84 -17.45
CA LEU A 15 20.57 20.94 -17.82
C LEU A 15 21.21 21.45 -19.11
N PRO A 16 22.50 21.77 -19.10
CA PRO A 16 23.09 22.55 -20.21
C PRO A 16 22.98 21.84 -21.55
N GLN A 17 23.87 20.89 -21.81
CA GLN A 17 23.94 20.31 -23.13
C GLN A 17 22.69 19.53 -23.49
N VAL A 18 21.86 19.13 -22.51
CA VAL A 18 20.67 18.37 -22.84
C VAL A 18 19.78 19.17 -23.78
N MET A 19 19.20 18.47 -24.76
CA MET A 19 18.39 19.08 -25.81
C MET A 19 17.33 18.05 -26.20
N MET A 20 16.07 18.43 -26.16
CA MET A 20 15.09 17.36 -26.33
C MET A 20 13.71 17.99 -26.28
N ILE A 21 12.72 17.24 -26.79
CA ILE A 21 11.31 17.46 -26.49
C ILE A 21 10.92 16.38 -25.50
N LEU A 22 10.54 16.79 -24.30
CA LEU A 22 10.22 15.86 -23.20
C LEU A 22 8.71 15.92 -22.96
N ILE A 23 8.02 14.81 -23.22
CA ILE A 23 6.56 14.79 -23.00
C ILE A 23 6.31 14.44 -21.53
N PRO A 24 5.48 15.19 -20.82
CA PRO A 24 5.16 14.83 -19.43
C PRO A 24 4.92 13.33 -19.22
N GLY A 25 5.66 12.69 -18.33
CA GLY A 25 5.51 11.27 -18.12
C GLY A 25 6.49 10.42 -18.88
N GLN A 26 7.46 11.04 -19.53
CA GLN A 26 8.61 10.40 -20.14
C GLN A 26 9.78 10.47 -19.16
N THR A 27 10.66 9.48 -19.21
CA THR A 27 11.82 9.44 -18.31
C THR A 27 13.06 9.67 -19.17
N LEU A 28 13.94 10.57 -18.72
CA LEU A 28 15.19 10.81 -19.42
C LEU A 28 16.36 10.37 -18.56
N PRO A 29 17.20 9.45 -19.04
CA PRO A 29 18.37 9.00 -18.29
C PRO A 29 19.55 9.93 -18.54
N LEU A 30 20.15 10.46 -17.47
CA LEU A 30 21.23 11.42 -17.58
C LEU A 30 22.44 11.00 -16.76
N GLN A 31 23.63 11.21 -17.35
CA GLN A 31 24.92 10.98 -16.70
C GLN A 31 25.69 12.30 -16.72
N LEU A 32 25.90 12.87 -15.53
CA LEU A 32 26.50 14.19 -15.36
C LEU A 32 27.95 14.06 -14.93
N PHE A 33 28.88 14.39 -15.83
CA PHE A 33 30.29 14.34 -15.47
C PHE A 33 30.96 15.70 -15.44
N HIS A 34 30.57 16.69 -16.25
CA HIS A 34 31.31 17.94 -16.19
C HIS A 34 31.08 18.53 -14.79
N PRO A 35 32.12 19.04 -14.13
CA PRO A 35 31.97 19.41 -12.70
C PRO A 35 30.89 20.43 -12.46
N GLN A 36 30.81 21.46 -13.31
CA GLN A 36 29.75 22.45 -13.19
C GLN A 36 28.39 21.76 -13.08
N GLU A 37 28.13 20.81 -13.96
CA GLU A 37 26.84 20.14 -13.94
C GLU A 37 26.61 19.40 -12.62
N VAL A 38 27.55 18.54 -12.19
CA VAL A 38 27.32 17.72 -11.00
C VAL A 38 26.99 18.60 -9.80
N SER A 39 27.59 19.80 -9.74
CA SER A 39 27.23 20.74 -8.69
C SER A 39 25.72 20.95 -8.64
N MET A 40 25.15 21.43 -9.77
CA MET A 40 23.72 21.71 -9.86
C MET A 40 22.89 20.53 -9.36
N VAL A 41 23.14 19.35 -9.93
CA VAL A 41 22.40 18.14 -9.57
C VAL A 41 22.35 18.02 -8.07
N ARG A 42 23.51 18.22 -7.43
CA ARG A 42 23.63 18.21 -5.97
C ARG A 42 22.63 19.16 -5.33
N ASN A 43 22.74 20.45 -5.64
CA ASN A 43 21.79 21.44 -5.14
C ASN A 43 20.35 21.02 -5.42
N LEU A 44 20.06 20.72 -6.68
CA LEU A 44 18.71 20.33 -7.07
C LEU A 44 18.17 19.25 -6.17
N ILE A 45 18.95 18.18 -6.02
CA ILE A 45 18.48 16.99 -5.32
C ILE A 45 18.27 17.27 -3.85
N GLN A 46 19.03 18.22 -3.30
CA GLN A 46 18.80 18.70 -1.96
C GLN A 46 17.57 19.61 -1.83
N LYS A 47 17.12 20.20 -2.95
CA LYS A 47 16.03 21.15 -2.94
C LYS A 47 14.63 20.85 -3.50
N ASP A 48 14.47 20.95 -4.82
CA ASP A 48 13.17 20.75 -5.49
C ASP A 48 13.37 19.53 -6.38
N ARG A 49 14.61 19.23 -6.77
CA ARG A 49 14.93 18.08 -7.62
C ARG A 49 14.33 18.18 -9.00
N THR A 50 13.98 19.39 -9.43
CA THR A 50 13.37 19.63 -10.73
C THR A 50 14.25 20.59 -11.51
N PHE A 51 14.64 20.20 -12.71
CA PHE A 51 15.34 21.07 -13.65
C PHE A 51 14.47 21.30 -14.89
N ALA A 52 15.01 22.07 -15.83
CA ALA A 52 14.27 22.54 -17.01
C ALA A 52 14.87 21.92 -18.26
N VAL A 53 14.03 21.24 -19.03
CA VAL A 53 14.41 20.71 -20.34
C VAL A 53 13.80 21.60 -21.42
N LEU A 54 14.66 22.28 -22.17
CA LEU A 54 14.24 23.26 -23.17
C LEU A 54 13.97 22.58 -24.51
N ALA A 55 13.14 23.24 -25.32
CA ALA A 55 12.72 22.76 -26.63
C ALA A 55 13.59 23.24 -27.80
N TYR A 56 14.28 24.36 -27.68
CA TYR A 56 15.24 24.78 -28.72
C TYR A 56 14.67 24.91 -30.12
N ALA A 64 14.23 27.92 -29.41
CA ALA A 64 12.87 27.78 -28.87
C ALA A 64 12.71 28.25 -27.41
N GLN A 65 11.51 28.72 -27.10
CA GLN A 65 11.19 29.31 -25.80
C GLN A 65 10.22 28.44 -25.00
N PHE A 66 10.18 27.13 -25.28
CA PHE A 66 9.29 26.20 -24.56
C PHE A 66 10.09 25.01 -24.03
N GLY A 67 9.45 24.19 -23.22
CA GLY A 67 10.12 23.05 -22.63
C GLY A 67 9.27 22.37 -21.58
N THR A 68 9.88 21.42 -20.88
CA THR A 68 9.21 20.70 -19.81
C THR A 68 10.11 20.61 -18.58
N THR A 69 9.47 20.67 -17.41
CA THR A 69 10.15 20.43 -16.16
C THR A 69 10.40 18.93 -16.01
N ALA A 70 11.56 18.57 -15.46
CA ALA A 70 11.87 17.17 -15.19
C ALA A 70 12.27 16.98 -13.74
N GLU A 71 11.54 16.12 -13.03
CA GLU A 71 11.73 15.83 -11.62
C GLU A 71 12.52 14.54 -11.43
N ILE A 72 13.51 14.56 -10.53
CA ILE A 72 14.43 13.45 -10.36
C ILE A 72 13.86 12.41 -9.40
N TYR A 73 13.88 11.15 -9.80
CA TYR A 73 13.37 10.07 -8.96
C TYR A 73 14.40 8.98 -8.74
N ALA A 74 15.68 9.29 -8.98
CA ALA A 74 16.74 8.29 -8.94
C ALA A 74 18.05 9.07 -9.08
N TYR A 75 18.94 8.90 -8.09
CA TYR A 75 20.15 9.70 -7.91
C TYR A 75 21.22 8.77 -7.35
N ARG A 76 22.23 8.44 -8.18
CA ARG A 76 23.33 7.55 -7.82
C ARG A 76 24.65 8.22 -8.17
N GLU A 77 25.49 8.45 -7.16
CA GLU A 77 26.82 9.02 -7.34
C GLU A 77 27.86 7.89 -7.40
N GLU A 78 28.58 7.80 -8.52
CA GLU A 78 29.55 6.73 -8.74
C GLU A 78 31.00 7.17 -8.55
N ILE A 85 31.31 11.06 -10.95
CA ILE A 85 30.16 11.41 -11.79
C ILE A 85 28.84 11.10 -11.09
N VAL A 86 27.81 11.88 -11.41
CA VAL A 86 26.45 11.70 -10.86
C VAL A 86 25.57 11.14 -11.97
N LYS A 87 24.85 10.06 -11.65
CA LYS A 87 23.93 9.43 -12.60
C LYS A 87 22.50 9.61 -12.10
N VAL A 88 21.59 10.08 -12.97
CA VAL A 88 20.24 10.48 -12.57
C VAL A 88 19.20 9.92 -13.53
N LYS A 89 17.95 9.97 -13.10
CA LYS A 89 16.83 9.60 -13.96
C LYS A 89 15.65 10.48 -13.58
N ALA A 90 15.14 11.27 -14.54
CA ALA A 90 14.05 12.19 -14.28
C ALA A 90 12.80 11.86 -15.10
N ILE A 91 11.65 12.24 -14.55
CA ILE A 91 10.34 12.14 -15.21
C ILE A 91 9.91 13.54 -15.61
N GLY A 92 9.25 13.68 -16.77
CA GLY A 92 8.75 14.97 -17.19
C GLY A 92 7.41 15.24 -16.54
N ARG A 93 7.20 16.48 -16.10
CA ARG A 93 6.03 16.79 -15.29
C ARG A 93 5.18 17.93 -15.84
N GLN A 94 5.76 19.10 -16.10
CA GLN A 94 4.97 20.24 -16.52
C GLN A 94 5.64 20.93 -17.70
N ARG A 95 4.80 21.45 -18.59
CA ARG A 95 5.29 22.22 -19.72
C ARG A 95 5.30 23.69 -19.37
N PHE A 96 6.25 24.44 -19.95
CA PHE A 96 6.42 25.86 -19.61
C PHE A 96 6.82 26.66 -20.85
N LYS A 97 6.76 27.99 -20.71
CA LYS A 97 7.23 28.94 -21.71
C LYS A 97 8.36 29.78 -21.12
N VAL A 98 9.50 29.87 -21.82
CA VAL A 98 10.64 30.59 -21.25
C VAL A 98 10.34 32.08 -21.23
N LEU A 99 10.62 32.72 -20.10
CA LEU A 99 10.51 34.17 -19.95
C LEU A 99 11.87 34.88 -20.03
N GLU A 100 12.89 34.38 -19.33
CA GLU A 100 14.26 34.91 -19.41
C GLU A 100 15.25 33.75 -19.44
N LEU A 101 16.55 34.08 -19.52
CA LEU A 101 17.61 33.06 -19.58
C LEU A 101 18.92 33.66 -19.04
N ARG A 102 19.23 33.37 -17.77
CA ARG A 102 20.52 33.73 -17.19
C ARG A 102 21.56 32.68 -17.57
N THR A 103 22.48 33.06 -18.47
CA THR A 103 23.58 32.13 -18.80
C THR A 103 24.73 32.48 -17.87
N GLN A 104 24.67 32.01 -16.63
CA GLN A 104 25.69 32.38 -15.61
C GLN A 104 27.09 31.89 -16.02
N SER A 105 28.13 32.49 -15.43
CA SER A 105 29.54 32.11 -15.75
C SER A 105 29.74 30.60 -15.64
N ASP A 106 29.37 30.01 -14.50
CA ASP A 106 29.54 28.56 -14.28
C ASP A 106 29.37 27.77 -15.58
N GLY A 107 28.40 28.15 -16.41
CA GLY A 107 28.12 27.40 -17.65
C GLY A 107 26.70 26.87 -17.59
N ILE A 108 26.08 26.95 -16.41
CA ILE A 108 24.67 26.51 -16.25
C ILE A 108 23.76 27.68 -16.65
N GLN A 109 22.50 27.39 -16.95
CA GLN A 109 21.56 28.43 -17.36
C GLN A 109 20.30 28.39 -16.49
N GLN A 110 20.01 29.51 -15.80
CA GLN A 110 18.77 29.69 -15.06
C GLN A 110 17.67 30.23 -15.97
N ALA A 111 16.41 30.00 -15.61
CA ALA A 111 15.32 30.31 -16.53
C ALA A 111 14.05 30.78 -15.84
N LYS A 112 13.56 31.96 -16.22
CA LYS A 112 12.23 32.43 -15.83
C LYS A 112 11.21 31.70 -16.67
N VAL A 113 10.27 31.02 -16.03
CA VAL A 113 9.42 30.07 -16.73
C VAL A 113 7.97 30.40 -16.42
N GLN A 114 7.12 30.28 -17.42
CA GLN A 114 5.68 30.40 -17.27
C GLN A 114 5.07 29.01 -17.49
N ILE A 115 4.45 28.45 -16.46
CA ILE A 115 3.89 27.10 -16.58
C ILE A 115 2.68 27.14 -17.50
N LEU A 116 2.77 26.44 -18.63
CA LEU A 116 1.67 26.36 -19.56
C LEU A 116 0.44 25.77 -18.86
N PRO A 117 -0.73 25.93 -19.45
CA PRO A 117 -1.98 25.51 -18.78
C PRO A 117 -2.64 24.18 -19.09
N GLU A 118 -2.86 23.40 -18.03
CA GLU A 118 -3.65 22.16 -18.07
C GLU A 118 -5.10 22.30 -17.62
N CYS A 119 -5.91 22.99 -18.44
CA CYS A 119 -7.31 23.21 -18.10
C CYS A 119 -8.03 21.89 -18.00
N VAL A 120 -8.66 21.67 -16.86
CA VAL A 120 -9.46 20.48 -16.60
C VAL A 120 -10.91 20.95 -16.54
N LEU A 121 -11.79 20.27 -17.30
CA LEU A 121 -13.15 20.77 -17.45
C LEU A 121 -14.16 19.75 -16.96
N PRO A 122 -15.32 20.21 -16.48
CA PRO A 122 -16.37 19.28 -16.06
C PRO A 122 -17.03 18.60 -17.25
N SER A 123 -17.97 17.69 -16.98
CA SER A 123 -18.74 17.08 -18.06
C SER A 123 -19.48 18.16 -18.85
N THR A 124 -19.68 17.89 -20.15
CA THR A 124 -20.46 18.82 -20.97
C THR A 124 -21.87 19.02 -20.39
N MET A 125 -22.53 17.95 -19.95
CA MET A 125 -23.90 18.06 -19.45
C MET A 125 -23.98 18.43 -17.96
N SER A 126 -22.85 18.77 -17.30
CA SER A 126 -22.87 19.08 -15.88
C SER A 126 -23.81 20.24 -15.57
N ALA A 127 -23.70 21.33 -16.33
CA ALA A 127 -24.56 22.50 -16.10
C ALA A 127 -25.98 22.30 -16.59
N VAL A 128 -26.22 21.44 -17.56
CA VAL A 128 -27.54 21.35 -18.17
C VAL A 128 -28.27 20.13 -17.61
N GLN A 129 -27.74 19.59 -16.54
CA GLN A 129 -28.31 18.37 -16.00
C GLN A 129 -29.64 18.67 -15.32
N LEU A 130 -30.67 17.91 -15.67
CA LEU A 130 -31.96 18.03 -14.99
C LEU A 130 -31.87 17.32 -13.64
N GLU A 131 -32.18 18.05 -12.56
CA GLU A 131 -32.05 17.50 -11.20
C GLU A 131 -32.63 16.09 -11.10
N SER A 132 -33.92 15.95 -11.46
CA SER A 132 -34.57 14.65 -11.53
C SER A 132 -33.71 13.59 -12.20
N LEU A 133 -32.97 13.95 -13.24
CA LEU A 133 -32.16 12.96 -13.94
C LEU A 133 -30.86 12.64 -13.23
N ASN A 134 -30.48 13.41 -12.20
CA ASN A 134 -29.15 13.30 -11.62
C ASN A 134 -28.90 11.93 -10.97
N LYS A 135 -29.96 11.26 -10.54
CA LYS A 135 -29.84 9.96 -9.88
C LYS A 135 -29.76 8.80 -10.87
N CYS A 136 -29.69 9.06 -12.17
CA CYS A 136 -29.43 8.04 -13.19
C CYS A 136 -28.06 8.19 -13.85
N GLN A 137 -27.29 9.19 -13.44
CA GLN A 137 -26.03 9.46 -14.12
C GLN A 137 -24.99 8.40 -13.82
N ILE A 138 -25.05 7.79 -12.64
CA ILE A 138 -24.15 6.69 -12.37
C ILE A 138 -24.56 5.53 -13.27
N PHE A 139 -23.64 5.09 -14.11
CA PHE A 139 -24.07 3.97 -14.92
C PHE A 139 -23.60 2.67 -14.30
N PRO A 140 -24.28 1.56 -14.61
CA PRO A 140 -23.75 0.27 -14.18
C PRO A 140 -22.45 0.02 -14.90
N SER A 141 -21.50 -0.59 -14.19
CA SER A 141 -20.13 -0.68 -14.66
C SER A 141 -19.97 -1.01 -16.16
N SER A 151 -18.18 -2.60 -27.23
CA SER A 151 -19.37 -3.12 -27.89
C SER A 151 -20.29 -1.97 -28.38
N TYR A 152 -20.49 -1.91 -29.70
CA TYR A 152 -21.30 -0.91 -30.39
C TYR A 152 -22.55 -0.50 -29.61
N LYS A 153 -23.35 -1.49 -29.20
CA LYS A 153 -24.61 -1.19 -28.53
C LYS A 153 -24.37 -0.43 -27.23
N TRP A 154 -23.34 -0.81 -26.48
CA TRP A 154 -23.11 -0.17 -25.20
C TRP A 154 -22.84 1.32 -25.35
N TRP A 155 -22.02 1.67 -26.35
CA TRP A 155 -21.70 3.08 -26.53
C TRP A 155 -22.85 3.84 -27.19
N GLN A 156 -23.71 3.15 -27.94
CA GLN A 156 -24.93 3.80 -28.39
C GLN A 156 -25.80 4.21 -27.19
N LYS A 157 -25.99 3.29 -26.23
CA LYS A 157 -26.74 3.64 -25.03
C LYS A 157 -25.99 4.68 -24.21
N TYR A 158 -24.67 4.52 -24.03
CA TYR A 158 -23.88 5.51 -23.29
C TYR A 158 -24.22 6.94 -23.72
N GLN A 159 -24.26 7.18 -25.04
CA GLN A 159 -24.47 8.54 -25.54
C GLN A 159 -25.93 8.96 -25.38
N LYS A 160 -26.86 8.04 -25.65
CA LYS A 160 -28.28 8.31 -25.45
C LYS A 160 -28.61 8.65 -24.00
N ARG A 161 -27.78 8.25 -23.03
CA ARG A 161 -28.08 8.46 -21.62
C ARG A 161 -27.25 9.56 -21.00
N LYS A 162 -25.98 9.73 -21.39
CA LYS A 162 -25.14 10.75 -20.77
C LYS A 162 -25.46 12.14 -21.33
N PHE A 163 -26.04 12.21 -22.51
CA PHE A 163 -26.29 13.48 -23.16
C PHE A 163 -27.77 13.69 -23.42
N HIS A 164 -28.62 12.97 -22.68
CA HIS A 164 -30.06 13.13 -22.86
C HIS A 164 -30.46 14.59 -22.75
N CYS A 165 -29.84 15.33 -21.83
CA CYS A 165 -30.21 16.73 -21.66
C CYS A 165 -29.68 17.62 -22.79
N ALA A 166 -29.19 17.04 -23.87
CA ALA A 166 -28.83 17.86 -25.03
C ALA A 166 -30.04 18.55 -25.67
N ASN A 167 -31.22 17.96 -25.49
CA ASN A 167 -32.45 18.54 -25.97
C ASN A 167 -32.71 19.89 -25.35
N LEU A 168 -32.13 20.17 -24.19
CA LEU A 168 -32.30 21.50 -23.63
C LEU A 168 -31.36 22.53 -24.24
N THR A 169 -30.44 22.13 -25.09
CA THR A 169 -29.51 23.08 -25.67
C THR A 169 -29.75 23.17 -27.16
N SER A 170 -28.88 23.92 -27.81
CA SER A 170 -29.03 24.16 -29.24
C SER A 170 -28.16 23.23 -30.08
N TRP A 171 -27.66 22.14 -29.50
CA TRP A 171 -26.80 21.17 -30.16
C TRP A 171 -27.29 19.75 -29.94
N PRO A 172 -26.90 18.82 -30.83
CA PRO A 172 -27.36 17.43 -30.76
C PRO A 172 -26.39 16.55 -29.98
N ARG A 173 -26.85 15.35 -29.58
CA ARG A 173 -26.07 14.47 -28.72
C ARG A 173 -24.70 14.14 -29.34
N TRP A 174 -24.72 13.68 -30.60
CA TRP A 174 -23.47 13.29 -31.27
C TRP A 174 -22.44 14.41 -31.28
N LEU A 175 -22.85 15.69 -31.27
CA LEU A 175 -21.85 16.74 -31.17
C LEU A 175 -21.14 16.66 -29.83
N TYR A 176 -21.91 16.56 -28.75
CA TYR A 176 -21.30 16.50 -27.42
C TYR A 176 -20.36 15.30 -27.28
N SER A 177 -20.64 14.18 -27.97
CA SER A 177 -19.72 13.05 -27.90
C SER A 177 -18.35 13.41 -28.46
N LEU A 178 -18.29 14.31 -29.44
CA LEU A 178 -16.99 14.67 -30.01
C LEU A 178 -16.14 15.50 -29.06
N TYR A 179 -16.67 15.90 -27.91
CA TYR A 179 -15.93 16.65 -26.90
C TYR A 179 -15.96 15.94 -25.55
N ASP A 180 -16.39 14.68 -25.54
CA ASP A 180 -16.56 13.93 -24.29
C ASP A 180 -15.34 13.06 -24.08
N ALA A 181 -14.52 13.45 -23.10
CA ALA A 181 -13.24 12.78 -22.89
C ALA A 181 -13.35 11.26 -22.97
N GLU A 182 -14.28 10.66 -22.23
CA GLU A 182 -14.33 9.19 -22.18
C GLU A 182 -14.62 8.60 -23.56
N THR A 183 -15.44 9.26 -24.38
CA THR A 183 -15.65 8.75 -25.74
C THR A 183 -14.39 8.90 -26.56
N LEU A 184 -13.81 10.10 -26.57
CA LEU A 184 -12.57 10.32 -27.29
C LEU A 184 -11.57 9.24 -26.99
N MET A 185 -11.45 8.87 -25.71
CA MET A 185 -10.41 7.93 -25.32
C MET A 185 -10.69 6.54 -25.88
N ASP A 186 -11.94 6.09 -25.85
CA ASP A 186 -12.20 4.77 -26.41
C ASP A 186 -11.94 4.78 -27.90
N ARG A 187 -12.41 5.83 -28.61
CA ARG A 187 -12.06 6.04 -30.02
C ARG A 187 -10.57 5.82 -30.26
N ILE A 188 -9.73 6.41 -29.42
CA ILE A 188 -8.28 6.27 -29.58
C ILE A 188 -7.83 4.82 -29.31
N LYS A 189 -8.28 4.25 -28.18
CA LYS A 189 -7.98 2.84 -27.87
C LYS A 189 -8.30 1.93 -29.04
N LYS A 190 -9.49 2.09 -29.64
CA LYS A 190 -9.92 1.16 -30.67
C LYS A 190 -8.94 1.17 -31.82
N GLN A 191 -8.48 2.36 -32.23
CA GLN A 191 -7.47 2.44 -33.28
C GLN A 191 -6.17 1.81 -32.81
N LEU A 192 -5.65 2.27 -31.68
CA LEU A 192 -4.44 1.68 -31.14
C LEU A 192 -4.52 0.15 -31.02
N ARG A 193 -5.72 -0.43 -31.04
CA ARG A 193 -5.82 -1.88 -30.95
C ARG A 193 -5.60 -2.55 -32.30
N GLU A 194 -5.98 -1.88 -33.40
CA GLU A 194 -5.60 -2.33 -34.72
C GLU A 194 -4.08 -2.36 -34.92
N TRP A 195 -3.30 -1.79 -33.99
CA TRP A 195 -1.85 -1.82 -34.01
C TRP A 195 -1.26 -2.79 -32.99
N ASP A 196 -2.08 -3.27 -32.07
CA ASP A 196 -1.57 -4.17 -31.01
C ASP A 196 -2.73 -4.90 -30.36
N GLU A 197 -3.17 -6.01 -30.97
CA GLU A 197 -4.21 -6.82 -30.29
C GLU A 197 -3.42 -7.14 -29.02
N ASN A 198 -3.88 -6.64 -27.87
CA ASN A 198 -3.06 -6.81 -26.65
C ASN A 198 -3.86 -6.43 -25.40
N LEU A 199 -3.43 -5.37 -24.69
CA LEU A 199 -4.11 -5.03 -23.41
C LEU A 199 -5.18 -3.95 -23.63
N LYS A 200 -5.87 -3.58 -22.56
CA LYS A 200 -6.96 -2.56 -22.67
C LYS A 200 -7.24 -2.02 -21.26
N ASP A 201 -6.44 -2.47 -20.28
CA ASP A 201 -6.68 -2.07 -18.87
C ASP A 201 -5.71 -0.96 -18.51
N ASP A 202 -4.95 -1.16 -17.44
CA ASP A 202 -3.93 -0.16 -17.03
C ASP A 202 -2.98 0.06 -18.21
N SER A 203 -3.00 -0.84 -19.19
CA SER A 203 -2.21 -0.62 -20.41
C SER A 203 -2.15 0.88 -20.69
N LEU A 204 -3.29 1.56 -20.52
CA LEU A 204 -3.32 3.01 -20.79
C LEU A 204 -3.94 3.64 -19.54
N PRO A 205 -3.59 4.88 -19.19
CA PRO A 205 -4.13 5.53 -18.00
C PRO A 205 -5.62 5.82 -18.09
N SER A 206 -6.23 6.19 -16.96
CA SER A 206 -7.65 6.47 -16.94
C SER A 206 -7.92 7.94 -16.90
N ASN A 207 -6.93 8.71 -16.44
CA ASN A 207 -7.09 10.19 -16.38
C ASN A 207 -6.89 10.75 -17.78
N PRO A 208 -7.90 11.42 -18.38
CA PRO A 208 -7.72 12.03 -19.68
C PRO A 208 -6.36 12.66 -19.82
N ILE A 209 -5.96 13.46 -18.82
CA ILE A 209 -4.66 14.20 -18.91
C ILE A 209 -3.54 13.19 -19.15
N ASP A 210 -3.43 12.19 -18.27
CA ASP A 210 -2.35 11.19 -18.40
C ASP A 210 -2.48 10.50 -19.76
N PHE A 211 -3.65 9.95 -20.05
CA PHE A 211 -3.85 9.26 -21.33
C PHE A 211 -3.47 10.15 -22.51
N SER A 212 -3.95 11.39 -22.52
CA SER A 212 -3.52 12.30 -23.57
C SER A 212 -1.99 12.29 -23.73
N TYR A 213 -1.27 12.35 -22.61
CA TYR A 213 0.19 12.49 -22.72
C TYR A 213 0.86 11.20 -23.17
N ARG A 214 0.30 10.05 -22.81
CA ARG A 214 0.86 8.78 -23.28
C ARG A 214 0.76 8.68 -24.80
N VAL A 215 -0.45 8.90 -25.33
CA VAL A 215 -0.68 8.83 -26.77
C VAL A 215 0.36 9.63 -27.53
N ALA A 216 0.61 10.86 -27.08
CA ALA A 216 1.56 11.74 -27.77
C ALA A 216 2.95 11.12 -27.85
N ALA A 217 3.40 10.47 -26.76
CA ALA A 217 4.74 9.90 -26.73
C ALA A 217 4.81 8.55 -27.42
N CYS A 218 3.67 7.99 -27.82
CA CYS A 218 3.69 6.68 -28.43
C CYS A 218 3.13 6.66 -29.86
N LEU A 219 2.55 7.76 -30.35
CA LEU A 219 2.24 7.86 -31.76
C LEU A 219 3.52 8.00 -32.57
N PRO A 220 3.55 7.45 -33.80
CA PRO A 220 4.67 7.71 -34.75
C PRO A 220 4.57 9.11 -35.35
N ILE A 221 4.90 10.11 -34.55
CA ILE A 221 4.85 11.48 -35.01
C ILE A 221 6.24 12.06 -34.86
N ASP A 222 6.49 13.14 -35.58
CA ASP A 222 7.76 13.83 -35.52
C ASP A 222 7.74 14.87 -34.41
N ASP A 223 8.88 15.51 -34.16
CA ASP A 223 8.95 16.39 -32.99
C ASP A 223 8.03 17.62 -33.14
N VAL A 224 7.75 18.07 -34.36
CA VAL A 224 6.88 19.23 -34.50
C VAL A 224 5.46 18.90 -34.06
N LEU A 225 4.88 17.81 -34.58
CA LEU A 225 3.59 17.35 -34.09
C LEU A 225 3.60 17.21 -32.58
N ARG A 226 4.63 16.57 -32.03
CA ARG A 226 4.75 16.49 -30.59
C ARG A 226 4.61 17.86 -29.95
N ILE A 227 5.35 18.84 -30.46
CA ILE A 227 5.35 20.17 -29.83
C ILE A 227 3.95 20.78 -29.88
N GLN A 228 3.22 20.53 -30.95
CA GLN A 228 1.85 21.01 -31.01
C GLN A 228 1.02 20.46 -29.86
N LEU A 229 1.01 19.14 -29.69
CA LEU A 229 0.22 18.54 -28.61
C LEU A 229 0.65 19.11 -27.26
N LEU A 230 1.95 19.33 -27.06
CA LEU A 230 2.39 19.90 -25.80
C LEU A 230 1.94 21.35 -25.61
N LYS A 231 1.62 22.05 -26.70
CA LYS A 231 1.17 23.44 -26.59
C LYS A 231 -0.36 23.54 -26.48
N ILE A 232 -1.07 22.43 -26.46
CA ILE A 232 -2.50 22.42 -26.37
C ILE A 232 -2.92 22.50 -24.90
N GLY A 233 -3.93 23.34 -24.62
CA GLY A 233 -4.20 23.71 -23.24
C GLY A 233 -5.07 22.75 -22.47
N SER A 234 -5.81 21.87 -23.13
CA SER A 234 -6.76 21.00 -22.44
C SER A 234 -6.57 19.54 -22.85
N ALA A 235 -6.79 18.63 -21.90
CA ALA A 235 -6.70 17.22 -22.29
C ALA A 235 -7.73 16.85 -23.34
N ILE A 236 -8.90 17.49 -23.31
CA ILE A 236 -9.94 17.19 -24.29
C ILE A 236 -9.49 17.65 -25.68
N GLN A 237 -9.04 18.91 -25.78
CA GLN A 237 -8.54 19.41 -27.05
C GLN A 237 -7.37 18.58 -27.55
N ARG A 238 -6.57 18.01 -26.65
CA ARG A 238 -5.40 17.25 -27.05
C ARG A 238 -5.77 15.86 -27.56
N LEU A 239 -6.78 15.24 -26.95
CA LEU A 239 -7.29 13.97 -27.48
C LEU A 239 -7.91 14.15 -28.86
N ARG A 240 -8.74 15.20 -29.03
CA ARG A 240 -9.29 15.50 -30.36
C ARG A 240 -8.17 15.63 -31.37
N CYS A 241 -7.12 16.35 -31.01
CA CYS A 241 -5.98 16.49 -31.90
C CYS A 241 -5.38 15.13 -32.25
N GLU A 242 -4.93 14.40 -31.24
CA GLU A 242 -4.28 13.11 -31.49
C GLU A 242 -5.16 12.23 -32.36
N LEU A 243 -6.46 12.29 -32.16
CA LEU A 243 -7.36 11.58 -33.06
C LEU A 243 -7.21 12.10 -34.48
N ASP A 244 -7.17 13.43 -34.64
CA ASP A 244 -7.03 14.01 -35.97
C ASP A 244 -5.72 13.56 -36.63
N ILE A 245 -4.63 13.54 -35.85
CA ILE A 245 -3.37 12.99 -36.35
C ILE A 245 -3.55 11.56 -36.82
N MET A 246 -4.19 10.73 -36.01
CA MET A 246 -4.31 9.31 -36.31
C MET A 246 -5.26 9.02 -37.47
N ASN A 247 -6.05 10.03 -37.88
CA ASN A 247 -7.02 9.89 -38.96
C ASN A 247 -6.61 10.58 -40.24
N LYS A 248 -5.74 11.57 -40.17
CA LYS A 248 -5.34 12.34 -41.34
C LYS A 248 -3.91 12.09 -41.78
N CYS A 249 -2.99 11.81 -40.86
CA CYS A 249 -1.58 11.57 -41.19
C CYS A 249 -1.29 10.08 -41.24
N THR A 250 -1.93 9.50 -42.22
CA THR A 250 -1.93 8.08 -42.49
C THR A 250 -0.73 7.61 -43.30
N SER A 251 0.19 8.51 -43.66
CA SER A 251 1.35 8.16 -44.47
C SER A 251 2.60 8.69 -43.79
N LEU A 252 3.66 7.88 -43.81
CA LEU A 252 4.89 8.24 -43.13
C LEU A 252 6.00 8.39 -44.17
N CYS A 253 6.61 9.58 -44.20
CA CYS A 253 7.64 9.87 -45.19
C CYS A 253 9.00 10.10 -44.54
N CYS A 254 10.03 10.06 -45.38
CA CYS A 254 11.36 10.49 -45.00
C CYS A 254 11.36 11.94 -44.55
N LYS A 255 11.58 12.18 -43.26
CA LYS A 255 11.64 13.53 -42.75
C LYS A 255 12.67 14.39 -43.48
N GLN A 256 13.73 13.77 -44.00
CA GLN A 256 14.88 14.51 -44.53
C GLN A 256 14.66 15.06 -45.92
N CYS A 257 14.17 14.25 -46.86
CA CYS A 257 13.93 14.74 -48.21
C CYS A 257 12.46 14.93 -48.51
N GLN A 258 11.57 14.46 -47.65
CA GLN A 258 10.15 14.81 -47.71
C GLN A 258 9.47 14.30 -48.97
N GLU A 259 10.22 13.66 -49.86
CA GLU A 259 9.67 13.22 -51.13
C GLU A 259 9.87 11.71 -51.24
N THR A 260 9.34 10.98 -50.27
CA THR A 260 9.49 9.53 -50.22
C THR A 260 8.59 8.94 -49.16
N GLU A 261 7.52 8.31 -49.60
CA GLU A 261 6.58 7.68 -48.69
C GLU A 261 7.15 6.33 -48.33
N ILE A 262 7.30 6.08 -47.04
CA ILE A 262 7.92 4.87 -46.56
C ILE A 262 6.88 3.78 -46.32
N THR A 263 5.82 4.13 -45.59
CA THR A 263 4.86 3.14 -45.13
C THR A 263 3.56 3.84 -44.76
N THR A 264 2.50 3.03 -44.64
CA THR A 264 1.16 3.54 -44.48
C THR A 264 0.56 2.99 -43.18
N LYS A 265 -0.37 3.74 -42.62
CA LYS A 265 -0.92 3.40 -41.30
C LYS A 265 -1.28 1.93 -41.22
N ASN A 266 -1.91 1.38 -42.27
CA ASN A 266 -2.44 0.03 -42.18
C ASN A 266 -1.38 -1.01 -41.88
N GLU A 267 -0.17 -0.76 -42.30
CA GLU A 267 0.90 -1.73 -42.14
C GLU A 267 1.50 -1.75 -40.74
N ILE A 268 0.95 -1.03 -39.77
CA ILE A 268 1.52 -1.04 -38.43
C ILE A 268 1.01 -2.25 -37.67
N PHE A 269 1.91 -2.95 -36.99
CA PHE A 269 1.55 -4.06 -36.13
C PHE A 269 2.53 -4.08 -34.95
N SER A 270 2.33 -5.02 -34.01
CA SER A 270 3.22 -5.18 -32.86
C SER A 270 3.79 -6.59 -32.90
N LEU A 271 5.11 -6.69 -32.90
CA LEU A 271 5.76 -8.01 -33.02
C LEU A 271 5.48 -8.82 -31.75
N SER A 272 5.75 -8.21 -30.59
CA SER A 272 5.44 -8.90 -29.32
C SER A 272 4.54 -8.01 -28.46
N LEU A 273 4.22 -8.45 -27.25
CA LEU A 273 3.42 -7.61 -26.33
C LEU A 273 3.98 -6.19 -26.36
N CYS A 274 5.28 -6.03 -26.13
CA CYS A 274 5.96 -4.72 -26.13
C CYS A 274 5.04 -3.60 -26.66
N GLY A 275 4.74 -3.62 -27.96
CA GLY A 275 3.92 -2.55 -28.56
C GLY A 275 4.34 -2.32 -30.00
N PRO A 276 3.74 -1.36 -30.73
CA PRO A 276 4.05 -1.15 -32.14
C PRO A 276 5.24 -0.22 -32.38
N MET A 277 5.57 0.67 -31.42
CA MET A 277 6.80 1.47 -31.50
C MET A 277 7.40 1.55 -30.09
N ALA A 278 8.01 0.46 -29.64
CA ALA A 278 8.72 0.52 -28.38
C ALA A 278 10.06 1.20 -28.57
N ALA A 279 10.76 1.46 -27.46
CA ALA A 279 12.12 1.96 -27.45
C ALA A 279 13.12 0.81 -27.24
N TYR A 280 14.06 0.65 -28.16
CA TYR A 280 15.07 -0.39 -28.08
C TYR A 280 16.44 0.26 -27.98
N VAL A 281 17.41 -0.46 -27.40
CA VAL A 281 18.74 0.07 -27.18
C VAL A 281 19.76 -0.71 -28.00
N ASN A 282 20.71 0.01 -28.58
CA ASN A 282 21.81 -0.61 -29.32
C ASN A 282 23.01 -0.74 -28.41
N PRO A 283 24.00 -1.53 -28.85
CA PRO A 283 25.15 -1.81 -27.99
C PRO A 283 25.88 -0.54 -27.52
N HIS A 284 25.50 0.64 -28.00
CA HIS A 284 26.21 1.87 -27.64
C HIS A 284 25.31 2.88 -26.93
N GLY A 285 24.25 2.40 -26.26
CA GLY A 285 23.34 3.25 -25.52
C GLY A 285 22.45 4.14 -26.36
N TYR A 286 22.69 4.24 -27.66
CA TYR A 286 21.72 4.90 -28.53
C TYR A 286 20.37 4.20 -28.42
N VAL A 287 19.32 5.00 -28.30
CA VAL A 287 17.95 4.48 -28.15
C VAL A 287 17.19 4.76 -29.44
N HIS A 288 16.21 3.90 -29.72
CA HIS A 288 15.48 3.91 -30.99
C HIS A 288 14.02 3.54 -30.78
N GLU A 289 13.14 4.54 -30.70
CA GLU A 289 11.72 4.26 -30.87
C GLU A 289 11.50 3.68 -32.27
N THR A 290 11.18 2.37 -32.34
CA THR A 290 11.19 1.63 -33.61
C THR A 290 9.81 1.07 -33.97
N LEU A 291 9.09 1.80 -34.83
CA LEU A 291 7.80 1.36 -35.32
C LEU A 291 7.96 0.16 -36.25
N THR A 292 7.35 -0.95 -35.89
CA THR A 292 7.37 -2.15 -36.71
C THR A 292 6.22 -2.08 -37.69
N VAL A 293 6.51 -2.31 -38.97
CA VAL A 293 5.48 -2.28 -40.00
C VAL A 293 5.63 -3.50 -40.87
N TYR A 294 4.53 -3.92 -41.51
CA TYR A 294 4.58 -5.11 -42.34
C TYR A 294 5.35 -4.86 -43.63
N LYS A 295 5.05 -3.78 -44.33
CA LYS A 295 5.71 -3.44 -45.59
C LYS A 295 6.16 -1.98 -45.56
N ALA A 296 7.36 -1.72 -46.10
CA ALA A 296 7.85 -0.37 -46.36
C ALA A 296 8.31 -0.29 -47.81
N CYS A 297 8.40 0.93 -48.35
CA CYS A 297 8.76 1.09 -49.75
C CYS A 297 9.86 2.13 -49.93
N ASN A 298 10.43 2.15 -51.15
CA ASN A 298 11.44 3.13 -51.52
C ASN A 298 12.60 3.16 -50.53
N LEU A 299 13.03 2.00 -50.07
CA LEU A 299 14.15 1.90 -49.16
C LEU A 299 15.24 1.02 -49.76
N ASN A 300 16.49 1.42 -49.60
CA ASN A 300 17.64 0.64 -50.06
C ASN A 300 18.33 0.00 -48.87
N LEU A 301 18.77 -1.23 -49.04
CA LEU A 301 19.35 -1.98 -47.93
C LEU A 301 20.87 -1.92 -47.98
N ILE A 302 21.47 -1.71 -46.81
CA ILE A 302 22.90 -1.41 -46.67
C ILE A 302 23.54 -2.59 -45.95
N GLY A 303 24.31 -3.37 -46.69
CA GLY A 303 25.12 -4.42 -46.11
C GLY A 303 24.45 -5.77 -46.20
N ARG A 304 25.01 -6.68 -45.43
CA ARG A 304 24.47 -8.01 -45.34
C ARG A 304 23.76 -8.19 -44.00
N PRO A 305 22.66 -8.94 -43.95
CA PRO A 305 21.94 -9.09 -42.68
C PRO A 305 22.88 -9.58 -41.59
N SER A 306 22.56 -9.22 -40.35
CA SER A 306 23.29 -9.71 -39.19
C SER A 306 22.28 -10.15 -38.13
N THR A 307 22.81 -10.68 -37.02
CA THR A 307 21.97 -11.05 -35.89
C THR A 307 22.40 -10.44 -34.57
N GLU A 308 23.59 -9.83 -34.49
CA GLU A 308 24.07 -9.24 -33.24
C GLU A 308 23.08 -8.25 -32.66
N HIS A 309 22.65 -8.50 -31.43
CA HIS A 309 21.77 -7.61 -30.70
C HIS A 309 20.45 -7.42 -31.44
N SER A 310 20.05 -8.39 -32.26
CA SER A 310 18.79 -8.29 -32.98
C SER A 310 17.75 -8.12 -31.87
N TRP A 311 17.07 -6.98 -31.88
CA TRP A 311 16.10 -6.68 -30.83
C TRP A 311 14.96 -7.67 -30.88
N PHE A 312 14.68 -8.22 -32.06
CA PHE A 312 13.60 -9.18 -32.25
C PHE A 312 14.20 -10.55 -32.47
N PRO A 313 14.46 -11.29 -31.39
CA PRO A 313 15.18 -12.56 -31.53
C PRO A 313 14.43 -13.49 -32.46
N GLY A 314 15.16 -14.02 -33.44
CA GLY A 314 14.60 -14.87 -34.48
C GLY A 314 14.75 -14.29 -35.87
N TYR A 315 14.78 -12.96 -35.98
CA TYR A 315 15.02 -12.30 -37.25
C TYR A 315 16.38 -11.65 -37.24
N ALA A 316 16.96 -11.51 -38.43
CA ALA A 316 18.21 -10.77 -38.61
C ALA A 316 17.91 -9.39 -39.17
N TRP A 317 18.85 -8.46 -38.98
CA TRP A 317 18.64 -7.07 -39.36
C TRP A 317 19.57 -6.65 -40.49
N THR A 318 19.04 -5.77 -41.34
CA THR A 318 19.76 -5.19 -42.46
C THR A 318 19.43 -3.71 -42.47
N VAL A 319 20.44 -2.86 -42.46
CA VAL A 319 20.21 -1.43 -42.34
C VAL A 319 19.48 -0.91 -43.57
N ALA A 320 18.54 0.01 -43.35
CA ALA A 320 17.72 0.52 -44.43
C ALA A 320 17.78 2.04 -44.47
N GLN A 321 17.72 2.60 -45.68
CA GLN A 321 17.83 4.04 -45.85
C GLN A 321 17.05 4.51 -47.08
N CYS A 322 16.71 5.79 -47.07
CA CYS A 322 15.98 6.42 -48.17
C CYS A 322 16.71 6.26 -49.50
N LYS A 323 15.97 5.87 -50.53
CA LYS A 323 16.59 5.68 -51.83
C LYS A 323 16.88 6.99 -52.54
N ILE A 324 16.50 8.11 -51.92
CA ILE A 324 16.62 9.41 -52.55
C ILE A 324 17.68 10.28 -51.86
N CYS A 325 17.73 10.25 -50.51
CA CYS A 325 18.69 11.06 -49.78
C CYS A 325 19.59 10.22 -48.89
N ALA A 326 19.46 8.90 -48.93
CA ALA A 326 20.30 7.98 -48.16
C ALA A 326 20.36 8.39 -46.69
N SER A 327 19.26 8.92 -46.17
CA SER A 327 19.17 9.15 -44.74
C SER A 327 18.72 7.85 -44.07
N HIS A 328 19.16 7.63 -42.83
CA HIS A 328 18.84 6.38 -42.18
C HIS A 328 17.37 6.35 -41.82
N ILE A 329 16.68 5.25 -42.18
CA ILE A 329 15.29 5.08 -41.82
C ILE A 329 15.10 3.98 -40.78
N GLY A 330 15.91 2.93 -40.80
CA GLY A 330 15.81 1.86 -39.84
C GLY A 330 16.45 0.57 -40.32
N TRP A 331 15.78 -0.57 -40.14
CA TRP A 331 16.37 -1.84 -40.53
C TRP A 331 15.31 -2.71 -41.20
N LYS A 332 15.76 -3.74 -41.91
CA LYS A 332 14.86 -4.74 -42.43
C LYS A 332 15.14 -6.07 -41.73
N PHE A 333 14.12 -6.59 -41.05
CA PHE A 333 14.26 -7.83 -40.31
C PHE A 333 13.74 -8.99 -41.14
N THR A 334 14.54 -10.04 -41.21
CA THR A 334 14.32 -11.18 -42.06
C THR A 334 14.44 -12.43 -41.20
N ALA A 335 13.54 -13.39 -41.39
CA ALA A 335 13.46 -14.52 -40.47
C ALA A 335 14.64 -15.48 -40.67
N THR A 336 15.26 -15.90 -39.58
CA THR A 336 16.28 -16.94 -39.74
C THR A 336 15.64 -18.29 -40.04
N LYS A 337 14.57 -18.63 -39.33
CA LYS A 337 14.00 -19.97 -39.51
C LYS A 337 13.00 -19.91 -40.65
N LYS A 338 12.26 -20.99 -40.86
CA LYS A 338 11.13 -20.96 -41.76
C LYS A 338 9.80 -21.09 -41.07
N ASP A 339 9.80 -21.55 -39.83
CA ASP A 339 8.60 -21.48 -39.02
C ASP A 339 8.07 -20.05 -38.98
N MET A 340 8.89 -19.13 -38.50
CA MET A 340 8.39 -17.84 -38.02
C MET A 340 7.46 -17.16 -39.02
N SER A 341 6.42 -16.50 -38.48
CA SER A 341 5.63 -15.52 -39.22
C SER A 341 5.56 -14.24 -38.40
N PRO A 342 5.72 -13.08 -39.03
CA PRO A 342 5.94 -12.86 -40.46
C PRO A 342 7.37 -13.24 -40.88
N GLN A 343 7.62 -13.51 -42.16
CA GLN A 343 8.99 -13.84 -42.60
C GLN A 343 9.87 -12.59 -42.66
N LYS A 344 9.39 -11.53 -43.30
CA LYS A 344 10.04 -10.24 -43.28
C LYS A 344 9.17 -9.19 -42.59
N PHE A 345 9.84 -8.22 -41.97
CA PHE A 345 9.20 -6.97 -41.55
C PHE A 345 10.28 -5.89 -41.46
N TRP A 346 9.85 -4.67 -41.21
CA TRP A 346 10.73 -3.53 -41.14
C TRP A 346 10.58 -2.79 -39.82
N GLY A 347 11.69 -2.32 -39.28
CA GLY A 347 11.66 -1.44 -38.13
C GLY A 347 12.11 -0.03 -38.51
N LEU A 348 11.27 0.98 -38.28
CA LEU A 348 11.56 2.35 -38.65
C LEU A 348 11.61 3.20 -37.39
N THR A 349 12.64 4.05 -37.28
CA THR A 349 12.92 4.80 -36.06
C THR A 349 12.27 6.18 -36.11
N ARG A 350 11.45 6.47 -35.11
CA ARG A 350 10.62 7.67 -35.09
C ARG A 350 11.32 8.92 -35.62
N SER A 351 12.60 9.08 -35.33
CA SER A 351 13.29 10.32 -35.65
C SER A 351 13.48 10.52 -37.16
N ALA A 352 13.41 9.45 -37.95
CA ALA A 352 13.57 9.59 -39.40
C ALA A 352 12.27 9.94 -40.12
N LEU A 353 11.12 9.79 -39.46
CA LEU A 353 9.83 9.79 -40.13
C LEU A 353 9.11 11.14 -40.02
N LEU A 354 8.21 11.39 -40.99
CA LEU A 354 7.37 12.59 -41.05
C LEU A 354 5.95 12.23 -41.45
N PRO A 355 4.96 12.40 -40.55
CA PRO A 355 3.56 12.14 -40.92
C PRO A 355 3.02 13.11 -41.96
N THR A 356 2.16 12.61 -42.84
CA THR A 356 1.74 13.39 -43.99
C THR A 356 0.31 12.99 -44.38
N ILE A 357 -0.37 13.91 -45.07
CA ILE A 357 -1.80 13.78 -45.35
C ILE A 357 -1.98 13.50 -46.84
N PRO A 358 -2.20 12.25 -47.26
CA PRO A 358 -2.30 11.85 -48.68
C PRO A 358 -3.59 12.29 -49.40
N VAL A 369 -5.89 21.18 -45.52
CA VAL A 369 -6.14 20.22 -44.45
C VAL A 369 -5.26 20.49 -43.23
N ILE A 370 -5.86 20.83 -42.10
CA ILE A 370 -5.12 21.13 -40.87
C ILE A 370 -5.52 20.16 -39.76
N LEU A 371 -4.73 20.17 -38.69
CA LEU A 371 -5.09 19.45 -37.49
C LEU A 371 -5.90 20.35 -36.56
N CYS A 372 -6.97 19.79 -35.99
CA CYS A 372 -8.01 20.53 -35.28
C CYS A 372 -7.97 20.28 -33.76
N LEU A 373 -8.51 21.24 -33.01
CA LEU A 373 -8.62 21.16 -31.54
C LEU A 373 -10.08 20.98 -31.07
N SER B 2 -15.27 46.77 -23.19
CA SER B 2 -16.30 47.75 -22.86
C SER B 2 -16.84 47.54 -21.45
N TYR B 3 -18.03 48.09 -21.24
CA TYR B 3 -18.72 47.98 -19.98
C TYR B 3 -20.17 47.71 -20.31
N ASN B 4 -20.78 46.74 -19.64
CA ASN B 4 -22.09 46.28 -20.05
C ASN B 4 -23.07 46.21 -18.87
N TYR B 5 -24.35 46.26 -19.23
CA TYR B 5 -25.44 46.26 -18.27
C TYR B 5 -26.40 45.13 -18.63
N VAL B 6 -26.70 44.27 -17.65
CA VAL B 6 -27.57 43.11 -17.79
C VAL B 6 -28.83 43.36 -16.98
N VAL B 7 -29.99 43.01 -17.54
CA VAL B 7 -31.24 43.15 -16.79
C VAL B 7 -32.14 41.99 -17.16
N THR B 8 -32.92 41.53 -16.18
CA THR B 8 -33.87 40.48 -16.45
C THR B 8 -35.12 41.08 -17.07
N ALA B 9 -35.49 40.53 -18.23
CA ALA B 9 -36.72 40.88 -18.90
C ALA B 9 -37.80 39.87 -18.64
N GLN B 10 -37.42 38.65 -18.30
CA GLN B 10 -38.39 37.62 -17.95
C GLN B 10 -37.77 36.72 -16.91
N LYS B 11 -38.36 36.65 -15.71
CA LYS B 11 -37.88 35.73 -14.69
C LYS B 11 -37.87 34.30 -15.22
N PRO B 12 -37.06 33.42 -14.63
CA PRO B 12 -37.13 32.00 -14.99
C PRO B 12 -38.53 31.45 -14.78
N THR B 13 -38.98 30.59 -15.69
CA THR B 13 -40.32 30.02 -15.60
C THR B 13 -40.33 28.53 -15.31
N ALA B 14 -39.23 27.84 -15.54
CA ALA B 14 -39.20 26.41 -15.27
C ALA B 14 -39.23 26.18 -13.78
N VAL B 15 -39.99 25.20 -13.35
CA VAL B 15 -40.05 24.83 -11.95
C VAL B 15 -39.02 23.74 -11.68
N ASN B 16 -38.20 23.92 -10.65
CA ASN B 16 -37.20 22.90 -10.39
C ASN B 16 -37.40 22.17 -9.06
N GLY B 17 -38.44 22.50 -8.31
CA GLY B 17 -38.68 21.85 -7.04
C GLY B 17 -39.88 22.45 -6.32
N CYS B 18 -40.60 21.62 -5.59
CA CYS B 18 -41.91 21.99 -5.07
C CYS B 18 -42.17 21.20 -3.80
N VAL B 19 -42.33 21.90 -2.68
CA VAL B 19 -42.59 21.25 -1.42
C VAL B 19 -43.89 21.79 -0.84
N THR B 20 -44.58 20.91 -0.11
CA THR B 20 -45.89 21.16 0.48
C THR B 20 -45.78 21.02 2.00
N GLY B 21 -46.06 22.10 2.71
CA GLY B 21 -45.85 22.13 4.14
C GLY B 21 -46.62 23.25 4.84
N HIS B 22 -46.09 23.70 6.00
CA HIS B 22 -46.78 24.68 6.87
C HIS B 22 -45.84 25.84 7.21
N PHE B 23 -45.57 26.67 6.21
CA PHE B 23 -44.57 27.72 6.30
C PHE B 23 -45.15 29.07 6.74
N THR B 24 -46.38 29.39 6.30
CA THR B 24 -47.02 30.67 6.60
C THR B 24 -47.74 30.67 7.95
N SER B 25 -48.18 29.51 8.43
CA SER B 25 -48.80 29.38 9.74
C SER B 25 -49.01 27.89 9.95
N ALA B 26 -49.25 27.50 11.20
CA ALA B 26 -49.39 26.08 11.43
C ALA B 26 -50.69 25.55 10.83
N GLU B 27 -51.68 26.41 10.57
CA GLU B 27 -53.01 26.01 10.12
C GLU B 27 -53.19 26.09 8.60
N ASP B 28 -52.19 26.56 7.85
CA ASP B 28 -52.25 26.71 6.40
C ASP B 28 -51.48 25.59 5.71
N LEU B 29 -52.04 25.11 4.60
CA LEU B 29 -51.33 24.24 3.68
C LEU B 29 -50.68 25.13 2.63
N ASN B 30 -49.34 25.20 2.64
CA ASN B 30 -48.61 25.98 1.67
C ASN B 30 -47.99 25.07 0.62
N LEU B 31 -47.79 25.66 -0.55
CA LEU B 31 -47.00 25.10 -1.64
C LEU B 31 -45.85 26.06 -1.88
N LEU B 32 -44.62 25.65 -1.55
CA LEU B 32 -43.47 26.42 -1.98
C LEU B 32 -43.02 25.86 -3.31
N ILE B 33 -42.71 26.76 -4.25
CA ILE B 33 -42.25 26.40 -5.58
C ILE B 33 -40.93 27.10 -5.85
N ALA B 34 -40.02 26.40 -6.52
CA ALA B 34 -38.68 26.89 -6.80
C ALA B 34 -38.46 27.04 -8.31
N LYS B 35 -38.07 28.22 -8.74
CA LYS B 35 -37.68 28.48 -10.14
C LYS B 35 -36.30 29.12 -10.15
N ASN B 36 -35.28 28.26 -10.07
CA ASN B 36 -33.86 28.67 -10.16
C ASN B 36 -33.95 29.72 -9.04
N THR B 37 -33.49 30.93 -9.35
CA THR B 37 -33.39 31.99 -8.37
C THR B 37 -34.58 32.40 -7.54
N ARG B 38 -35.78 32.04 -7.94
CA ARG B 38 -36.97 32.55 -7.27
C ARG B 38 -37.76 31.56 -6.43
N LEU B 39 -38.18 32.00 -5.25
CA LEU B 39 -39.05 31.20 -4.38
C LEU B 39 -40.46 31.76 -4.46
N GLU B 40 -41.44 30.86 -4.52
CA GLU B 40 -42.83 31.25 -4.60
C GLU B 40 -43.59 30.54 -3.49
N ILE B 41 -44.47 31.27 -2.81
CA ILE B 41 -45.19 30.77 -1.64
C ILE B 41 -46.67 31.01 -1.85
N TYR B 42 -47.44 29.93 -1.96
CA TYR B 42 -48.90 29.96 -2.09
C TYR B 42 -49.57 29.46 -0.82
N VAL B 43 -50.89 29.67 -0.75
CA VAL B 43 -51.73 28.96 0.19
C VAL B 43 -52.72 28.11 -0.60
N VAL B 44 -52.90 26.88 -0.16
CA VAL B 44 -53.75 25.92 -0.85
C VAL B 44 -55.17 26.10 -0.32
N THR B 45 -56.00 26.80 -1.08
CA THR B 45 -57.41 26.90 -0.77
C THR B 45 -58.17 25.74 -1.41
N ALA B 46 -59.39 25.50 -0.92
CA ALA B 46 -60.24 24.51 -1.56
C ALA B 46 -60.71 24.96 -2.95
N GLU B 47 -60.51 26.23 -3.32
CA GLU B 47 -60.80 26.68 -4.67
C GLU B 47 -59.57 26.56 -5.58
N GLY B 48 -58.37 26.79 -5.04
CA GLY B 48 -57.14 26.66 -5.83
C GLY B 48 -55.85 27.06 -5.14
N LEU B 49 -55.11 28.00 -5.71
CA LEU B 49 -53.86 28.50 -5.15
C LEU B 49 -53.97 30.00 -4.89
N ARG B 50 -53.76 30.41 -3.62
CA ARG B 50 -53.71 31.82 -3.28
C ARG B 50 -52.25 32.26 -3.18
N PRO B 51 -51.83 33.21 -4.01
CA PRO B 51 -50.47 33.73 -3.92
C PRO B 51 -50.26 34.44 -2.61
N VAL B 52 -49.02 34.39 -2.13
CA VAL B 52 -48.71 35.00 -0.84
C VAL B 52 -47.47 35.87 -0.94
N LYS B 53 -46.38 35.35 -1.48
CA LYS B 53 -45.13 36.08 -1.59
C LYS B 53 -44.13 35.30 -2.43
N GLU B 54 -43.41 36.01 -3.29
CA GLU B 54 -42.47 35.44 -4.26
C GLU B 54 -41.16 36.17 -4.13
N VAL B 55 -40.14 35.49 -3.62
CA VAL B 55 -38.93 36.14 -3.16
C VAL B 55 -37.79 35.81 -4.12
N GLY B 56 -36.74 36.65 -4.09
CA GLY B 56 -35.52 36.39 -4.82
C GLY B 56 -34.29 36.10 -3.99
N MET B 57 -33.60 35.03 -4.34
CA MET B 57 -32.36 34.63 -3.68
C MET B 57 -31.17 34.92 -4.58
N TYR B 58 -30.07 35.31 -3.96
CA TYR B 58 -28.81 35.44 -4.67
C TYR B 58 -28.14 34.10 -4.87
N GLY B 59 -28.86 33.12 -5.39
CA GLY B 59 -28.29 31.79 -5.57
C GLY B 59 -29.20 30.95 -6.42
N LYS B 60 -28.76 29.73 -6.71
CA LYS B 60 -29.56 28.78 -7.46
C LYS B 60 -30.06 27.72 -6.50
N ILE B 61 -31.37 27.62 -6.35
CA ILE B 61 -31.94 26.80 -5.29
C ILE B 61 -31.72 25.34 -5.63
N ALA B 62 -30.94 24.64 -4.81
CA ALA B 62 -30.63 23.24 -5.05
C ALA B 62 -31.23 22.32 -4.01
N VAL B 63 -31.39 22.77 -2.78
CA VAL B 63 -32.08 22.00 -1.76
C VAL B 63 -33.13 22.92 -1.15
N MET B 64 -34.38 22.46 -1.12
CA MET B 64 -35.48 23.25 -0.59
C MET B 64 -36.40 22.30 0.15
N GLU B 65 -36.38 22.38 1.48
CA GLU B 65 -37.11 21.43 2.29
C GLU B 65 -37.63 22.13 3.54
N LEU B 66 -38.88 21.85 3.89
CA LEU B 66 -39.48 22.36 5.12
C LEU B 66 -39.39 21.32 6.22
N PHE B 67 -39.34 21.80 7.45
CA PHE B 67 -39.11 20.96 8.63
C PHE B 67 -39.47 21.78 9.86
N ARG B 68 -39.76 21.07 10.96
CA ARG B 68 -40.33 21.66 12.18
C ARG B 68 -39.58 21.14 13.39
N PRO B 69 -38.52 21.83 13.82
CA PRO B 69 -37.68 21.32 14.90
C PRO B 69 -38.39 21.49 16.22
N LYS B 70 -37.78 20.95 17.28
CA LYS B 70 -38.35 21.05 18.63
C LYS B 70 -38.42 22.51 19.04
N GLY B 71 -39.60 22.95 19.48
CA GLY B 71 -39.81 24.30 19.94
C GLY B 71 -40.02 25.33 18.86
N GLU B 72 -40.84 25.00 17.86
CA GLU B 72 -41.16 25.88 16.74
C GLU B 72 -42.66 25.86 16.46
N SER B 73 -43.24 27.04 16.28
CA SER B 73 -44.67 27.13 15.99
C SER B 73 -45.00 26.63 14.57
N LYS B 74 -44.38 27.19 13.53
CA LYS B 74 -44.60 26.75 12.16
C LYS B 74 -43.30 26.20 11.57
N ASP B 75 -43.44 25.53 10.40
CA ASP B 75 -42.29 24.93 9.73
C ASP B 75 -41.25 25.98 9.39
N LEU B 76 -40.02 25.52 9.20
CA LEU B 76 -38.96 26.37 8.70
C LEU B 76 -38.47 25.83 7.36
N LEU B 77 -37.75 26.67 6.62
CA LEU B 77 -37.34 26.35 5.26
C LEU B 77 -35.82 26.29 5.17
N PHE B 78 -35.30 25.16 4.70
CA PHE B 78 -33.87 25.00 4.46
C PHE B 78 -33.65 25.12 2.95
N ILE B 79 -32.86 26.10 2.55
CA ILE B 79 -32.45 26.24 1.17
C ILE B 79 -30.95 26.06 1.16
N LEU B 80 -30.46 25.40 0.12
CA LEU B 80 -29.04 25.26 -0.12
C LEU B 80 -28.86 25.59 -1.58
N THR B 81 -27.97 26.53 -1.87
CA THR B 81 -27.75 26.97 -3.25
C THR B 81 -26.59 26.24 -3.89
N ALA B 82 -26.53 26.31 -5.21
CA ALA B 82 -25.45 25.65 -5.95
C ALA B 82 -24.07 26.14 -5.53
N LYS B 83 -23.94 27.39 -5.09
CA LYS B 83 -22.62 27.85 -4.67
C LYS B 83 -22.49 27.58 -3.19
N TYR B 84 -23.15 26.52 -2.72
CA TYR B 84 -22.98 25.97 -1.37
C TYR B 84 -23.47 26.92 -0.28
N ASN B 85 -24.30 27.90 -0.61
CA ASN B 85 -24.91 28.74 0.41
C ASN B 85 -26.09 28.01 1.06
N ALA B 86 -26.10 27.97 2.39
CA ALA B 86 -27.10 27.28 3.18
C ALA B 86 -27.74 28.26 4.13
N CYS B 87 -29.07 28.26 4.17
CA CYS B 87 -29.83 29.15 5.01
C CYS B 87 -31.01 28.39 5.59
N ILE B 88 -31.54 28.91 6.68
CA ILE B 88 -32.81 28.48 7.22
C ILE B 88 -33.70 29.71 7.33
N LEU B 89 -34.88 29.65 6.70
CA LEU B 89 -35.73 30.83 6.61
C LEU B 89 -37.00 30.63 7.42
N GLU B 90 -37.55 31.74 7.90
CA GLU B 90 -38.83 31.75 8.58
C GLU B 90 -39.72 32.83 7.99
N TYR B 91 -41.02 32.62 8.09
CA TYR B 91 -42.01 33.56 7.61
C TYR B 91 -42.41 34.53 8.72
N LYS B 92 -42.71 35.77 8.36
CA LYS B 92 -43.09 36.77 9.38
C LYS B 92 -43.83 37.95 8.74
N GLN B 93 -45.12 38.10 9.12
CA GLN B 93 -46.02 39.09 8.52
C GLN B 93 -46.54 40.08 9.58
N SER B 94 -46.00 41.29 9.61
CA SER B 94 -46.51 42.30 10.54
C SER B 94 -47.86 42.75 9.97
N GLY B 95 -48.94 42.02 10.30
CA GLY B 95 -50.22 42.30 9.65
C GLY B 95 -50.18 42.50 8.15
N GLU B 96 -49.64 43.64 7.72
CA GLU B 96 -49.47 43.95 6.31
C GLU B 96 -48.07 43.66 5.77
N SER B 97 -47.06 43.75 6.62
CA SER B 97 -45.65 43.63 6.21
C SER B 97 -45.21 42.17 6.26
N ILE B 98 -44.75 41.63 5.12
CA ILE B 98 -44.35 40.23 5.00
C ILE B 98 -42.87 40.11 4.64
N ASP B 99 -42.08 39.55 5.56
CA ASP B 99 -40.64 39.38 5.39
C ASP B 99 -40.24 37.92 5.64
N ILE B 100 -39.21 37.47 4.92
CA ILE B 100 -38.65 36.13 5.07
C ILE B 100 -37.30 36.30 5.75
N ILE B 101 -37.26 36.01 7.03
CA ILE B 101 -36.06 36.24 7.83
C ILE B 101 -35.17 35.01 7.80
N THR B 102 -33.87 35.23 7.65
CA THR B 102 -32.90 34.14 7.66
C THR B 102 -32.46 33.89 9.10
N ARG B 103 -32.92 32.76 9.65
CA ARG B 103 -32.60 32.37 11.02
C ARG B 103 -31.21 31.77 11.13
N ALA B 104 -30.74 31.06 10.11
CA ALA B 104 -29.37 30.56 10.07
C ALA B 104 -28.85 30.66 8.66
N HIS B 105 -27.51 30.68 8.54
CA HIS B 105 -26.88 30.71 7.23
C HIS B 105 -25.41 30.36 7.37
N GLY B 106 -24.77 30.10 6.25
CA GLY B 106 -23.36 29.79 6.13
C GLY B 106 -23.11 29.04 4.82
N ASN B 107 -21.86 29.05 4.38
CA ASN B 107 -21.45 28.32 3.19
C ASN B 107 -20.87 26.97 3.60
N VAL B 108 -21.53 25.89 3.17
CA VAL B 108 -21.20 24.54 3.64
C VAL B 108 -20.08 23.92 2.82
N GLN B 109 -19.44 24.71 1.96
CA GLN B 109 -18.43 24.18 1.06
C GLN B 109 -17.25 23.58 1.84
N ASP B 110 -16.57 22.59 1.23
CA ASP B 110 -15.36 22.01 1.78
C ASP B 110 -14.19 22.31 0.85
N ARG B 111 -13.09 22.83 1.42
CA ARG B 111 -11.94 23.28 0.66
C ARG B 111 -11.52 22.25 -0.38
N ILE B 112 -11.46 20.99 0.05
CA ILE B 112 -11.20 19.88 -0.86
C ILE B 112 -12.45 19.00 -0.90
N GLY B 113 -12.60 18.24 -1.97
CA GLY B 113 -13.65 17.24 -2.08
C GLY B 113 -14.14 17.11 -3.50
N ARG B 114 -14.31 15.88 -4.00
CA ARG B 114 -14.86 15.70 -5.35
C ARG B 114 -16.38 15.89 -5.28
N PRO B 115 -16.96 16.80 -6.06
CA PRO B 115 -18.43 16.84 -6.13
C PRO B 115 -18.98 15.49 -6.57
N SER B 116 -20.02 15.03 -5.87
CA SER B 116 -20.63 13.77 -6.25
C SER B 116 -21.31 13.89 -7.60
N GLU B 117 -21.33 12.76 -8.32
CA GLU B 117 -21.93 12.72 -9.65
C GLU B 117 -23.44 12.96 -9.59
N THR B 118 -24.14 12.27 -8.70
CA THR B 118 -25.57 12.50 -8.56
C THR B 118 -25.89 13.83 -7.89
N GLY B 119 -24.90 14.64 -7.54
CA GLY B 119 -25.14 16.02 -7.18
C GLY B 119 -25.53 16.25 -5.73
N ILE B 120 -25.92 17.48 -5.43
CA ILE B 120 -26.15 17.86 -4.04
C ILE B 120 -27.41 17.20 -3.54
N ILE B 121 -27.30 16.44 -2.45
CA ILE B 121 -28.45 15.87 -1.76
C ILE B 121 -28.55 16.52 -0.39
N GLY B 122 -29.76 16.88 0.02
CA GLY B 122 -29.92 17.51 1.31
C GLY B 122 -31.14 16.95 1.98
N ILE B 123 -30.95 16.22 3.09
CA ILE B 123 -32.03 15.58 3.83
C ILE B 123 -32.12 16.15 5.24
N ILE B 124 -33.29 15.95 5.84
CA ILE B 124 -33.53 16.33 7.22
C ILE B 124 -34.11 15.15 7.96
N ASP B 125 -33.50 14.81 9.10
CA ASP B 125 -33.94 13.72 9.96
C ASP B 125 -35.42 13.88 10.34
N PRO B 126 -36.17 12.77 10.40
CA PRO B 126 -37.62 12.87 10.69
C PRO B 126 -37.92 13.55 11.99
N GLU B 127 -37.05 13.38 12.98
CA GLU B 127 -37.19 14.06 14.26
C GLU B 127 -36.47 15.41 14.31
N CYS B 128 -36.18 15.97 13.13
CA CYS B 128 -35.45 17.23 12.95
C CYS B 128 -34.22 17.29 13.84
N ARG B 129 -33.50 16.17 14.02
CA ARG B 129 -32.31 16.22 14.87
C ARG B 129 -31.13 16.81 14.11
N MET B 130 -31.08 16.60 12.80
CA MET B 130 -29.93 17.03 12.03
C MET B 130 -30.36 17.27 10.60
N ILE B 131 -29.55 18.04 9.88
CA ILE B 131 -29.64 18.15 8.45
C ILE B 131 -28.47 17.36 7.87
N GLY B 132 -28.76 16.48 6.91
CA GLY B 132 -27.74 15.73 6.20
C GLY B 132 -27.46 16.33 4.83
N LEU B 133 -26.17 16.46 4.51
CA LEU B 133 -25.74 16.97 3.22
C LEU B 133 -24.75 16.00 2.61
N ARG B 134 -25.00 15.58 1.37
CA ARG B 134 -24.09 14.72 0.63
C ARG B 134 -23.61 15.56 -0.56
N LEU B 135 -22.52 16.29 -0.33
CA LEU B 135 -21.97 17.16 -1.35
C LEU B 135 -20.80 16.52 -2.07
N TYR B 136 -19.96 15.82 -1.35
CA TYR B 136 -18.74 15.32 -1.95
C TYR B 136 -18.65 13.80 -1.77
N ASP B 137 -18.14 13.12 -2.80
CA ASP B 137 -17.88 11.70 -2.72
C ASP B 137 -17.02 11.43 -1.49
N GLY B 138 -17.46 10.48 -0.66
CA GLY B 138 -16.70 10.02 0.50
C GLY B 138 -16.98 10.73 1.80
N LEU B 139 -17.76 11.80 1.81
CA LEU B 139 -18.03 12.55 3.03
C LEU B 139 -19.53 12.72 3.21
N PHE B 140 -19.91 13.23 4.40
CA PHE B 140 -21.32 13.47 4.73
C PHE B 140 -21.35 14.56 5.79
N LYS B 141 -21.81 15.76 5.41
CA LYS B 141 -21.87 16.86 6.36
C LYS B 141 -23.10 16.73 7.24
N VAL B 142 -22.97 17.19 8.48
CA VAL B 142 -23.98 17.01 9.50
C VAL B 142 -24.14 18.35 10.19
N ILE B 143 -25.24 19.04 9.92
CA ILE B 143 -25.60 20.27 10.60
C ILE B 143 -26.48 19.90 11.78
N PRO B 144 -25.96 19.86 13.03
CA PRO B 144 -26.81 19.57 14.17
C PRO B 144 -27.90 20.61 14.26
N LEU B 145 -29.13 20.15 14.48
CA LEU B 145 -30.27 21.09 14.66
C LEU B 145 -30.65 21.09 16.14
N ASP B 146 -30.06 20.18 16.92
CA ASP B 146 -30.42 20.03 18.37
C ASP B 146 -30.48 21.39 19.04
N ARG B 147 -29.76 22.38 18.52
CA ARG B 147 -29.72 23.71 19.18
C ARG B 147 -29.67 24.81 18.11
N ASP B 148 -29.62 26.07 18.54
CA ASP B 148 -29.66 27.20 17.57
C ASP B 148 -28.34 27.15 16.81
N ASN B 149 -28.30 26.46 15.67
CA ASN B 149 -27.06 26.43 14.85
C ASN B 149 -27.15 27.65 13.93
N LYS B 150 -27.30 28.83 14.51
CA LYS B 150 -27.48 30.08 13.70
C LYS B 150 -26.39 30.05 12.63
N GLU B 151 -25.16 29.65 12.95
CA GLU B 151 -24.12 29.63 11.92
C GLU B 151 -23.97 28.33 11.14
N LEU B 152 -24.87 27.37 11.37
CA LEU B 152 -24.85 26.09 10.65
C LEU B 152 -23.51 25.37 10.82
N LYS B 153 -22.94 25.46 12.03
CA LYS B 153 -21.81 24.63 12.39
C LYS B 153 -22.08 23.17 11.99
N ALA B 154 -21.16 22.56 11.24
CA ALA B 154 -21.37 21.20 10.74
C ALA B 154 -20.15 20.31 11.02
N PHE B 155 -20.34 19.00 10.84
CA PHE B 155 -19.23 18.09 10.91
C PHE B 155 -19.35 17.04 9.82
N ASN B 156 -18.19 16.55 9.35
CA ASN B 156 -18.07 15.73 8.15
C ASN B 156 -17.74 14.28 8.51
N ILE B 157 -18.74 13.42 8.59
CA ILE B 157 -18.49 12.00 8.82
C ILE B 157 -17.95 11.37 7.54
N ARG B 158 -16.83 10.66 7.66
CA ARG B 158 -16.28 9.90 6.56
C ARG B 158 -17.24 8.79 6.17
N LEU B 159 -17.22 8.41 4.89
CA LEU B 159 -18.11 7.39 4.34
C LEU B 159 -17.32 6.61 3.30
N GLU B 160 -17.28 5.27 3.44
CA GLU B 160 -16.37 4.49 2.58
C GLU B 160 -16.93 4.25 1.20
N GLU B 161 -18.25 4.14 1.09
CA GLU B 161 -18.92 4.01 -0.18
C GLU B 161 -18.84 5.34 -0.94
N LEU B 162 -18.12 5.36 -2.05
CA LEU B 162 -17.77 6.61 -2.72
C LEU B 162 -18.64 6.90 -3.95
N HIS B 163 -19.57 6.02 -4.29
CA HIS B 163 -20.57 6.31 -5.33
C HIS B 163 -21.93 5.94 -4.74
N VAL B 164 -22.49 6.85 -3.94
CA VAL B 164 -23.85 6.69 -3.45
C VAL B 164 -24.81 7.36 -4.43
N ILE B 165 -25.82 6.61 -4.86
CA ILE B 165 -26.80 7.14 -5.83
C ILE B 165 -27.79 8.09 -5.17
N ASP B 166 -28.57 7.59 -4.20
CA ASP B 166 -29.61 8.31 -3.48
C ASP B 166 -29.60 7.91 -2.01
N VAL B 167 -29.99 8.84 -1.13
CA VAL B 167 -29.89 8.62 0.32
C VAL B 167 -30.99 9.38 1.03
N LYS B 168 -31.71 8.70 1.93
CA LYS B 168 -32.74 9.35 2.73
C LYS B 168 -32.64 8.88 4.18
N PHE B 169 -33.04 9.75 5.12
CA PHE B 169 -33.21 9.29 6.49
C PHE B 169 -34.38 8.33 6.56
N LEU B 170 -34.30 7.35 7.45
CA LEU B 170 -35.36 6.36 7.60
C LEU B 170 -36.31 6.76 8.71
N TYR B 171 -37.53 6.24 8.63
CA TYR B 171 -38.50 6.54 9.67
C TYR B 171 -38.45 5.47 10.76
N GLY B 172 -39.05 5.80 11.90
CA GLY B 172 -39.40 4.80 12.90
C GLY B 172 -38.24 4.03 13.49
N CYS B 173 -37.14 4.72 13.75
CA CYS B 173 -35.95 4.05 14.23
C CYS B 173 -35.36 4.85 15.38
N GLN B 174 -34.64 4.16 16.26
CA GLN B 174 -34.31 4.74 17.56
C GLN B 174 -33.41 5.95 17.41
N ALA B 175 -32.20 5.75 16.82
CA ALA B 175 -31.17 6.73 16.52
C ALA B 175 -31.21 7.12 15.05
N PRO B 176 -30.84 8.36 14.72
CA PRO B 176 -30.92 8.81 13.33
C PRO B 176 -30.24 7.82 12.40
N THR B 177 -30.96 7.46 11.33
CA THR B 177 -30.52 6.43 10.42
C THR B 177 -30.69 6.87 8.98
N ILE B 178 -29.64 6.75 8.20
CA ILE B 178 -29.72 7.01 6.77
C ILE B 178 -29.75 5.67 6.05
N CYS B 179 -30.45 5.68 4.92
CA CYS B 179 -30.56 4.52 4.04
C CYS B 179 -30.11 4.94 2.66
N PHE B 180 -29.14 4.23 2.08
CA PHE B 180 -28.54 4.70 0.83
C PHE B 180 -28.27 3.55 -0.13
N VAL B 181 -28.34 3.88 -1.43
CA VAL B 181 -28.03 2.98 -2.54
C VAL B 181 -26.70 3.43 -3.12
N TYR B 182 -25.72 2.52 -3.15
CA TYR B 182 -24.38 2.80 -3.63
C TYR B 182 -23.95 1.76 -4.66
N GLN B 183 -22.94 2.11 -5.47
CA GLN B 183 -22.38 1.21 -6.48
C GLN B 183 -20.88 1.05 -6.24
N ASP B 184 -20.41 -0.19 -6.36
CA ASP B 184 -19.01 -0.52 -6.30
C ASP B 184 -18.77 -1.55 -7.40
N PRO B 185 -17.56 -2.07 -7.54
CA PRO B 185 -17.32 -3.07 -8.59
C PRO B 185 -18.39 -4.14 -8.69
N GLN B 186 -18.76 -4.76 -7.56
CA GLN B 186 -19.64 -5.93 -7.62
C GLN B 186 -21.12 -5.59 -7.78
N GLY B 187 -21.51 -4.33 -7.79
CA GLY B 187 -22.87 -4.02 -8.16
C GLY B 187 -23.37 -2.77 -7.45
N ARG B 188 -24.70 -2.73 -7.29
CA ARG B 188 -25.40 -1.70 -6.55
C ARG B 188 -26.06 -2.34 -5.32
N HIS B 189 -25.97 -1.65 -4.20
CA HIS B 189 -26.34 -2.27 -2.93
C HIS B 189 -26.99 -1.21 -2.06
N VAL B 190 -27.80 -1.66 -1.11
CA VAL B 190 -28.48 -0.77 -0.19
C VAL B 190 -27.94 -1.03 1.21
N LYS B 191 -27.55 0.03 1.90
CA LYS B 191 -27.02 -0.08 3.23
C LYS B 191 -27.64 1.00 4.11
N THR B 192 -27.63 0.76 5.42
CA THR B 192 -27.97 1.79 6.38
C THR B 192 -26.76 2.07 7.27
N TYR B 193 -26.81 3.23 7.94
CA TYR B 193 -25.91 3.59 9.03
C TYR B 193 -26.67 4.39 10.05
N GLU B 194 -26.21 4.37 11.29
CA GLU B 194 -26.74 5.28 12.29
C GLU B 194 -25.77 6.42 12.51
N VAL B 195 -26.31 7.59 12.78
CA VAL B 195 -25.53 8.81 12.87
C VAL B 195 -25.36 9.12 14.35
N SER B 196 -24.13 9.01 14.85
CA SER B 196 -23.85 9.35 16.24
C SER B 196 -23.28 10.76 16.28
N LEU B 197 -24.09 11.70 16.76
CA LEU B 197 -23.58 13.04 16.95
C LEU B 197 -22.64 13.07 18.15
N ARG B 198 -23.03 12.39 19.24
CA ARG B 198 -22.13 12.17 20.36
C ARG B 198 -20.73 11.85 19.85
N GLU B 199 -20.64 10.78 19.05
CA GLU B 199 -19.38 10.30 18.52
C GLU B 199 -18.97 10.92 17.18
N LYS B 200 -19.85 11.68 16.52
CA LYS B 200 -19.50 12.38 15.27
C LYS B 200 -18.93 11.42 14.23
N GLU B 201 -19.51 10.22 14.18
CA GLU B 201 -19.23 9.26 13.12
C GLU B 201 -20.40 8.29 13.05
N PHE B 202 -20.32 7.36 12.09
CA PHE B 202 -21.35 6.36 11.85
C PHE B 202 -21.15 5.14 12.74
N ASN B 203 -22.26 4.50 13.10
CA ASN B 203 -22.29 3.19 13.74
C ASN B 203 -23.08 2.25 12.85
N LYS B 204 -23.03 0.95 13.15
CA LYS B 204 -23.71 -0.02 12.29
C LYS B 204 -25.18 0.35 12.10
N GLY B 205 -25.78 -0.15 11.01
CA GLY B 205 -27.16 0.15 10.73
C GLY B 205 -28.10 -1.02 10.99
N PRO B 206 -29.43 -0.75 11.02
CA PRO B 206 -30.38 -1.85 11.26
C PRO B 206 -30.37 -2.97 10.22
N TRP B 207 -30.21 -2.67 8.92
CA TRP B 207 -30.31 -3.72 7.91
C TRP B 207 -29.53 -3.36 6.64
N LYS B 208 -29.30 -4.38 5.79
CA LYS B 208 -28.55 -4.23 4.56
C LYS B 208 -29.02 -5.26 3.55
N GLN B 209 -28.85 -4.97 2.26
CA GLN B 209 -29.12 -5.91 1.18
C GLN B 209 -28.06 -5.71 0.11
N GLU B 210 -27.32 -6.78 -0.18
CA GLU B 210 -26.07 -6.68 -0.91
C GLU B 210 -26.20 -7.00 -2.41
N ASN B 211 -27.40 -6.91 -2.98
CA ASN B 211 -27.43 -6.92 -4.45
C ASN B 211 -28.86 -6.58 -4.81
N VAL B 212 -29.09 -5.37 -5.31
CA VAL B 212 -30.43 -4.86 -5.57
C VAL B 212 -30.38 -4.59 -7.08
N GLU B 213 -31.51 -4.12 -7.64
CA GLU B 213 -31.64 -3.86 -9.08
C GLU B 213 -30.54 -3.01 -9.76
N ALA B 214 -29.93 -3.52 -10.83
CA ALA B 214 -28.76 -2.81 -11.36
C ALA B 214 -28.83 -1.30 -11.58
N GLU B 215 -30.00 -0.76 -11.83
CA GLU B 215 -30.21 0.66 -12.04
C GLU B 215 -31.16 1.22 -10.99
N ALA B 216 -31.02 0.76 -9.76
CA ALA B 216 -31.80 1.34 -8.68
C ALA B 216 -31.33 2.78 -8.45
N SER B 217 -32.28 3.68 -8.21
CA SER B 217 -31.94 5.10 -8.24
C SER B 217 -32.70 5.88 -7.19
N MET B 218 -33.94 5.50 -6.90
CA MET B 218 -34.79 6.18 -5.93
C MET B 218 -34.94 5.48 -4.58
N VAL B 219 -34.56 6.12 -3.49
CA VAL B 219 -34.84 5.59 -2.16
C VAL B 219 -35.95 6.41 -1.56
N ILE B 220 -37.06 5.75 -1.26
CA ILE B 220 -38.22 6.36 -0.61
C ILE B 220 -38.31 5.76 0.78
N ALA B 221 -38.34 6.61 1.80
CA ALA B 221 -38.42 6.17 3.21
C ALA B 221 -39.87 6.06 3.62
N VAL B 222 -40.35 4.84 3.83
CA VAL B 222 -41.75 4.69 4.21
C VAL B 222 -41.94 5.22 5.63
N PRO B 223 -43.02 5.96 5.90
CA PRO B 223 -43.20 6.54 7.23
C PRO B 223 -43.50 5.54 8.33
N GLU B 224 -43.77 6.10 9.50
CA GLU B 224 -43.81 5.32 10.74
C GLU B 224 -44.71 4.09 10.70
N PRO B 225 -45.90 4.09 10.07
CA PRO B 225 -46.77 2.90 10.13
C PRO B 225 -46.07 1.62 9.71
N PHE B 226 -45.55 1.58 8.48
CA PHE B 226 -44.74 0.43 8.08
C PHE B 226 -43.30 0.61 8.55
N GLY B 227 -42.62 1.67 8.09
CA GLY B 227 -41.20 1.84 8.34
C GLY B 227 -40.45 1.11 7.26
N GLY B 228 -39.25 1.56 6.88
CA GLY B 228 -38.50 0.91 5.81
C GLY B 228 -38.18 1.88 4.68
N ALA B 229 -37.96 1.30 3.48
CA ALA B 229 -37.60 2.08 2.30
C ALA B 229 -38.04 1.33 1.06
N ILE B 230 -38.54 2.09 0.08
CA ILE B 230 -38.90 1.57 -1.24
C ILE B 230 -37.79 1.95 -2.21
N ILE B 231 -37.10 0.94 -2.75
CA ILE B 231 -36.07 1.12 -3.77
C ILE B 231 -36.72 1.02 -5.15
N ILE B 232 -36.69 2.11 -5.92
CA ILE B 232 -37.23 2.11 -7.29
C ILE B 232 -36.08 2.02 -8.29
N GLY B 233 -36.29 1.24 -9.35
CA GLY B 233 -35.31 1.05 -10.40
C GLY B 233 -35.95 1.04 -11.77
N GLN B 234 -35.19 0.65 -12.80
CA GLN B 234 -35.70 0.67 -14.17
C GLN B 234 -36.92 -0.23 -14.33
N GLU B 235 -36.85 -1.44 -13.77
CA GLU B 235 -37.88 -2.43 -13.99
C GLU B 235 -38.54 -2.95 -12.73
N SER B 236 -37.99 -2.66 -11.56
CA SER B 236 -38.51 -3.22 -10.32
C SER B 236 -38.75 -2.14 -9.30
N ILE B 237 -39.78 -2.34 -8.47
CA ILE B 237 -40.07 -1.48 -7.33
C ILE B 237 -39.99 -2.35 -6.08
N THR B 238 -38.88 -2.27 -5.36
CA THR B 238 -38.67 -3.17 -4.23
C THR B 238 -38.79 -2.43 -2.89
N TYR B 239 -39.20 -3.18 -1.87
CA TYR B 239 -39.35 -2.69 -0.51
C TYR B 239 -38.45 -3.51 0.42
N HIS B 240 -37.75 -2.83 1.32
CA HIS B 240 -36.79 -3.44 2.24
C HIS B 240 -37.07 -2.92 3.64
N ASN B 241 -37.16 -3.83 4.61
CA ASN B 241 -37.19 -3.41 6.01
C ASN B 241 -36.73 -4.61 6.82
N GLY B 242 -35.62 -4.46 7.55
CA GLY B 242 -35.10 -5.57 8.31
C GLY B 242 -35.21 -6.88 7.57
N ASP B 243 -36.23 -7.68 7.87
CA ASP B 243 -36.39 -8.99 7.25
C ASP B 243 -37.48 -9.01 6.18
N LYS B 244 -38.36 -8.01 6.12
CA LYS B 244 -39.32 -7.95 5.04
C LYS B 244 -38.64 -7.57 3.73
N TYR B 245 -39.00 -8.28 2.65
CA TYR B 245 -38.49 -8.00 1.31
C TYR B 245 -39.62 -8.33 0.35
N LEU B 246 -40.33 -7.31 -0.11
CA LEU B 246 -41.40 -7.49 -1.08
C LEU B 246 -40.98 -6.76 -2.35
N ALA B 247 -40.88 -7.51 -3.47
CA ALA B 247 -40.42 -6.98 -4.75
C ALA B 247 -41.43 -7.29 -5.86
N ILE B 248 -41.76 -6.27 -6.67
CA ILE B 248 -42.63 -6.40 -7.83
C ILE B 248 -41.92 -5.87 -9.07
N ALA B 249 -42.38 -6.33 -10.24
CA ALA B 249 -41.97 -5.80 -11.55
C ALA B 249 -43.21 -5.46 -12.37
N PRO B 250 -43.77 -4.28 -12.14
CA PRO B 250 -44.96 -3.85 -12.89
C PRO B 250 -44.63 -3.70 -14.35
N PRO B 251 -45.37 -4.37 -15.22
CA PRO B 251 -45.20 -4.17 -16.66
C PRO B 251 -45.40 -2.73 -17.07
N ILE B 252 -46.34 -2.06 -16.41
CA ILE B 252 -46.72 -0.73 -16.83
C ILE B 252 -45.55 0.24 -16.70
N ILE B 253 -44.67 0.01 -15.73
CA ILE B 253 -43.59 0.97 -15.51
C ILE B 253 -42.40 0.78 -16.45
N LYS B 254 -42.37 -0.31 -17.21
CA LYS B 254 -41.18 -0.57 -18.02
C LYS B 254 -41.24 0.11 -19.37
N GLN B 255 -42.06 1.14 -19.53
CA GLN B 255 -42.10 1.94 -20.75
C GLN B 255 -41.24 3.20 -20.67
N SER B 256 -41.05 3.74 -19.48
CA SER B 256 -40.25 4.94 -19.25
C SER B 256 -39.78 4.90 -17.80
N THR B 257 -38.80 5.74 -17.49
CA THR B 257 -38.10 5.68 -16.22
C THR B 257 -38.75 6.60 -15.18
N ILE B 258 -38.85 6.09 -13.95
CA ILE B 258 -39.45 6.85 -12.85
C ILE B 258 -38.40 7.81 -12.30
N VAL B 259 -38.80 9.08 -12.16
CA VAL B 259 -37.92 10.14 -11.68
C VAL B 259 -38.54 11.01 -10.60
N CYS B 260 -39.86 10.94 -10.39
CA CYS B 260 -40.56 11.71 -9.38
C CYS B 260 -41.21 10.78 -8.37
N HIS B 261 -41.38 11.30 -7.16
CA HIS B 261 -42.30 10.66 -6.24
C HIS B 261 -42.75 11.72 -5.25
N ASN B 262 -44.01 11.66 -4.84
CA ASN B 262 -44.51 12.44 -3.73
C ASN B 262 -45.31 11.52 -2.83
N ARG B 263 -45.25 11.76 -1.52
CA ARG B 263 -46.05 10.98 -0.58
C ARG B 263 -47.42 11.63 -0.45
N VAL B 264 -48.46 10.84 -0.69
CA VAL B 264 -49.82 11.37 -0.60
C VAL B 264 -50.46 11.42 0.77
N ASP B 265 -50.50 10.27 1.46
CA ASP B 265 -51.13 10.20 2.78
C ASP B 265 -49.97 10.25 3.76
N PRO B 266 -50.11 11.01 4.85
CA PRO B 266 -49.02 11.09 5.84
C PRO B 266 -48.57 9.73 6.36
N ASN B 267 -49.43 8.71 6.35
CA ASN B 267 -49.00 7.38 6.78
C ASN B 267 -48.16 6.67 5.72
N GLY B 268 -48.17 7.14 4.48
CA GLY B 268 -47.27 6.62 3.47
C GLY B 268 -47.63 5.29 2.83
N SER B 269 -48.91 5.09 2.49
CA SER B 269 -49.36 3.91 1.75
C SER B 269 -49.85 4.26 0.36
N ARG B 270 -49.77 5.54 -0.04
CA ARG B 270 -49.98 5.98 -1.42
C ARG B 270 -48.90 6.99 -1.80
N TYR B 271 -48.13 6.66 -2.83
CA TYR B 271 -47.06 7.48 -3.38
C TYR B 271 -47.38 7.78 -4.85
N LEU B 272 -47.29 9.04 -5.26
CA LEU B 272 -47.38 9.37 -6.69
C LEU B 272 -46.02 9.15 -7.34
N LEU B 273 -46.04 8.64 -8.56
CA LEU B 273 -44.79 8.41 -9.28
C LEU B 273 -44.91 8.98 -10.69
N GLY B 274 -43.84 9.62 -11.16
CA GLY B 274 -43.80 10.15 -12.51
C GLY B 274 -42.57 9.73 -13.27
N ASP B 275 -42.73 9.49 -14.57
CA ASP B 275 -41.62 9.13 -15.44
C ASP B 275 -41.21 10.30 -16.32
N MET B 276 -40.39 10.01 -17.33
CA MET B 276 -39.89 11.06 -18.19
C MET B 276 -40.74 11.27 -19.40
N GLU B 277 -41.87 10.58 -19.51
CA GLU B 277 -42.78 10.78 -20.62
C GLU B 277 -44.16 11.25 -20.16
N GLY B 278 -44.24 11.83 -18.96
CA GLY B 278 -45.49 12.38 -18.47
C GLY B 278 -46.50 11.38 -17.96
N ARG B 279 -46.14 10.10 -17.89
CA ARG B 279 -47.00 9.16 -17.20
C ARG B 279 -47.01 9.45 -15.70
N LEU B 280 -48.21 9.40 -15.11
CA LEU B 280 -48.44 9.64 -13.70
C LEU B 280 -48.92 8.34 -13.06
N PHE B 281 -48.14 7.82 -12.13
CA PHE B 281 -48.45 6.54 -11.50
C PHE B 281 -48.81 6.74 -10.03
N MET B 282 -49.62 5.81 -9.53
CA MET B 282 -49.90 5.67 -8.10
C MET B 282 -49.43 4.30 -7.63
N LEU B 283 -48.59 4.28 -6.58
CA LEU B 283 -48.13 3.06 -5.93
C LEU B 283 -48.83 2.95 -4.58
N LEU B 284 -49.56 1.84 -4.36
CA LEU B 284 -50.37 1.66 -3.17
C LEU B 284 -49.73 0.58 -2.30
N LEU B 285 -49.40 0.93 -1.06
CA LEU B 285 -48.86 -0.04 -0.11
C LEU B 285 -50.03 -0.78 0.53
N GLU B 286 -50.27 -2.01 0.08
CA GLU B 286 -51.36 -2.82 0.62
C GLU B 286 -50.99 -3.30 2.02
N LYS B 287 -51.73 -2.84 3.02
CA LYS B 287 -51.39 -3.05 4.42
C LYS B 287 -52.18 -4.20 5.00
N GLU B 288 -51.64 -4.78 6.07
CA GLU B 288 -52.20 -5.95 6.74
C GLU B 288 -52.38 -5.60 8.22
N GLU B 289 -53.63 -5.37 8.64
CA GLU B 289 -53.97 -4.99 10.03
C GLU B 289 -54.09 -6.22 10.91
N GLN B 290 -53.00 -6.59 11.58
CA GLN B 290 -52.94 -7.79 12.40
C GLN B 290 -53.50 -7.53 13.79
N MET B 291 -53.92 -8.63 14.44
CA MET B 291 -54.65 -8.49 15.71
C MET B 291 -53.76 -8.01 16.84
N ASP B 292 -52.46 -8.39 16.82
CA ASP B 292 -51.47 -8.06 17.85
C ASP B 292 -51.34 -6.57 18.02
N GLY B 293 -51.91 -5.84 17.05
CA GLY B 293 -51.81 -4.41 16.93
C GLY B 293 -50.85 -3.94 15.86
N THR B 294 -49.93 -4.81 15.42
CA THR B 294 -48.93 -4.47 14.41
C THR B 294 -49.54 -4.58 13.01
N VAL B 295 -48.79 -4.09 12.03
CA VAL B 295 -49.21 -4.13 10.64
C VAL B 295 -48.03 -4.60 9.81
N THR B 296 -48.30 -5.39 8.78
CA THR B 296 -47.30 -5.86 7.84
C THR B 296 -47.67 -5.37 6.45
N LEU B 297 -46.68 -5.37 5.55
CA LEU B 297 -46.88 -4.93 4.17
C LEU B 297 -47.29 -6.13 3.32
N LYS B 298 -48.58 -6.20 2.98
CA LYS B 298 -49.07 -7.36 2.24
C LYS B 298 -48.51 -7.39 0.82
N ASP B 299 -48.77 -6.33 0.04
CA ASP B 299 -48.42 -6.30 -1.38
C ASP B 299 -48.11 -4.87 -1.80
N LEU B 300 -47.38 -4.75 -2.91
CA LEU B 300 -47.19 -3.48 -3.62
C LEU B 300 -47.92 -3.54 -4.95
N ARG B 301 -48.79 -2.57 -5.19
CA ARG B 301 -49.47 -2.43 -6.47
C ARG B 301 -49.15 -1.09 -7.13
N VAL B 302 -49.24 -1.07 -8.45
CA VAL B 302 -48.97 0.12 -9.25
C VAL B 302 -50.11 0.35 -10.23
N GLU B 303 -50.63 1.57 -10.27
CA GLU B 303 -51.76 1.91 -11.13
C GLU B 303 -51.43 3.12 -11.99
N LEU B 304 -51.79 3.05 -13.27
CA LEU B 304 -51.56 4.17 -14.18
C LEU B 304 -52.73 5.12 -14.08
N LEU B 305 -52.45 6.38 -13.73
CA LEU B 305 -53.50 7.36 -13.51
C LEU B 305 -53.76 8.25 -14.73
N GLY B 306 -52.73 8.63 -15.47
CA GLY B 306 -52.95 9.53 -16.58
C GLY B 306 -51.64 10.08 -17.11
N GLU B 307 -51.73 11.19 -17.84
CA GLU B 307 -50.56 11.80 -18.43
C GLU B 307 -50.62 13.31 -18.25
N THR B 308 -49.46 13.89 -17.91
CA THR B 308 -49.33 15.30 -17.57
C THR B 308 -48.09 15.87 -18.25
N SER B 309 -47.75 17.13 -17.97
CA SER B 309 -46.49 17.67 -18.44
C SER B 309 -45.35 16.82 -17.91
N ILE B 310 -44.28 16.71 -18.70
CA ILE B 310 -43.13 15.96 -18.23
C ILE B 310 -42.70 16.53 -16.89
N ALA B 311 -42.81 15.72 -15.84
CA ALA B 311 -42.73 16.20 -14.45
C ALA B 311 -41.29 16.24 -13.96
N GLU B 312 -40.90 17.37 -13.40
CA GLU B 312 -39.63 17.43 -12.69
C GLU B 312 -39.81 17.15 -11.22
N CYS B 313 -40.95 17.58 -10.67
CA CYS B 313 -41.30 17.35 -9.28
C CYS B 313 -42.83 17.27 -9.17
N LEU B 314 -43.29 16.53 -8.15
CA LEU B 314 -44.72 16.28 -7.92
C LEU B 314 -45.03 16.53 -6.47
N THR B 315 -46.15 17.17 -6.21
CA THR B 315 -46.68 17.19 -4.85
C THR B 315 -48.19 17.08 -4.93
N TYR B 316 -48.75 16.20 -4.12
CA TYR B 316 -50.19 16.25 -3.85
C TYR B 316 -50.47 17.46 -2.98
N LEU B 317 -51.63 18.07 -3.17
CA LEU B 317 -52.09 19.20 -2.36
C LEU B 317 -53.25 18.77 -1.46
N ASP B 318 -54.42 18.53 -2.02
CA ASP B 318 -55.61 18.15 -1.25
C ASP B 318 -56.75 18.01 -2.24
N ASN B 319 -57.81 17.34 -1.82
CA ASN B 319 -59.03 17.25 -2.64
C ASN B 319 -58.71 16.77 -4.05
N GLY B 320 -57.69 15.93 -4.17
CA GLY B 320 -57.30 15.35 -5.45
C GLY B 320 -56.58 16.25 -6.41
N VAL B 321 -56.08 17.39 -5.95
CA VAL B 321 -55.31 18.29 -6.81
C VAL B 321 -53.83 17.96 -6.65
N VAL B 322 -53.17 17.71 -7.78
CA VAL B 322 -51.74 17.50 -7.83
C VAL B 322 -51.10 18.67 -8.56
N PHE B 323 -50.07 19.26 -7.96
CA PHE B 323 -49.21 20.19 -8.68
C PHE B 323 -48.18 19.42 -9.48
N VAL B 324 -47.94 19.85 -10.70
CA VAL B 324 -46.91 19.27 -11.52
C VAL B 324 -45.92 20.39 -11.83
N GLY B 325 -44.70 20.26 -11.31
CA GLY B 325 -43.62 21.13 -11.70
C GLY B 325 -42.97 20.58 -12.94
N SER B 326 -42.80 21.44 -13.95
CA SER B 326 -42.25 20.98 -15.22
C SER B 326 -41.13 21.93 -15.64
N ARG B 327 -40.13 21.36 -16.33
CA ARG B 327 -39.08 22.15 -16.95
C ARG B 327 -39.08 22.04 -18.47
N LEU B 328 -39.58 20.94 -19.02
CA LEU B 328 -39.65 20.86 -20.46
C LEU B 328 -40.91 21.52 -21.00
N GLY B 329 -41.95 21.64 -20.19
CA GLY B 329 -43.21 22.20 -20.63
C GLY B 329 -43.87 23.03 -19.55
N ASP B 330 -45.18 23.24 -19.67
CA ASP B 330 -45.88 24.04 -18.68
C ASP B 330 -46.11 23.23 -17.41
N SER B 331 -46.01 23.91 -16.26
CA SER B 331 -46.51 23.37 -15.01
C SER B 331 -48.03 23.50 -14.97
N GLN B 332 -48.66 22.69 -14.12
CA GLN B 332 -50.11 22.57 -14.18
C GLN B 332 -50.62 22.05 -12.84
N LEU B 333 -51.88 22.38 -12.55
CA LEU B 333 -52.70 21.69 -11.55
C LEU B 333 -53.55 20.67 -12.29
N VAL B 334 -53.58 19.44 -11.78
CA VAL B 334 -54.40 18.40 -12.38
C VAL B 334 -55.28 17.83 -11.29
N LYS B 335 -56.54 17.54 -11.61
CA LYS B 335 -57.46 16.92 -10.66
C LYS B 335 -57.50 15.42 -10.93
N LEU B 336 -57.36 14.63 -9.87
CA LEU B 336 -57.44 13.18 -9.97
C LEU B 336 -58.85 12.76 -9.59
N ASN B 337 -59.57 12.16 -10.54
CA ASN B 337 -60.96 11.80 -10.31
C ASN B 337 -61.06 10.42 -9.68
N VAL B 338 -62.27 10.11 -9.19
CA VAL B 338 -62.52 8.84 -8.51
C VAL B 338 -62.61 7.72 -9.53
N ASP B 339 -63.35 7.94 -10.62
CA ASP B 339 -63.40 7.04 -11.75
C ASP B 339 -62.40 7.47 -12.82
N SER B 340 -62.23 6.61 -13.82
CA SER B 340 -61.39 6.93 -14.97
C SER B 340 -62.23 7.63 -16.05
N ASN B 341 -61.64 7.90 -17.22
CA ASN B 341 -62.33 8.55 -18.33
C ASN B 341 -62.52 7.56 -19.46
N GLU B 342 -62.94 8.08 -20.63
CA GLU B 342 -63.16 7.24 -21.81
C GLU B 342 -61.95 6.36 -22.11
N GLN B 343 -60.77 6.98 -22.29
CA GLN B 343 -59.53 6.22 -22.41
C GLN B 343 -59.18 5.51 -21.11
N GLY B 344 -58.94 6.27 -20.03
CA GLY B 344 -58.72 5.69 -18.72
C GLY B 344 -57.95 6.58 -17.76
N SER B 345 -57.85 7.86 -18.11
CA SER B 345 -57.08 8.81 -17.32
C SER B 345 -57.94 9.35 -16.19
N TYR B 346 -57.61 8.97 -14.96
CA TYR B 346 -58.14 9.63 -13.79
C TYR B 346 -57.78 11.11 -13.80
N VAL B 347 -56.87 11.52 -14.65
CA VAL B 347 -56.35 12.86 -14.62
C VAL B 347 -57.16 13.82 -15.49
N VAL B 348 -57.31 15.06 -15.02
CA VAL B 348 -57.89 16.10 -15.86
C VAL B 348 -57.17 17.39 -15.52
N ALA B 349 -56.65 18.07 -16.54
CA ALA B 349 -55.89 19.28 -16.27
C ALA B 349 -56.86 20.37 -15.81
N MET B 350 -56.64 20.90 -14.60
CA MET B 350 -57.55 21.90 -14.07
C MET B 350 -56.94 23.30 -14.04
N GLU B 351 -55.66 23.45 -14.39
CA GLU B 351 -54.99 24.74 -14.57
C GLU B 351 -53.71 24.48 -15.34
N THR B 352 -53.06 25.55 -15.76
CA THR B 352 -51.72 25.46 -16.33
C THR B 352 -50.96 26.74 -16.00
N PHE B 353 -49.63 26.64 -16.06
CA PHE B 353 -48.75 27.77 -15.78
C PHE B 353 -47.67 27.88 -16.86
N THR B 354 -47.48 29.08 -17.38
CA THR B 354 -46.60 29.24 -18.53
C THR B 354 -45.16 28.95 -18.16
N ASN B 355 -44.50 28.19 -19.02
CA ASN B 355 -43.07 27.94 -18.92
C ASN B 355 -42.49 28.11 -20.31
N LEU B 356 -41.62 29.11 -20.50
CA LEU B 356 -40.96 29.30 -21.79
C LEU B 356 -39.69 28.49 -21.94
N GLY B 357 -39.29 27.75 -20.91
CA GLY B 357 -38.10 26.93 -20.98
C GLY B 357 -38.35 25.51 -21.47
N PRO B 358 -37.29 24.89 -22.05
CA PRO B 358 -36.05 25.56 -22.46
C PRO B 358 -36.28 26.43 -23.70
N ILE B 359 -35.60 27.58 -23.75
CA ILE B 359 -35.59 28.44 -24.93
C ILE B 359 -34.39 28.02 -25.77
N VAL B 360 -34.64 27.22 -26.82
CA VAL B 360 -33.54 26.71 -27.63
C VAL B 360 -33.14 27.69 -28.72
N ASP B 361 -34.12 28.30 -29.40
CA ASP B 361 -33.89 29.35 -30.39
C ASP B 361 -34.98 30.42 -30.25
N MET B 362 -34.66 31.64 -30.71
CA MET B 362 -35.64 32.72 -30.73
C MET B 362 -35.30 33.68 -31.88
N CYS B 363 -36.25 34.58 -32.18
CA CYS B 363 -36.04 35.64 -33.15
C CYS B 363 -36.98 36.76 -32.79
N VAL B 364 -36.59 37.98 -33.17
CA VAL B 364 -37.38 39.17 -32.87
C VAL B 364 -38.01 39.66 -34.16
N VAL B 365 -39.27 40.09 -34.09
CA VAL B 365 -40.06 40.32 -35.29
C VAL B 365 -41.19 41.27 -34.97
N ASP B 366 -41.42 42.23 -35.87
CA ASP B 366 -42.49 43.21 -35.76
C ASP B 366 -43.67 42.73 -36.61
N LEU B 367 -44.54 41.91 -36.00
CA LEU B 367 -45.70 41.35 -36.70
C LEU B 367 -46.77 42.38 -36.99
N GLU B 368 -46.87 43.43 -36.19
CA GLU B 368 -47.94 44.40 -36.39
C GLU B 368 -47.47 45.66 -37.09
N ARG B 369 -46.22 45.67 -37.55
CA ARG B 369 -45.67 46.83 -38.26
C ARG B 369 -45.89 48.10 -37.44
N GLN B 370 -45.65 47.98 -36.13
CA GLN B 370 -45.87 49.06 -35.17
C GLN B 370 -44.60 49.68 -34.64
N GLY B 371 -43.44 49.10 -34.94
CA GLY B 371 -42.21 49.59 -34.39
C GLY B 371 -41.96 49.13 -32.98
N GLN B 372 -42.67 48.10 -32.54
CA GLN B 372 -42.45 47.55 -31.21
C GLN B 372 -41.50 46.37 -31.30
N GLY B 373 -42.02 45.23 -31.75
CA GLY B 373 -41.21 44.02 -31.79
C GLY B 373 -41.59 42.95 -30.77
N GLN B 374 -42.16 41.85 -31.27
CA GLN B 374 -42.47 40.63 -30.53
C GLN B 374 -41.33 39.63 -30.63
N LEU B 375 -41.28 38.69 -29.68
CA LEU B 375 -40.25 37.67 -29.66
C LEU B 375 -40.90 36.30 -29.83
N VAL B 376 -40.44 35.52 -30.82
CA VAL B 376 -40.95 34.18 -31.06
C VAL B 376 -39.87 33.17 -30.70
N THR B 377 -40.21 32.22 -29.83
CA THR B 377 -39.24 31.28 -29.26
C THR B 377 -39.53 29.85 -29.67
N CYS B 378 -38.47 29.09 -29.99
CA CYS B 378 -38.55 27.63 -29.94
C CYS B 378 -38.51 27.22 -28.48
N SER B 379 -39.61 26.67 -27.96
CA SER B 379 -39.68 26.43 -26.53
C SER B 379 -40.00 24.97 -26.22
N GLY B 380 -39.35 24.47 -25.14
CA GLY B 380 -39.61 23.13 -24.63
C GLY B 380 -39.08 22.02 -25.51
N ALA B 381 -39.47 20.79 -25.17
CA ALA B 381 -39.02 19.61 -25.90
C ALA B 381 -40.10 18.54 -25.88
N PHE B 382 -40.04 17.67 -26.88
CA PHE B 382 -40.89 16.46 -26.95
C PHE B 382 -42.35 16.93 -26.99
N LYS B 383 -43.22 16.30 -26.20
CA LYS B 383 -44.63 16.64 -26.32
C LYS B 383 -44.89 18.07 -25.85
N GLU B 384 -44.01 18.63 -25.03
CA GLU B 384 -44.23 20.00 -24.58
C GLU B 384 -43.72 21.04 -25.57
N GLY B 385 -43.01 20.64 -26.63
CA GLY B 385 -42.47 21.62 -27.58
C GLY B 385 -43.50 22.61 -28.11
N SER B 386 -43.10 23.86 -28.37
CA SER B 386 -44.04 24.90 -28.75
C SER B 386 -43.30 26.08 -29.34
N LEU B 387 -44.07 26.97 -29.96
CA LEU B 387 -43.67 28.34 -30.19
C LEU B 387 -44.30 29.20 -29.12
N ARG B 388 -43.53 30.07 -28.49
CA ARG B 388 -44.12 31.11 -27.66
C ARG B 388 -43.96 32.46 -28.35
N ILE B 389 -45.01 33.30 -28.32
CA ILE B 389 -44.94 34.65 -28.87
C ILE B 389 -45.08 35.65 -27.71
N ILE B 390 -44.04 36.44 -27.47
CA ILE B 390 -43.93 37.30 -26.30
C ILE B 390 -43.91 38.75 -26.76
N ARG B 391 -44.95 39.53 -26.38
CA ARG B 391 -45.07 40.97 -26.61
C ARG B 391 -45.25 41.70 -25.28
N ASN B 392 -44.77 42.95 -25.23
CA ASN B 392 -44.99 43.81 -24.06
C ASN B 392 -46.47 44.22 -23.94
N LEU B 406 -45.49 40.87 -19.46
CA LEU B 406 -45.71 40.84 -20.92
C LEU B 406 -46.72 39.74 -21.30
N HIS B 407 -47.45 39.92 -22.41
CA HIS B 407 -48.43 38.93 -22.88
C HIS B 407 -47.75 37.82 -23.70
N ILE B 408 -48.23 36.58 -23.54
CA ILE B 408 -47.63 35.39 -24.15
C ILE B 408 -48.70 34.54 -24.82
N ARG B 409 -48.46 34.20 -26.08
CA ARG B 409 -49.30 33.29 -26.84
C ARG B 409 -48.48 32.04 -27.12
N THR B 410 -48.97 30.89 -26.68
CA THR B 410 -48.25 29.62 -26.86
C THR B 410 -48.84 28.84 -28.02
N VAL B 411 -47.99 28.45 -28.96
CA VAL B 411 -48.39 27.54 -30.02
C VAL B 411 -47.91 26.14 -29.70
N PRO B 412 -48.78 25.24 -29.24
CA PRO B 412 -48.34 23.87 -28.94
C PRO B 412 -47.93 23.17 -30.22
N LEU B 413 -46.76 22.52 -30.18
CA LEU B 413 -46.26 21.80 -31.34
C LEU B 413 -46.23 20.29 -31.19
N TYR B 414 -46.20 19.75 -29.96
CA TYR B 414 -46.14 18.30 -29.71
C TYR B 414 -44.94 17.65 -30.38
N GLU B 415 -43.91 18.43 -30.69
CA GLU B 415 -42.57 17.97 -31.08
C GLU B 415 -41.60 19.11 -30.81
N SER B 416 -40.31 18.82 -30.94
CA SER B 416 -39.28 19.74 -30.46
C SER B 416 -38.95 20.77 -31.54
N PRO B 417 -39.23 22.06 -31.32
CA PRO B 417 -38.70 23.07 -32.23
C PRO B 417 -37.23 23.26 -31.95
N ARG B 418 -36.43 23.37 -33.00
CA ARG B 418 -34.99 23.57 -32.81
C ARG B 418 -34.50 24.90 -33.37
N LYS B 419 -34.88 25.29 -34.59
CA LYS B 419 -34.45 26.59 -35.08
C LYS B 419 -35.63 27.33 -35.70
N ILE B 420 -35.62 28.66 -35.61
CA ILE B 420 -36.72 29.46 -36.14
C ILE B 420 -36.20 30.71 -36.84
N CYS B 421 -36.90 31.10 -37.90
CA CYS B 421 -36.53 32.29 -38.64
C CYS B 421 -37.78 32.85 -39.28
N TYR B 422 -37.78 34.16 -39.48
CA TYR B 422 -38.94 34.85 -40.02
C TYR B 422 -38.69 35.21 -41.49
N GLN B 423 -39.58 34.81 -42.38
CA GLN B 423 -39.52 35.21 -43.79
C GLN B 423 -40.66 36.19 -44.03
N GLU B 424 -40.31 37.48 -43.93
CA GLU B 424 -41.33 38.51 -43.96
C GLU B 424 -42.02 38.58 -45.32
N VAL B 425 -41.29 38.27 -46.37
CA VAL B 425 -41.86 38.38 -47.71
C VAL B 425 -43.13 37.55 -47.83
N SER B 426 -43.11 36.33 -47.29
CA SER B 426 -44.24 35.41 -47.37
C SER B 426 -45.05 35.33 -46.09
N GLN B 427 -44.78 36.21 -45.13
CA GLN B 427 -45.59 36.36 -43.92
C GLN B 427 -45.68 35.05 -43.15
N CYS B 428 -44.55 34.36 -43.01
CA CYS B 428 -44.54 33.08 -42.30
C CYS B 428 -43.21 32.85 -41.59
N PHE B 429 -43.20 31.84 -40.73
CA PHE B 429 -41.99 31.42 -40.03
C PHE B 429 -41.50 30.07 -40.54
N GLY B 430 -40.18 29.96 -40.68
CA GLY B 430 -39.55 28.66 -40.87
C GLY B 430 -39.05 28.06 -39.56
N VAL B 431 -39.48 26.84 -39.27
CA VAL B 431 -39.01 26.16 -38.06
C VAL B 431 -38.46 24.79 -38.43
N LEU B 432 -37.29 24.48 -37.89
CA LEU B 432 -36.73 23.14 -37.98
C LEU B 432 -37.14 22.40 -36.71
N SER B 433 -37.75 21.23 -36.88
CA SER B 433 -38.35 20.49 -35.76
C SER B 433 -38.00 19.01 -35.86
N SER B 434 -37.90 18.35 -34.70
CA SER B 434 -37.69 16.91 -34.66
C SER B 434 -38.88 16.23 -33.97
N ARG B 435 -39.18 15.02 -34.45
CA ARG B 435 -40.22 14.16 -33.91
C ARG B 435 -39.58 12.83 -33.58
N ILE B 436 -39.88 12.29 -32.39
CA ILE B 436 -39.47 10.94 -32.05
C ILE B 436 -40.46 9.96 -32.65
N GLU B 437 -39.96 9.00 -33.40
CA GLU B 437 -40.74 7.82 -33.76
C GLU B 437 -39.97 6.56 -33.34
N VAL B 438 -40.66 5.41 -33.35
CA VAL B 438 -40.16 4.15 -32.77
C VAL B 438 -40.36 3.02 -33.78
N GLN B 439 -39.32 2.20 -34.00
CA GLN B 439 -39.38 1.14 -35.01
C GLN B 439 -40.57 0.21 -34.79
N ASP B 440 -41.38 0.01 -35.83
CA ASP B 440 -42.64 -0.71 -35.71
C ASP B 440 -42.53 -2.14 -36.20
N THR B 441 -43.43 -2.99 -35.67
CA THR B 441 -43.56 -4.40 -36.03
C THR B 441 -44.05 -4.60 -37.46
N SER B 442 -44.50 -3.56 -38.12
CA SER B 442 -44.76 -3.68 -39.56
C SER B 442 -43.47 -3.57 -40.38
N GLY B 443 -42.34 -3.25 -39.76
CA GLY B 443 -41.11 -3.09 -40.50
C GLY B 443 -40.77 -1.66 -40.88
N GLY B 444 -41.33 -0.68 -40.16
CA GLY B 444 -40.99 0.72 -40.36
C GLY B 444 -40.82 1.45 -39.04
N THR B 445 -41.42 2.65 -38.95
CA THR B 445 -41.47 3.40 -37.71
C THR B 445 -42.83 4.04 -37.56
N THR B 446 -43.29 4.08 -36.32
CA THR B 446 -44.56 4.64 -35.93
C THR B 446 -44.32 5.93 -35.17
N ALA B 447 -45.16 6.93 -35.40
CA ALA B 447 -45.07 8.12 -34.57
C ALA B 447 -45.73 7.86 -33.22
N LEU B 448 -45.31 8.61 -32.20
CA LEU B 448 -45.90 8.36 -30.90
C LEU B 448 -47.20 9.11 -30.69
N ARG B 449 -47.48 10.10 -31.50
CA ARG B 449 -48.69 10.90 -31.39
C ARG B 449 -48.74 11.86 -32.56
N PRO B 450 -49.92 12.35 -32.91
CA PRO B 450 -50.02 13.39 -33.94
C PRO B 450 -49.24 14.63 -33.51
N SER B 451 -48.86 15.45 -34.48
CA SER B 451 -48.08 16.63 -34.12
C SER B 451 -47.76 17.42 -35.39
N ALA B 452 -47.04 18.53 -35.25
CA ALA B 452 -46.84 19.45 -36.35
C ALA B 452 -46.56 18.85 -37.75
N SER B 453 -45.49 18.06 -37.88
CA SER B 453 -45.18 17.38 -39.13
C SER B 453 -46.36 16.45 -39.47
N THR B 454 -46.78 15.61 -38.51
CA THR B 454 -47.90 14.70 -38.71
C THR B 454 -49.11 15.37 -39.29
N GLN B 455 -49.54 16.46 -38.68
CA GLN B 455 -50.78 17.06 -39.11
C GLN B 455 -50.54 18.45 -39.69
N ALA B 456 -49.84 18.55 -40.82
CA ALA B 456 -49.74 19.81 -41.52
C ALA B 456 -50.54 19.73 -42.80
N LEU B 457 -51.21 20.84 -43.17
CA LEU B 457 -52.06 20.85 -44.36
C LEU B 457 -51.35 20.15 -45.52
N SER B 458 -50.20 20.67 -45.93
CA SER B 458 -49.41 20.05 -46.97
C SER B 458 -48.09 19.55 -46.39
N SER B 459 -47.57 18.48 -46.99
CA SER B 459 -46.33 17.86 -46.57
C SER B 459 -45.50 17.58 -47.81
N SER B 460 -44.20 17.35 -47.62
CA SER B 460 -43.32 16.92 -48.69
C SER B 460 -42.17 16.12 -48.08
N VAL B 461 -41.54 15.29 -48.92
CA VAL B 461 -40.46 14.41 -48.48
C VAL B 461 -39.29 14.53 -49.46
N SER B 462 -38.09 14.82 -48.93
CA SER B 462 -36.94 15.06 -49.79
C SER B 462 -36.67 13.85 -50.67
N SER B 463 -36.13 14.13 -51.84
CA SER B 463 -35.91 13.13 -52.87
C SER B 463 -34.56 13.44 -53.50
N SER B 464 -33.50 12.97 -52.84
CA SER B 464 -32.15 13.40 -53.20
C SER B 464 -31.35 12.34 -53.93
N LYS B 465 -31.33 11.11 -53.43
CA LYS B 465 -30.50 10.05 -53.99
C LYS B 465 -29.02 10.38 -53.92
N LEU B 466 -28.63 11.43 -53.17
CA LEU B 466 -27.21 11.78 -53.05
C LEU B 466 -26.46 10.75 -52.23
N PHE B 467 -27.17 9.96 -51.43
CA PHE B 467 -26.56 8.99 -50.56
C PHE B 467 -27.32 7.67 -50.69
N SER B 468 -26.74 6.60 -50.17
CA SER B 468 -27.32 5.26 -50.28
C SER B 468 -27.82 4.69 -48.96
N SER B 469 -27.11 4.95 -47.86
CA SER B 469 -27.53 4.46 -46.57
C SER B 469 -28.34 5.55 -45.87
N HIS B 474 -30.80 -4.44 -41.36
CA HIS B 474 -32.20 -4.29 -40.88
C HIS B 474 -32.30 -4.81 -39.46
N GLU B 475 -31.19 -5.25 -38.89
CA GLU B 475 -31.18 -5.74 -37.49
C GLU B 475 -31.02 -4.55 -36.55
N THR B 476 -32.11 -3.80 -36.31
CA THR B 476 -32.06 -2.66 -35.37
C THR B 476 -32.59 -3.15 -34.06
N SER B 477 -33.77 -2.67 -33.64
CA SER B 477 -34.40 -3.18 -32.40
C SER B 477 -35.84 -2.69 -32.51
N PHE B 478 -36.80 -3.57 -32.23
CA PHE B 478 -38.21 -3.10 -32.20
C PHE B 478 -38.25 -2.36 -30.88
N GLY B 479 -38.55 -1.07 -30.94
CA GLY B 479 -38.57 -0.25 -29.72
C GLY B 479 -37.57 0.88 -29.82
N GLU B 480 -36.45 0.63 -30.51
CA GLU B 480 -35.45 1.70 -30.72
C GLU B 480 -36.20 2.92 -31.25
N GLU B 481 -35.89 4.09 -30.70
CA GLU B 481 -36.55 5.29 -31.22
C GLU B 481 -35.70 5.96 -32.30
N VAL B 482 -36.38 6.66 -33.20
CA VAL B 482 -35.75 7.43 -34.26
C VAL B 482 -36.33 8.83 -34.30
N GLU B 483 -35.48 9.79 -34.65
CA GLU B 483 -35.88 11.18 -34.86
C GLU B 483 -36.19 11.43 -36.34
N VAL B 484 -37.29 12.13 -36.62
CA VAL B 484 -37.66 12.53 -37.98
C VAL B 484 -37.60 14.05 -38.08
N HIS B 485 -36.61 14.58 -38.79
CA HIS B 485 -36.40 16.03 -38.91
C HIS B 485 -37.26 16.64 -40.03
N ASN B 486 -37.98 17.74 -39.73
CA ASN B 486 -38.84 18.43 -40.69
C ASN B 486 -38.57 19.92 -40.74
N LEU B 487 -38.83 20.51 -41.92
CA LEU B 487 -38.96 21.95 -42.05
C LEU B 487 -40.44 22.27 -41.96
N LEU B 488 -40.82 23.04 -40.95
CA LEU B 488 -42.19 23.52 -40.82
C LEU B 488 -42.30 24.94 -41.35
N ILE B 489 -43.43 25.22 -41.99
CA ILE B 489 -43.76 26.54 -42.49
C ILE B 489 -45.05 26.94 -41.79
N ILE B 490 -44.96 27.83 -40.81
CA ILE B 490 -46.09 28.19 -39.97
C ILE B 490 -46.55 29.59 -40.31
N ASP B 491 -47.87 29.76 -40.44
CA ASP B 491 -48.41 31.06 -40.80
C ASP B 491 -48.26 32.04 -39.65
N GLN B 492 -47.90 33.28 -40.00
CA GLN B 492 -47.61 34.27 -38.96
C GLN B 492 -48.86 34.82 -38.29
N HIS B 493 -50.04 34.57 -38.85
CA HIS B 493 -51.27 35.06 -38.25
C HIS B 493 -52.05 33.96 -37.55
N THR B 494 -52.39 32.86 -38.25
CA THR B 494 -53.09 31.74 -37.63
C THR B 494 -52.16 30.84 -36.83
N PHE B 495 -50.86 30.97 -37.06
CA PHE B 495 -49.89 30.07 -36.45
C PHE B 495 -50.30 28.64 -36.74
N GLU B 496 -50.71 28.40 -37.97
CA GLU B 496 -51.05 27.06 -38.41
C GLU B 496 -49.89 26.46 -39.18
N VAL B 497 -49.82 25.13 -39.20
CA VAL B 497 -48.73 24.45 -39.86
C VAL B 497 -49.14 24.25 -41.32
N LEU B 498 -48.56 25.07 -42.19
CA LEU B 498 -48.96 25.14 -43.60
C LEU B 498 -48.30 24.04 -44.40
N HIS B 499 -46.96 23.99 -44.37
CA HIS B 499 -46.20 22.95 -45.04
C HIS B 499 -45.29 22.28 -44.03
N ALA B 500 -45.05 20.99 -44.26
CA ALA B 500 -44.10 20.22 -43.45
C ALA B 500 -43.26 19.40 -44.41
N HIS B 501 -42.02 19.81 -44.57
CA HIS B 501 -41.08 19.10 -45.42
C HIS B 501 -40.24 18.14 -44.58
N GLN B 502 -40.28 16.86 -44.93
CA GLN B 502 -39.50 15.87 -44.20
C GLN B 502 -38.16 15.65 -44.89
N PHE B 503 -37.07 15.81 -44.14
CA PHE B 503 -35.74 15.68 -44.72
C PHE B 503 -35.39 14.20 -44.97
N LEU B 504 -34.19 14.00 -45.50
CA LEU B 504 -33.71 12.66 -45.83
C LEU B 504 -33.59 11.77 -44.60
N GLN B 505 -33.73 10.47 -44.82
CA GLN B 505 -33.57 9.53 -43.72
C GLN B 505 -32.11 9.46 -43.29
N ASN B 506 -31.89 9.58 -41.98
CA ASN B 506 -30.54 9.68 -41.43
C ASN B 506 -29.92 11.04 -41.65
N GLU B 507 -30.74 12.07 -41.86
CA GLU B 507 -30.27 13.45 -42.05
C GLU B 507 -30.75 14.35 -40.92
N TYR B 508 -29.78 15.08 -40.32
CA TYR B 508 -29.98 15.86 -39.10
C TYR B 508 -29.82 17.34 -39.44
N ALA B 509 -30.92 18.08 -39.43
CA ALA B 509 -30.89 19.47 -39.84
C ALA B 509 -30.30 20.32 -38.73
N LEU B 510 -29.46 21.27 -39.09
CA LEU B 510 -28.75 22.06 -38.10
C LEU B 510 -28.98 23.55 -38.27
N SER B 511 -28.77 24.10 -39.46
CA SER B 511 -28.90 25.53 -39.67
C SER B 511 -30.19 25.87 -40.40
N LEU B 512 -30.73 27.05 -40.09
CA LEU B 512 -31.84 27.59 -40.86
C LEU B 512 -31.63 29.09 -41.11
N VAL B 513 -31.98 29.53 -42.31
CA VAL B 513 -31.82 30.94 -42.71
C VAL B 513 -32.92 31.30 -43.69
N SER B 514 -33.41 32.54 -43.57
CA SER B 514 -34.34 33.13 -44.54
C SER B 514 -33.64 34.37 -45.08
N CYS B 515 -33.16 34.32 -46.32
CA CYS B 515 -32.53 35.50 -46.92
C CYS B 515 -32.77 35.51 -48.42
N LYS B 516 -32.78 36.71 -49.00
CA LYS B 516 -32.59 36.86 -50.44
C LYS B 516 -31.10 36.81 -50.73
N LEU B 517 -30.72 36.16 -51.82
CA LEU B 517 -29.32 36.01 -52.16
C LEU B 517 -29.11 36.51 -53.58
N GLY B 518 -27.90 37.05 -53.84
CA GLY B 518 -27.50 37.57 -55.14
C GLY B 518 -28.52 38.56 -55.73
N LYS B 519 -28.38 38.76 -57.04
CA LYS B 519 -29.36 39.61 -57.69
C LYS B 519 -30.73 38.92 -57.81
N ASP B 520 -30.90 37.73 -57.27
CA ASP B 520 -32.19 37.06 -57.25
C ASP B 520 -33.18 37.87 -56.39
N PRO B 521 -34.47 38.04 -56.85
CA PRO B 521 -35.46 38.78 -56.02
C PRO B 521 -36.26 37.90 -55.08
N ASN B 522 -36.31 36.59 -55.33
CA ASN B 522 -36.94 35.68 -54.38
C ASN B 522 -36.24 35.75 -53.04
N THR B 523 -37.00 35.69 -51.97
CA THR B 523 -36.42 35.42 -50.67
C THR B 523 -36.58 33.92 -50.38
N TYR B 524 -35.51 33.28 -49.91
CA TYR B 524 -35.45 31.81 -49.83
C TYR B 524 -35.33 31.33 -48.39
N PHE B 525 -35.62 30.01 -48.21
CA PHE B 525 -35.31 29.27 -46.97
C PHE B 525 -34.07 28.42 -47.22
N ILE B 526 -32.98 28.72 -46.51
CA ILE B 526 -31.76 27.92 -46.62
C ILE B 526 -31.64 27.04 -45.39
N VAL B 527 -31.44 25.75 -45.61
CA VAL B 527 -31.35 24.77 -44.53
C VAL B 527 -30.02 24.04 -44.65
N GLY B 528 -29.23 24.10 -43.58
CA GLY B 528 -27.97 23.37 -43.54
C GLY B 528 -28.09 22.10 -42.72
N THR B 529 -27.62 21.00 -43.26
CA THR B 529 -27.82 19.71 -42.63
C THR B 529 -26.50 18.94 -42.50
N ALA B 530 -26.60 17.74 -41.91
CA ALA B 530 -25.48 16.82 -41.76
C ALA B 530 -25.98 15.38 -41.71
N MET B 531 -25.28 14.49 -42.42
CA MET B 531 -25.62 13.08 -42.41
C MET B 531 -24.96 12.39 -41.21
N VAL B 532 -25.76 11.76 -40.35
CA VAL B 532 -25.27 11.14 -39.12
C VAL B 532 -25.59 9.65 -39.14
N TYR B 533 -24.61 8.84 -38.78
CA TYR B 533 -24.86 7.42 -38.61
C TYR B 533 -24.25 7.00 -37.28
N PRO B 534 -24.87 6.05 -36.57
CA PRO B 534 -24.38 5.73 -35.21
C PRO B 534 -22.95 5.22 -35.21
N GLU B 535 -22.47 4.69 -36.33
CA GLU B 535 -21.12 4.16 -36.41
C GLU B 535 -20.09 5.27 -36.55
N GLU B 536 -20.33 6.22 -37.46
CA GLU B 536 -19.33 7.23 -37.79
C GLU B 536 -19.43 8.38 -36.81
N ALA B 537 -18.33 8.65 -36.12
CA ALA B 537 -18.36 9.61 -35.02
C ALA B 537 -18.44 11.01 -35.56
N GLU B 538 -17.50 11.34 -36.41
CA GLU B 538 -17.42 12.64 -37.02
C GLU B 538 -18.29 12.67 -38.26
N PRO B 539 -19.03 13.76 -38.49
CA PRO B 539 -19.92 13.85 -39.65
C PRO B 539 -19.11 14.16 -40.91
N LYS B 540 -19.19 13.27 -41.90
CA LYS B 540 -18.36 13.35 -43.10
C LYS B 540 -19.11 13.87 -44.33
N GLN B 541 -20.39 14.24 -44.23
CA GLN B 541 -21.18 14.61 -45.40
C GLN B 541 -22.45 15.34 -44.98
N GLY B 542 -22.85 16.33 -45.77
CA GLY B 542 -24.01 17.15 -45.48
C GLY B 542 -24.58 17.81 -46.73
N ARG B 543 -25.36 18.86 -46.53
CA ARG B 543 -26.15 19.41 -47.62
C ARG B 543 -26.56 20.81 -47.22
N ILE B 544 -26.34 21.76 -48.12
CA ILE B 544 -27.06 23.02 -48.09
C ILE B 544 -28.18 22.89 -49.10
N VAL B 545 -29.41 23.07 -48.64
CA VAL B 545 -30.57 23.06 -49.51
C VAL B 545 -31.10 24.48 -49.62
N VAL B 546 -31.69 24.80 -50.77
CA VAL B 546 -32.32 26.11 -51.01
C VAL B 546 -33.78 25.87 -51.33
N PHE B 547 -34.65 26.30 -50.43
CA PHE B 547 -36.10 26.25 -50.62
C PHE B 547 -36.66 27.63 -50.98
N GLN B 548 -37.92 27.58 -51.42
CA GLN B 548 -38.67 28.83 -51.74
C GLN B 548 -40.14 28.49 -51.51
N TYR B 549 -40.82 29.23 -50.65
CA TYR B 549 -42.26 29.00 -50.39
C TYR B 549 -43.13 29.92 -51.22
N SER B 550 -44.03 29.35 -52.01
CA SER B 550 -44.85 30.20 -52.90
C SER B 550 -46.37 29.92 -53.09
N ASP B 551 -46.73 28.77 -53.65
CA ASP B 551 -48.15 28.51 -53.94
C ASP B 551 -48.49 27.49 -52.84
N GLY B 552 -48.38 27.91 -51.59
CA GLY B 552 -48.76 27.03 -50.47
C GLY B 552 -47.87 25.81 -50.38
N LYS B 553 -46.85 25.74 -51.22
CA LYS B 553 -45.99 24.52 -51.23
C LYS B 553 -44.52 24.92 -51.21
N LEU B 554 -43.70 24.11 -50.54
CA LEU B 554 -42.27 24.37 -50.52
C LEU B 554 -41.61 23.59 -51.65
N GLN B 555 -40.87 24.29 -52.50
CA GLN B 555 -40.15 23.58 -53.54
C GLN B 555 -38.66 23.75 -53.37
N THR B 556 -37.88 22.78 -53.86
CA THR B 556 -36.43 22.77 -53.69
C THR B 556 -35.77 23.41 -54.90
N VAL B 557 -34.93 24.42 -54.65
CA VAL B 557 -34.29 25.16 -55.74
C VAL B 557 -32.93 24.55 -56.07
N ALA B 558 -32.01 24.49 -55.11
CA ALA B 558 -30.73 23.82 -55.32
C ALA B 558 -30.26 23.17 -54.03
N GLU B 559 -29.56 22.05 -54.18
CA GLU B 559 -28.89 21.40 -53.06
C GLU B 559 -27.40 21.31 -53.38
N LYS B 560 -26.54 21.86 -52.50
CA LYS B 560 -25.08 21.67 -52.60
C LYS B 560 -24.67 20.62 -51.56
N GLU B 561 -24.32 19.42 -52.04
CA GLU B 561 -23.90 18.32 -51.17
C GLU B 561 -22.46 18.57 -50.68
N VAL B 562 -22.33 18.95 -49.40
CA VAL B 562 -21.04 19.27 -48.76
C VAL B 562 -20.39 18.04 -48.13
N LYS B 563 -19.14 18.18 -47.70
CA LYS B 563 -18.41 17.02 -47.18
C LYS B 563 -18.21 17.18 -45.68
N GLY B 564 -19.30 17.45 -44.98
CA GLY B 564 -19.26 17.75 -43.57
C GLY B 564 -20.61 18.20 -43.08
N ALA B 565 -20.63 18.71 -41.85
CA ALA B 565 -21.84 19.16 -41.18
C ALA B 565 -21.89 20.68 -41.25
N VAL B 566 -22.97 21.19 -41.83
CA VAL B 566 -23.22 22.64 -41.87
C VAL B 566 -23.75 23.03 -40.48
N TYR B 567 -22.87 23.56 -39.62
CA TYR B 567 -23.27 23.91 -38.26
C TYR B 567 -23.89 25.28 -38.19
N SER B 568 -23.57 26.17 -39.13
CA SER B 568 -24.15 27.50 -39.13
C SER B 568 -24.15 28.06 -40.54
N MET B 569 -25.24 28.76 -40.87
CA MET B 569 -25.37 29.53 -42.08
C MET B 569 -25.74 30.96 -41.71
N VAL B 570 -25.10 31.94 -42.35
CA VAL B 570 -25.51 33.33 -42.22
C VAL B 570 -25.43 33.98 -43.59
N GLU B 571 -26.48 34.73 -43.95
CA GLU B 571 -26.39 35.68 -45.03
C GLU B 571 -25.24 36.64 -44.77
N PHE B 572 -24.34 36.76 -45.72
CA PHE B 572 -23.17 37.62 -45.62
C PHE B 572 -22.97 38.78 -46.59
N ASN B 573 -23.91 39.73 -46.54
CA ASN B 573 -24.06 40.82 -47.50
C ASN B 573 -24.28 40.17 -48.87
N GLY B 574 -25.45 39.56 -49.06
CA GLY B 574 -25.86 39.04 -50.34
C GLY B 574 -25.30 37.68 -50.72
N LYS B 575 -24.22 37.25 -50.08
CA LYS B 575 -23.71 35.90 -50.24
C LYS B 575 -24.24 35.02 -49.09
N LEU B 576 -23.71 33.81 -48.99
CA LEU B 576 -24.13 32.85 -47.96
C LEU B 576 -22.88 32.29 -47.29
N LEU B 577 -22.62 32.74 -46.06
CA LEU B 577 -21.46 32.29 -45.31
C LEU B 577 -21.82 31.01 -44.55
N ALA B 578 -21.23 29.87 -44.93
CA ALA B 578 -21.50 28.60 -44.27
C ALA B 578 -20.24 28.06 -43.58
N SER B 579 -20.45 27.35 -42.49
CA SER B 579 -19.38 26.62 -41.83
C SER B 579 -19.58 25.14 -42.14
N ILE B 580 -18.53 24.50 -42.65
CA ILE B 580 -18.52 23.05 -42.83
C ILE B 580 -17.42 22.50 -41.94
N ASN B 581 -17.79 21.81 -40.88
CA ASN B 581 -16.80 21.30 -39.94
C ASN B 581 -15.83 22.43 -39.58
N SER B 582 -14.55 22.30 -39.90
CA SER B 582 -13.55 23.29 -39.51
C SER B 582 -13.31 24.37 -40.58
N THR B 583 -14.17 24.47 -41.58
CA THR B 583 -13.98 25.40 -42.70
C THR B 583 -15.09 26.43 -42.72
N VAL B 584 -14.70 27.70 -42.82
CA VAL B 584 -15.63 28.80 -43.03
C VAL B 584 -15.64 29.07 -44.53
N ARG B 585 -16.75 28.73 -45.20
CA ARG B 585 -16.86 28.76 -46.65
C ARG B 585 -17.79 29.89 -47.10
N LEU B 586 -17.37 30.69 -48.05
CA LEU B 586 -18.20 31.77 -48.56
C LEU B 586 -18.79 31.42 -49.92
N TYR B 587 -20.10 31.66 -50.09
CA TYR B 587 -20.86 31.19 -51.23
C TYR B 587 -21.55 32.36 -51.92
N GLU B 588 -21.69 32.27 -53.27
CA GLU B 588 -22.44 33.27 -54.06
C GLU B 588 -23.55 32.61 -54.86
N TRP B 589 -24.65 33.33 -55.05
CA TRP B 589 -25.80 32.85 -55.81
C TRP B 589 -25.60 33.20 -57.28
N THR B 590 -25.56 32.19 -58.14
CA THR B 590 -25.28 32.43 -59.56
C THR B 590 -26.56 32.75 -60.34
N THR B 591 -26.38 33.28 -61.55
CA THR B 591 -27.53 33.52 -62.42
C THR B 591 -28.35 32.27 -62.63
N GLU B 592 -27.69 31.11 -62.62
CA GLU B 592 -28.34 29.82 -62.87
C GLU B 592 -28.87 29.19 -61.59
N LYS B 593 -29.03 29.98 -60.54
CA LYS B 593 -29.71 29.55 -59.33
C LYS B 593 -28.99 28.33 -58.72
N GLU B 594 -27.68 28.52 -58.50
CA GLU B 594 -26.89 27.49 -57.85
C GLU B 594 -25.81 28.18 -57.04
N LEU B 595 -25.12 27.41 -56.19
CA LEU B 595 -24.15 27.96 -55.25
C LEU B 595 -22.72 27.73 -55.75
N ARG B 596 -21.96 28.82 -55.87
CA ARG B 596 -20.57 28.77 -56.29
C ARG B 596 -19.70 29.16 -55.10
N THR B 597 -18.50 28.57 -55.01
CA THR B 597 -17.61 28.78 -53.87
C THR B 597 -16.64 29.91 -54.15
N GLU B 598 -16.82 31.05 -53.48
CA GLU B 598 -15.86 32.15 -53.62
C GLU B 598 -14.53 31.78 -52.98
N CYS B 599 -14.53 31.72 -51.65
CA CYS B 599 -13.31 31.44 -50.90
C CYS B 599 -13.61 30.49 -49.76
N ASN B 600 -12.55 29.84 -49.29
CA ASN B 600 -12.58 29.00 -48.10
C ASN B 600 -11.62 29.53 -47.07
N HIS B 601 -11.93 29.26 -45.80
CA HIS B 601 -11.00 29.53 -44.71
C HIS B 601 -10.98 28.34 -43.77
N TYR B 602 -9.82 27.73 -43.62
CA TYR B 602 -9.67 26.49 -42.86
C TYR B 602 -9.08 26.81 -41.50
N ASN B 603 -9.81 26.49 -40.44
CA ASN B 603 -9.34 26.77 -39.09
C ASN B 603 -8.99 25.49 -38.35
N ASN B 604 -8.36 25.69 -37.20
CA ASN B 604 -7.96 24.62 -36.29
C ASN B 604 -8.99 24.36 -35.20
N ILE B 605 -10.22 24.87 -35.34
CA ILE B 605 -11.33 24.51 -34.47
C ILE B 605 -12.51 24.13 -35.38
N MET B 606 -13.62 23.73 -34.76
CA MET B 606 -14.84 23.47 -35.51
C MET B 606 -15.70 24.73 -35.48
N ALA B 607 -16.18 25.16 -36.64
CA ALA B 607 -16.91 26.42 -36.69
C ALA B 607 -18.37 26.18 -36.30
N LEU B 608 -18.57 25.94 -35.00
CA LEU B 608 -19.92 25.73 -34.48
C LEU B 608 -20.73 27.02 -34.50
N TYR B 609 -20.10 28.16 -34.17
CA TYR B 609 -20.78 29.44 -34.02
C TYR B 609 -20.24 30.42 -35.06
N LEU B 610 -21.15 31.15 -35.71
CA LEU B 610 -20.78 32.07 -36.79
C LEU B 610 -21.56 33.35 -36.64
N LYS B 611 -20.87 34.47 -36.46
CA LYS B 611 -21.53 35.77 -36.47
C LYS B 611 -20.82 36.76 -37.38
N THR B 612 -21.56 37.75 -37.88
CA THR B 612 -21.00 38.78 -38.75
C THR B 612 -21.63 40.13 -38.41
N LYS B 613 -20.77 41.14 -38.21
CA LYS B 613 -21.16 42.55 -38.31
C LYS B 613 -20.39 43.12 -39.50
N GLY B 614 -21.10 43.56 -40.53
CA GLY B 614 -20.42 44.08 -41.71
C GLY B 614 -19.54 43.08 -42.42
N ASP B 615 -18.23 43.32 -42.43
CA ASP B 615 -17.30 42.40 -43.06
C ASP B 615 -16.46 41.63 -42.05
N PHE B 616 -16.79 41.74 -40.76
CA PHE B 616 -16.16 40.95 -39.71
C PHE B 616 -16.86 39.59 -39.57
N ILE B 617 -16.09 38.57 -39.19
CA ILE B 617 -16.61 37.22 -39.02
C ILE B 617 -16.13 36.68 -37.67
N LEU B 618 -17.07 36.18 -36.87
CA LEU B 618 -16.77 35.61 -35.57
C LEU B 618 -17.00 34.10 -35.63
N VAL B 619 -15.99 33.34 -35.21
CA VAL B 619 -16.04 31.88 -35.22
C VAL B 619 -15.69 31.36 -33.82
N GLY B 620 -16.46 30.39 -33.34
CA GLY B 620 -16.18 29.78 -32.04
C GLY B 620 -16.59 28.33 -32.01
N ASP B 621 -16.01 27.59 -31.06
CA ASP B 621 -16.44 26.20 -30.87
C ASP B 621 -16.94 26.03 -29.45
N LEU B 622 -17.22 24.78 -29.11
CA LEU B 622 -17.79 24.45 -27.81
C LEU B 622 -16.86 24.79 -26.67
N MET B 623 -15.60 25.16 -26.93
CA MET B 623 -14.58 25.25 -25.89
C MET B 623 -14.04 26.68 -25.74
N ARG B 624 -14.92 27.68 -25.94
CA ARG B 624 -14.58 29.09 -25.80
C ARG B 624 -13.33 29.46 -26.60
N SER B 625 -13.10 28.71 -27.69
CA SER B 625 -12.14 29.13 -28.71
C SER B 625 -12.81 30.21 -29.54
N VAL B 626 -12.16 31.36 -29.66
CA VAL B 626 -12.69 32.47 -30.44
C VAL B 626 -11.70 32.80 -31.55
N LEU B 627 -12.23 33.15 -32.71
CA LEU B 627 -11.44 33.41 -33.91
C LEU B 627 -12.15 34.46 -34.74
N LEU B 628 -11.54 35.64 -34.86
CA LEU B 628 -12.12 36.76 -35.58
C LEU B 628 -11.51 36.81 -36.98
N LEU B 629 -12.36 36.59 -38.00
CA LEU B 629 -11.97 36.70 -39.40
C LEU B 629 -12.44 38.03 -39.97
N ALA B 630 -12.05 38.29 -41.22
CA ALA B 630 -12.54 39.44 -41.96
C ALA B 630 -12.41 39.13 -43.44
N TYR B 631 -13.44 39.51 -44.22
CA TYR B 631 -13.46 39.25 -45.66
C TYR B 631 -12.89 40.46 -46.39
N LYS B 632 -11.63 40.38 -46.81
CA LYS B 632 -11.02 41.47 -47.57
C LYS B 632 -11.72 41.61 -48.92
N PRO B 633 -12.55 42.66 -49.14
CA PRO B 633 -13.45 42.66 -50.32
C PRO B 633 -12.72 42.64 -51.65
N MET B 634 -11.73 43.50 -51.85
CA MET B 634 -10.99 43.51 -53.11
C MET B 634 -10.32 42.17 -53.37
N GLU B 635 -9.76 41.56 -52.33
CA GLU B 635 -9.12 40.26 -52.52
C GLU B 635 -10.15 39.15 -52.70
N GLY B 636 -11.23 39.17 -51.95
CA GLY B 636 -12.14 38.04 -51.99
C GLY B 636 -11.63 36.82 -51.25
N ASN B 637 -10.89 37.01 -50.16
CA ASN B 637 -10.52 35.97 -49.19
C ASN B 637 -10.75 36.50 -47.77
N PHE B 638 -10.63 35.60 -46.79
CA PHE B 638 -10.68 35.97 -45.38
C PHE B 638 -9.27 36.11 -44.82
N GLU B 639 -9.13 36.99 -43.83
CA GLU B 639 -7.86 37.21 -43.16
C GLU B 639 -8.06 37.19 -41.65
N GLU B 640 -7.27 36.37 -40.96
CA GLU B 640 -7.38 36.22 -39.52
C GLU B 640 -7.04 37.53 -38.83
N ILE B 641 -7.98 38.07 -38.06
CA ILE B 641 -7.70 39.29 -37.32
C ILE B 641 -7.16 38.98 -35.92
N ALA B 642 -7.78 38.03 -35.22
CA ALA B 642 -7.37 37.72 -33.85
C ALA B 642 -8.02 36.40 -33.41
N ARG B 643 -7.52 35.87 -32.30
CA ARG B 643 -7.97 34.60 -31.74
C ARG B 643 -7.71 34.63 -30.24
N ASP B 644 -8.43 33.77 -29.52
CA ASP B 644 -8.16 33.54 -28.11
C ASP B 644 -8.54 32.11 -27.82
N PHE B 645 -7.77 31.46 -26.96
CA PHE B 645 -8.07 30.12 -26.44
C PHE B 645 -8.04 30.23 -24.92
N ASN B 646 -9.21 30.19 -24.29
CA ASN B 646 -9.33 30.10 -22.84
C ASN B 646 -10.30 28.95 -22.59
N PRO B 647 -9.80 27.72 -22.60
CA PRO B 647 -10.69 26.55 -22.74
C PRO B 647 -11.70 26.46 -21.60
N ASN B 648 -12.93 26.11 -21.97
CA ASN B 648 -14.14 26.09 -21.16
C ASN B 648 -15.31 25.83 -22.12
N TRP B 649 -16.41 25.33 -21.59
CA TRP B 649 -17.60 25.09 -22.40
C TRP B 649 -18.31 26.41 -22.67
N MET B 650 -18.57 26.68 -23.95
CA MET B 650 -19.27 27.85 -24.45
C MET B 650 -20.54 27.43 -25.17
N SER B 651 -21.66 28.09 -24.91
CA SER B 651 -22.94 27.66 -25.42
C SER B 651 -23.56 28.61 -26.43
N ALA B 652 -22.99 29.79 -26.62
CA ALA B 652 -23.68 30.89 -27.27
C ALA B 652 -22.74 32.08 -27.22
N VAL B 653 -22.92 32.97 -28.19
CA VAL B 653 -21.91 33.99 -28.45
C VAL B 653 -22.48 35.00 -29.43
N GLU B 654 -22.13 36.29 -29.26
CA GLU B 654 -22.77 37.33 -30.05
C GLU B 654 -21.84 38.52 -30.18
N ILE B 655 -22.00 39.27 -31.27
CA ILE B 655 -21.17 40.46 -31.51
C ILE B 655 -21.86 41.68 -30.90
N LEU B 656 -21.22 42.28 -29.90
CA LEU B 656 -21.70 43.51 -29.31
C LEU B 656 -21.42 44.68 -30.25
N ASP B 657 -20.15 44.97 -30.48
CA ASP B 657 -19.73 45.92 -31.50
C ASP B 657 -18.55 45.36 -32.29
N ASP B 658 -17.94 46.17 -33.14
CA ASP B 658 -16.85 45.63 -33.95
C ASP B 658 -15.61 45.25 -33.15
N ASP B 659 -15.59 45.49 -31.84
CA ASP B 659 -14.36 45.24 -31.07
C ASP B 659 -14.66 44.35 -29.89
N ASN B 660 -15.85 44.47 -29.31
CA ASN B 660 -16.26 43.67 -28.17
C ASN B 660 -17.12 42.49 -28.61
N PHE B 661 -17.03 41.40 -27.87
CA PHE B 661 -17.76 40.18 -28.17
C PHE B 661 -18.33 39.61 -26.89
N LEU B 662 -19.57 39.11 -26.95
CA LEU B 662 -20.28 38.61 -25.79
C LEU B 662 -20.49 37.11 -25.91
N GLY B 663 -20.50 36.43 -24.76
CA GLY B 663 -20.62 34.99 -24.77
C GLY B 663 -21.13 34.43 -23.46
N ALA B 664 -21.67 33.21 -23.54
CA ALA B 664 -22.11 32.42 -22.39
C ALA B 664 -21.23 31.19 -22.24
N GLU B 665 -20.66 31.01 -21.05
CA GLU B 665 -19.84 29.83 -20.76
C GLU B 665 -20.20 29.24 -19.41
N ASN B 666 -19.68 28.03 -19.17
CA ASN B 666 -19.86 27.32 -17.91
C ASN B 666 -19.18 28.08 -16.79
N ALA B 667 -19.79 28.09 -15.60
CA ALA B 667 -21.13 27.54 -15.42
C ALA B 667 -22.11 28.69 -15.16
N PHE B 668 -22.99 28.90 -16.15
CA PHE B 668 -24.00 29.96 -16.08
C PHE B 668 -23.31 31.32 -15.94
N ASN B 669 -22.20 31.49 -16.63
CA ASN B 669 -21.49 32.76 -16.64
C ASN B 669 -21.58 33.39 -18.01
N LEU B 670 -21.54 34.72 -18.03
CA LEU B 670 -21.34 35.51 -19.22
C LEU B 670 -19.93 36.07 -19.22
N PHE B 671 -19.49 36.51 -20.38
CA PHE B 671 -18.14 37.05 -20.50
C PHE B 671 -18.04 37.86 -21.79
N VAL B 672 -17.18 38.88 -21.75
CA VAL B 672 -16.93 39.74 -22.90
C VAL B 672 -15.42 39.91 -23.06
N CYS B 673 -14.94 39.67 -24.28
CA CYS B 673 -13.57 40.02 -24.69
C CYS B 673 -13.62 40.94 -25.91
N GLN B 674 -12.58 41.75 -26.05
CA GLN B 674 -12.53 42.75 -27.09
C GLN B 674 -11.22 42.60 -27.86
N LYS B 675 -11.29 42.96 -29.15
CA LYS B 675 -10.07 43.12 -29.92
C LYS B 675 -9.16 44.07 -29.16
N ASP B 676 -7.86 43.81 -29.23
CA ASP B 676 -6.89 44.73 -28.63
C ASP B 676 -7.12 45.96 -29.51
N SER B 677 -7.75 47.00 -28.93
CA SER B 677 -8.01 48.25 -29.62
C SER B 677 -6.65 48.90 -29.73
N ALA B 678 -5.79 48.63 -28.74
CA ALA B 678 -4.41 49.09 -28.73
C ALA B 678 -3.61 48.29 -29.76
N ALA B 679 -3.67 48.73 -31.00
CA ALA B 679 -2.97 48.08 -32.10
C ALA B 679 -1.53 48.43 -31.72
N THR B 680 -0.81 47.47 -31.09
CA THR B 680 0.56 47.69 -30.61
C THR B 680 1.42 46.87 -31.58
N THR B 681 1.58 45.59 -31.30
CA THR B 681 2.38 44.72 -32.14
C THR B 681 1.53 43.56 -32.63
N ASP B 682 2.09 42.80 -33.58
CA ASP B 682 1.37 41.70 -34.20
C ASP B 682 0.77 40.78 -33.14
N GLU B 683 1.60 40.29 -32.23
CA GLU B 683 1.12 39.38 -31.20
C GLU B 683 -0.04 40.00 -30.42
N GLU B 684 0.04 41.30 -30.13
CA GLU B 684 -1.01 41.95 -29.36
C GLU B 684 -2.27 42.12 -30.20
N ARG B 685 -2.12 42.71 -31.40
CA ARG B 685 -3.29 43.02 -32.24
C ARG B 685 -4.07 41.77 -32.60
N GLN B 686 -3.38 40.62 -32.72
CA GLN B 686 -3.99 39.33 -33.06
C GLN B 686 -4.32 38.50 -31.82
N HIS B 687 -4.89 39.14 -30.79
CA HIS B 687 -5.32 38.48 -29.56
C HIS B 687 -6.45 39.30 -28.93
N LEU B 688 -7.42 38.62 -28.32
CA LEU B 688 -8.56 39.27 -27.68
C LEU B 688 -8.43 39.22 -26.16
N GLN B 689 -8.49 40.38 -25.50
CA GLN B 689 -8.40 40.44 -24.05
C GLN B 689 -9.75 40.25 -23.39
N GLU B 690 -9.74 39.61 -22.21
CA GLU B 690 -10.96 39.37 -21.41
C GLU B 690 -11.31 40.65 -20.64
N VAL B 691 -12.42 41.32 -21.00
CA VAL B 691 -12.74 42.61 -20.42
C VAL B 691 -14.09 42.59 -19.68
N GLY B 692 -14.56 41.41 -19.25
CA GLY B 692 -15.83 41.31 -18.55
C GLY B 692 -16.20 39.91 -18.11
N LEU B 693 -16.57 39.76 -16.83
CA LEU B 693 -16.86 38.46 -16.24
C LEU B 693 -18.05 38.60 -15.31
N PHE B 694 -19.07 37.75 -15.48
CA PHE B 694 -20.30 37.91 -14.70
C PHE B 694 -21.02 36.58 -14.57
N HIS B 695 -21.34 36.21 -13.34
CA HIS B 695 -22.10 34.99 -13.10
C HIS B 695 -23.57 35.33 -13.27
N LEU B 696 -24.18 34.80 -14.33
CA LEU B 696 -25.58 35.14 -14.58
C LEU B 696 -26.51 34.29 -13.71
N GLY B 697 -26.43 32.98 -13.84
CA GLY B 697 -27.34 32.09 -13.18
C GLY B 697 -28.20 31.29 -14.12
N GLU B 698 -28.17 31.59 -15.41
CA GLU B 698 -28.95 30.88 -16.42
C GLU B 698 -27.99 30.31 -17.44
N PHE B 699 -28.52 29.48 -18.30
CA PHE B 699 -27.69 28.81 -19.30
C PHE B 699 -28.16 29.33 -20.66
N VAL B 700 -27.40 30.27 -21.25
CA VAL B 700 -27.83 30.96 -22.45
C VAL B 700 -27.72 30.04 -23.65
N ASN B 701 -28.78 30.02 -24.47
CA ASN B 701 -28.89 29.14 -25.62
C ASN B 701 -28.85 29.87 -26.96
N VAL B 702 -29.27 31.14 -26.98
CA VAL B 702 -29.37 31.94 -28.20
C VAL B 702 -29.26 33.39 -27.80
N PHE B 703 -28.52 34.16 -28.60
CA PHE B 703 -28.38 35.60 -28.45
C PHE B 703 -29.04 36.24 -29.66
N CYS B 704 -29.92 37.21 -29.42
CA CYS B 704 -30.70 37.77 -30.50
C CYS B 704 -30.67 39.28 -30.39
N HIS B 705 -30.08 39.93 -31.39
CA HIS B 705 -30.03 41.40 -31.45
C HIS B 705 -31.43 41.97 -31.66
N GLY B 706 -31.91 42.75 -30.70
CA GLY B 706 -33.27 43.24 -30.77
C GLY B 706 -33.73 43.86 -29.48
N SER B 707 -34.96 44.38 -29.52
CA SER B 707 -35.57 45.02 -28.37
C SER B 707 -37.08 44.91 -28.50
N LEU B 708 -37.76 44.85 -27.36
CA LEU B 708 -39.21 44.69 -27.32
C LEU B 708 -39.92 45.96 -26.90
N VAL B 709 -39.27 47.11 -27.10
CA VAL B 709 -39.81 48.41 -26.75
C VAL B 709 -39.54 49.39 -27.89
N MET B 710 -39.94 50.65 -27.69
CA MET B 710 -39.94 51.65 -28.75
C MET B 710 -40.91 51.23 -29.86
N PRO B 719 -28.30 56.95 -23.01
CA PRO B 719 -27.67 56.60 -21.74
C PRO B 719 -27.11 55.18 -21.76
N THR B 720 -27.82 54.30 -22.47
CA THR B 720 -27.34 52.96 -22.81
C THR B 720 -27.31 52.81 -24.32
N GLN B 721 -26.33 52.04 -24.80
CA GLN B 721 -26.18 51.77 -26.23
C GLN B 721 -26.24 50.27 -26.44
N GLY B 722 -27.15 49.82 -27.29
CA GLY B 722 -27.22 48.42 -27.65
C GLY B 722 -28.49 47.75 -27.13
N SER B 723 -28.81 46.62 -27.74
CA SER B 723 -29.88 45.80 -27.20
C SER B 723 -29.67 44.39 -27.71
N VAL B 724 -29.25 43.48 -26.81
CA VAL B 724 -29.11 42.06 -27.10
C VAL B 724 -29.99 41.28 -26.13
N LEU B 725 -30.92 40.52 -26.67
CA LEU B 725 -31.81 39.71 -25.87
C LEU B 725 -31.32 38.27 -25.87
N PHE B 726 -31.55 37.56 -24.78
CA PHE B 726 -31.11 36.19 -24.71
C PHE B 726 -32.19 35.35 -24.04
N GLY B 727 -32.37 34.13 -24.56
CA GLY B 727 -33.14 33.11 -23.87
C GLY B 727 -32.24 32.06 -23.23
N THR B 728 -32.80 31.38 -22.25
CA THR B 728 -32.07 30.44 -21.42
C THR B 728 -32.86 29.16 -21.30
N VAL B 729 -32.30 28.21 -20.56
CA VAL B 729 -32.95 26.91 -20.46
C VAL B 729 -34.13 27.00 -19.52
N ASN B 730 -34.05 27.88 -18.52
CA ASN B 730 -35.10 28.03 -17.54
C ASN B 730 -36.19 28.99 -17.98
N GLY B 731 -36.25 29.32 -19.27
CA GLY B 731 -37.26 30.23 -19.75
C GLY B 731 -37.08 31.65 -19.26
N MET B 732 -35.88 31.99 -18.80
CA MET B 732 -35.58 33.36 -18.42
C MET B 732 -35.12 34.12 -19.64
N ILE B 733 -35.62 35.33 -19.81
CA ILE B 733 -35.21 36.16 -20.95
C ILE B 733 -34.42 37.34 -20.43
N GLY B 734 -33.34 37.66 -21.14
CA GLY B 734 -32.42 38.68 -20.68
C GLY B 734 -32.12 39.71 -21.76
N LEU B 735 -31.75 40.90 -21.27
CA LEU B 735 -31.26 41.97 -22.11
C LEU B 735 -29.85 42.36 -21.67
N VAL B 736 -28.96 42.55 -22.64
CA VAL B 736 -27.65 43.14 -22.40
C VAL B 736 -27.54 44.42 -23.22
N THR B 737 -26.97 45.46 -22.61
CA THR B 737 -26.76 46.77 -23.25
C THR B 737 -25.43 47.34 -22.81
N SER B 738 -24.72 48.00 -23.75
CA SER B 738 -23.37 48.49 -23.49
C SER B 738 -23.40 49.87 -22.86
N LEU B 739 -22.49 50.11 -21.95
CA LEU B 739 -22.49 51.29 -21.10
C LEU B 739 -21.33 52.21 -21.42
N SER B 740 -21.34 53.37 -20.77
CA SER B 740 -20.37 54.43 -20.98
C SER B 740 -19.48 54.56 -19.77
N GLU B 741 -18.16 54.59 -20.00
CA GLU B 741 -17.19 54.52 -18.91
C GLU B 741 -17.65 55.34 -17.71
N SER B 742 -18.13 56.55 -17.94
CA SER B 742 -18.71 57.31 -16.85
C SER B 742 -19.87 56.54 -16.22
N TRP B 743 -20.85 56.15 -17.02
CA TRP B 743 -22.04 55.49 -16.49
C TRP B 743 -21.65 54.28 -15.64
N TYR B 744 -20.83 53.38 -16.22
CA TYR B 744 -20.44 52.15 -15.52
C TYR B 744 -19.89 52.45 -14.12
N ASN B 745 -19.00 53.45 -14.01
CA ASN B 745 -18.43 53.78 -12.71
C ASN B 745 -19.51 54.20 -11.73
N LEU B 746 -20.38 55.11 -12.16
CA LEU B 746 -21.44 55.63 -11.30
C LEU B 746 -22.32 54.49 -10.79
N LEU B 747 -22.79 53.64 -11.71
CA LEU B 747 -23.59 52.48 -11.34
C LEU B 747 -22.83 51.57 -10.38
N LEU B 748 -21.55 51.30 -10.68
CA LEU B 748 -20.74 50.48 -9.79
C LEU B 748 -20.95 50.90 -8.34
N ASP B 749 -20.84 52.21 -8.10
CA ASP B 749 -21.03 52.73 -6.74
C ASP B 749 -22.44 52.45 -6.24
N MET B 750 -23.45 52.75 -7.06
CA MET B 750 -24.82 52.41 -6.71
C MET B 750 -24.92 50.97 -6.19
N GLN B 751 -24.45 50.03 -7.01
CA GLN B 751 -24.50 48.61 -6.66
C GLN B 751 -24.05 48.38 -5.22
N ASN B 752 -22.85 48.83 -4.88
CA ASN B 752 -22.38 48.66 -3.51
C ASN B 752 -23.19 49.48 -2.54
N ARG B 753 -23.42 50.76 -2.86
CA ARG B 753 -24.32 51.58 -2.06
C ARG B 753 -25.58 50.80 -1.71
N LEU B 754 -26.25 50.25 -2.73
CA LEU B 754 -27.45 49.46 -2.48
C LEU B 754 -27.13 48.25 -1.62
N ASN B 755 -26.12 47.46 -2.02
CA ASN B 755 -25.89 46.19 -1.35
C ASN B 755 -25.88 46.30 0.18
N LYS B 756 -25.66 47.51 0.71
CA LYS B 756 -25.76 47.79 2.13
C LYS B 756 -27.19 47.79 2.63
N VAL B 757 -28.14 48.29 1.83
CA VAL B 757 -29.51 48.44 2.32
C VAL B 757 -30.39 47.25 1.92
N ILE B 758 -30.21 46.72 0.71
CA ILE B 758 -31.08 45.63 0.24
C ILE B 758 -30.69 44.34 0.94
N LYS B 759 -31.68 43.67 1.51
CA LYS B 759 -31.48 42.57 2.42
C LYS B 759 -31.53 41.25 1.65
N SER B 760 -30.52 40.40 1.84
CA SER B 760 -30.45 39.11 1.15
C SER B 760 -31.33 38.10 1.86
N VAL B 761 -31.78 37.09 1.12
CA VAL B 761 -32.73 36.15 1.69
C VAL B 761 -32.02 35.03 2.45
N GLY B 762 -30.88 34.59 1.96
CA GLY B 762 -30.10 33.66 2.73
C GLY B 762 -28.98 34.39 3.43
N LYS B 763 -29.10 35.71 3.51
CA LYS B 763 -27.96 36.55 3.83
C LYS B 763 -26.78 36.19 2.94
N ILE B 764 -26.99 36.35 1.64
CA ILE B 764 -26.01 36.04 0.62
C ILE B 764 -25.48 37.35 0.05
N GLU B 765 -24.15 37.44 -0.09
CA GLU B 765 -23.53 38.65 -0.61
C GLU B 765 -23.72 38.74 -2.12
N HIS B 766 -24.33 39.83 -2.57
CA HIS B 766 -24.47 40.08 -3.99
C HIS B 766 -23.16 39.78 -4.73
N SER B 767 -22.01 40.18 -4.18
CA SER B 767 -20.75 40.02 -4.90
C SER B 767 -20.32 38.55 -4.99
N PHE B 768 -20.50 37.78 -3.91
CA PHE B 768 -20.30 36.34 -4.01
C PHE B 768 -21.13 35.76 -5.16
N TRP B 769 -22.42 36.07 -5.15
CA TRP B 769 -23.36 35.45 -6.06
C TRP B 769 -23.03 35.77 -7.52
N ARG B 770 -22.60 37.01 -7.80
CA ARG B 770 -22.32 37.40 -9.17
C ARG B 770 -20.92 37.03 -9.62
N SER B 771 -20.03 36.78 -8.67
CA SER B 771 -18.67 36.34 -8.96
C SER B 771 -18.67 35.21 -9.98
N PHE B 772 -17.78 35.30 -10.96
CA PHE B 772 -17.70 34.29 -12.01
C PHE B 772 -17.33 32.94 -11.41
N HIS B 773 -18.06 31.89 -11.80
CA HIS B 773 -18.00 30.61 -11.11
C HIS B 773 -17.89 29.44 -12.09
N THR B 774 -16.69 28.87 -12.20
CA THR B 774 -16.44 27.58 -12.83
C THR B 774 -16.49 26.45 -11.81
N GLU B 775 -16.35 25.23 -12.33
CA GLU B 775 -16.30 24.05 -11.48
C GLU B 775 -15.14 24.14 -10.51
N ARG B 776 -14.02 24.74 -10.92
CA ARG B 776 -12.83 24.76 -10.08
C ARG B 776 -12.24 26.16 -9.90
N LYS B 777 -12.95 27.23 -10.28
CA LYS B 777 -12.45 28.60 -10.17
C LYS B 777 -13.57 29.54 -9.76
N THR B 778 -13.20 30.66 -9.13
CA THR B 778 -14.16 31.70 -8.74
C THR B 778 -13.42 33.02 -8.64
N GLU B 779 -13.71 33.94 -9.58
CA GLU B 779 -13.13 35.27 -9.75
C GLU B 779 -14.22 36.34 -9.75
N PRO B 780 -13.92 37.55 -9.28
CA PRO B 780 -14.99 38.54 -9.07
C PRO B 780 -15.43 39.18 -10.38
N ALA B 781 -16.73 39.39 -10.49
CA ALA B 781 -17.32 39.94 -11.70
C ALA B 781 -16.71 41.29 -12.07
N THR B 782 -16.73 41.60 -13.37
CA THR B 782 -16.12 42.82 -13.87
C THR B 782 -16.83 43.32 -15.12
N GLY B 783 -16.90 44.64 -15.27
CA GLY B 783 -17.45 45.23 -16.49
C GLY B 783 -18.91 44.93 -16.74
N PHE B 784 -19.66 44.53 -15.71
CA PHE B 784 -21.08 44.27 -15.78
C PHE B 784 -21.77 44.97 -14.62
N ILE B 785 -22.95 45.53 -14.89
CA ILE B 785 -23.80 46.12 -13.88
C ILE B 785 -25.02 45.23 -13.72
N ASP B 786 -25.36 44.89 -12.48
CA ASP B 786 -26.55 44.07 -12.26
C ASP B 786 -27.77 44.98 -12.21
N GLY B 787 -28.35 45.20 -13.40
CA GLY B 787 -29.52 46.05 -13.50
C GLY B 787 -30.67 45.59 -12.63
N ASP B 788 -30.78 44.28 -12.39
CA ASP B 788 -31.82 43.79 -11.49
C ASP B 788 -31.69 44.44 -10.12
N LEU B 789 -30.46 44.55 -9.60
CA LEU B 789 -30.28 45.23 -8.32
C LEU B 789 -30.46 46.73 -8.46
N ILE B 790 -29.78 47.31 -9.46
CA ILE B 790 -29.94 48.73 -9.74
C ILE B 790 -31.42 49.13 -9.72
N GLU B 791 -32.25 48.41 -10.47
CA GLU B 791 -33.67 48.79 -10.56
C GLU B 791 -34.39 48.60 -9.23
N SER B 792 -33.80 47.86 -8.30
CA SER B 792 -34.47 47.70 -7.01
C SER B 792 -34.47 49.00 -6.22
N PHE B 793 -33.69 49.99 -6.65
CA PHE B 793 -33.67 51.27 -5.94
C PHE B 793 -35.05 51.92 -5.93
N LEU B 794 -35.82 51.81 -7.02
CA LEU B 794 -37.12 52.46 -7.03
C LEU B 794 -38.11 51.76 -6.10
N ASP B 795 -37.82 50.54 -5.65
CA ASP B 795 -38.75 49.82 -4.78
C ASP B 795 -38.39 49.90 -3.29
N ILE B 796 -37.37 50.67 -2.92
CA ILE B 796 -36.99 50.80 -1.53
C ILE B 796 -37.58 52.07 -0.93
N SER B 797 -37.37 52.25 0.37
CA SER B 797 -38.01 53.33 1.11
C SER B 797 -37.30 54.66 0.84
N ARG B 798 -38.08 55.73 0.73
CA ARG B 798 -37.49 57.05 0.51
C ARG B 798 -36.54 57.45 1.64
N PRO B 799 -36.72 57.03 2.90
CA PRO B 799 -35.60 57.15 3.87
C PRO B 799 -34.35 56.40 3.42
N LYS B 800 -34.49 55.11 3.08
CA LYS B 800 -33.34 54.32 2.65
C LYS B 800 -32.76 54.84 1.33
N MET B 801 -33.62 55.26 0.40
CA MET B 801 -33.14 55.86 -0.85
C MET B 801 -32.08 56.91 -0.57
N GLN B 802 -32.37 57.84 0.32
CA GLN B 802 -31.42 58.91 0.62
C GLN B 802 -30.12 58.34 1.19
N GLU B 803 -30.21 57.26 1.97
CA GLU B 803 -29.00 56.71 2.58
C GLU B 803 -28.03 56.19 1.53
N VAL B 804 -28.56 55.58 0.47
CA VAL B 804 -27.70 55.05 -0.59
C VAL B 804 -27.18 56.15 -1.52
N VAL B 805 -27.79 57.34 -1.50
CA VAL B 805 -27.31 58.44 -2.32
C VAL B 805 -26.41 59.37 -1.54
N ALA B 806 -26.26 59.14 -0.23
CA ALA B 806 -25.56 60.04 0.67
C ALA B 806 -24.11 60.28 0.22
N ASN B 807 -23.76 61.55 0.02
CA ASN B 807 -22.39 61.94 -0.29
C ASN B 807 -21.69 61.59 -1.60
N LEU B 808 -22.33 61.91 -2.73
CA LEU B 808 -21.73 61.76 -4.05
C LEU B 808 -22.35 62.70 -5.06
N GLN B 809 -21.52 63.33 -5.91
CA GLN B 809 -22.01 64.30 -6.90
C GLN B 809 -21.92 63.80 -8.34
N GLU B 819 -23.44 66.27 -2.16
CA GLU B 819 -23.90 64.99 -2.63
C GLU B 819 -25.14 65.20 -3.56
N ALA B 820 -25.59 64.14 -4.26
CA ALA B 820 -26.75 64.22 -5.13
C ALA B 820 -27.96 63.62 -4.42
N THR B 821 -29.12 64.22 -4.64
CA THR B 821 -30.31 63.82 -3.91
C THR B 821 -30.83 62.50 -4.45
N ALA B 822 -31.89 62.01 -3.84
CA ALA B 822 -32.60 60.89 -4.43
C ALA B 822 -33.25 61.32 -5.75
N ASP B 823 -34.06 62.38 -5.70
CA ASP B 823 -34.98 62.69 -6.78
C ASP B 823 -34.31 62.75 -8.15
N ASP B 824 -33.02 63.07 -8.20
CA ASP B 824 -32.35 63.07 -9.49
C ASP B 824 -31.90 61.68 -9.90
N LEU B 825 -31.67 60.80 -8.93
CA LEU B 825 -31.34 59.40 -9.22
C LEU B 825 -32.58 58.59 -9.54
N ILE B 826 -33.72 58.95 -8.96
CA ILE B 826 -34.96 58.29 -9.31
C ILE B 826 -35.25 58.47 -10.80
N LYS B 827 -34.84 59.61 -11.36
CA LYS B 827 -34.99 59.81 -12.79
C LYS B 827 -34.10 58.84 -13.57
N VAL B 828 -32.81 58.80 -13.22
CA VAL B 828 -31.85 58.03 -14.00
C VAL B 828 -32.29 56.58 -14.12
N VAL B 829 -32.72 55.97 -13.01
CA VAL B 829 -33.15 54.58 -13.07
C VAL B 829 -34.35 54.44 -14.00
N GLU B 830 -35.31 55.36 -13.90
CA GLU B 830 -36.51 55.28 -14.74
C GLU B 830 -36.13 55.11 -16.20
N GLU B 831 -35.17 55.90 -16.70
CA GLU B 831 -34.70 55.71 -18.06
C GLU B 831 -34.35 54.24 -18.32
N LEU B 832 -33.72 53.59 -17.33
CA LEU B 832 -33.25 52.22 -17.52
C LEU B 832 -34.41 51.22 -17.55
N THR B 833 -35.39 51.39 -16.67
CA THR B 833 -36.56 50.53 -16.70
C THR B 833 -37.20 50.52 -18.08
N ARG B 834 -37.04 51.61 -18.83
CA ARG B 834 -37.65 51.74 -20.15
C ARG B 834 -37.04 50.82 -21.19
N ILE B 835 -35.79 50.39 -21.01
CA ILE B 835 -35.15 49.52 -22.01
C ILE B 835 -35.90 48.19 -22.16
N HIS B 836 -36.66 47.77 -21.14
CA HIS B 836 -37.47 46.56 -21.22
C HIS B 836 -38.87 46.86 -20.68
N SER C 3 35.36 -2.89 -37.43
CA SER C 3 35.27 -2.15 -36.17
C SER C 3 35.26 -0.64 -36.34
N LEU C 4 36.36 -0.10 -36.88
CA LEU C 4 36.47 1.29 -37.27
C LEU C 4 35.39 1.64 -38.27
N THR C 5 34.93 0.66 -39.04
CA THR C 5 33.91 0.86 -40.07
C THR C 5 32.46 0.48 -39.79
N THR C 6 32.08 0.33 -38.53
CA THR C 6 30.70 0.12 -38.15
C THR C 6 30.16 1.41 -37.56
N CYS C 7 28.90 1.69 -37.85
CA CYS C 7 28.28 2.89 -37.31
C CYS C 7 27.84 2.62 -35.88
N GLU C 8 28.19 3.54 -34.99
CA GLU C 8 27.77 3.42 -33.60
C GLU C 8 26.26 3.49 -33.42
N VAL C 9 25.53 4.06 -34.39
CA VAL C 9 24.13 4.44 -34.19
C VAL C 9 23.16 3.41 -34.76
N CYS C 10 23.41 2.98 -35.98
CA CYS C 10 22.54 2.03 -36.64
C CYS C 10 23.19 0.66 -36.81
N GLY C 11 24.51 0.58 -36.62
CA GLY C 11 25.20 -0.68 -36.72
C GLY C 11 25.63 -1.08 -38.11
N ALA C 12 25.80 -0.13 -39.02
CA ALA C 12 26.18 -0.45 -40.38
C ALA C 12 27.68 -0.76 -40.45
N CYS C 13 28.08 -1.51 -41.46
CA CYS C 13 29.49 -1.86 -41.60
C CYS C 13 29.96 -1.62 -43.04
N PHE C 14 30.88 -0.67 -43.23
CA PHE C 14 31.50 -0.34 -44.51
C PHE C 14 32.86 -0.97 -44.69
N GLU C 15 33.26 -1.11 -45.95
CA GLU C 15 34.60 -1.61 -46.20
C GLU C 15 35.65 -0.56 -45.82
N THR C 16 35.24 0.69 -45.67
CA THR C 16 36.17 1.81 -45.63
C THR C 16 35.80 2.80 -44.55
N ARG C 17 36.82 3.39 -43.92
CA ARG C 17 36.59 4.40 -42.88
C ARG C 17 36.24 5.77 -43.46
N LYS C 18 36.20 5.94 -44.78
CA LYS C 18 35.55 7.13 -45.33
C LYS C 18 34.06 6.91 -45.52
N GLY C 19 33.70 5.76 -46.08
CA GLY C 19 32.33 5.32 -46.16
C GLY C 19 31.60 5.60 -44.86
N LEU C 20 32.31 5.48 -43.74
CA LEU C 20 31.66 5.61 -42.44
C LEU C 20 31.35 7.07 -42.13
N SER C 21 32.22 7.99 -42.58
CA SER C 21 31.95 9.40 -42.29
C SER C 21 30.80 9.91 -43.17
N SER C 22 30.81 9.58 -44.46
CA SER C 22 29.71 10.00 -45.32
C SER C 22 28.39 9.43 -44.83
N HIS C 23 28.45 8.33 -44.08
CA HIS C 23 27.25 7.85 -43.40
C HIS C 23 26.92 8.71 -42.19
N ALA C 24 27.94 9.15 -41.44
CA ALA C 24 27.69 9.90 -40.22
C ALA C 24 26.92 11.20 -40.50
N ARG C 25 27.16 11.84 -41.65
CA ARG C 25 26.30 12.94 -42.05
C ARG C 25 24.83 12.55 -41.93
N SER C 26 24.42 11.52 -42.66
CA SER C 26 23.01 11.16 -42.76
C SER C 26 22.26 10.97 -41.43
N HIS C 27 22.99 10.80 -40.33
CA HIS C 27 22.41 10.95 -39.01
C HIS C 27 22.20 12.34 -38.44
N LEU C 28 23.11 13.27 -38.73
CA LEU C 28 22.97 14.67 -38.28
C LEU C 28 22.07 15.53 -39.22
N HIS D 4 14.97 -44.76 29.94
CA HIS D 4 14.21 -44.79 28.70
C HIS D 4 14.60 -43.64 27.79
N ASP D 5 13.81 -43.44 26.73
CA ASP D 5 14.05 -42.37 25.77
C ASP D 5 13.09 -41.22 26.03
N ASP D 6 13.28 -40.11 25.31
CA ASP D 6 12.59 -38.87 25.65
C ASP D 6 11.07 -39.01 25.47
N ASP D 7 10.61 -39.40 24.27
CA ASP D 7 9.19 -39.64 23.99
C ASP D 7 8.88 -41.12 23.92
N SER D 8 9.45 -41.92 24.81
CA SER D 8 9.26 -43.37 24.71
C SER D 8 7.91 -43.77 25.25
N CYS D 9 7.37 -44.85 24.69
CA CYS D 9 6.18 -45.50 25.22
C CYS D 9 6.63 -46.74 25.98
N GLN D 10 6.36 -46.79 27.28
CA GLN D 10 6.85 -47.85 28.14
C GLN D 10 5.70 -48.43 28.95
N VAL D 11 5.86 -49.69 29.36
CA VAL D 11 4.89 -50.37 30.21
C VAL D 11 5.57 -50.60 31.55
N ILE D 12 5.27 -49.77 32.53
CA ILE D 12 5.99 -49.75 33.80
C ILE D 12 5.01 -50.13 34.90
N PRO D 13 5.37 -51.01 35.83
CA PRO D 13 4.45 -51.36 36.91
C PRO D 13 4.28 -50.22 37.88
N VAL D 14 3.09 -50.12 38.44
CA VAL D 14 2.72 -49.01 39.31
C VAL D 14 2.86 -49.43 40.76
N LEU D 15 3.44 -48.57 41.58
CA LEU D 15 3.40 -48.82 43.02
C LEU D 15 1.95 -48.78 43.48
N PRO D 16 1.48 -49.78 44.22
CA PRO D 16 0.03 -49.95 44.46
C PRO D 16 -0.72 -48.73 44.98
N GLN D 17 -0.47 -48.32 46.22
CA GLN D 17 -1.22 -47.21 46.81
C GLN D 17 -0.42 -45.91 46.72
N VAL D 18 -0.20 -45.45 45.48
CA VAL D 18 0.49 -44.20 45.23
C VAL D 18 -0.51 -43.06 45.25
N MET D 19 -0.12 -41.94 45.84
CA MET D 19 -0.97 -40.75 45.85
C MET D 19 -0.15 -39.48 46.01
N MET D 20 0.96 -39.37 45.28
CA MET D 20 1.91 -38.30 45.51
C MET D 20 2.28 -37.61 44.20
N ILE D 21 2.73 -36.38 44.35
CA ILE D 21 3.45 -35.68 43.28
C ILE D 21 4.93 -35.93 43.56
N LEU D 22 5.55 -36.78 42.78
CA LEU D 22 6.94 -37.10 42.99
C LEU D 22 7.79 -36.33 41.99
N ILE D 23 8.65 -35.44 42.48
CA ILE D 23 9.49 -34.69 41.55
C ILE D 23 10.77 -35.47 41.30
N PRO D 24 11.33 -35.42 40.09
CA PRO D 24 12.57 -36.16 39.82
C PRO D 24 13.67 -35.70 40.75
N GLY D 25 14.39 -36.67 41.34
CA GLY D 25 15.49 -36.42 42.26
C GLY D 25 15.08 -36.47 43.72
N GLN D 26 13.87 -35.99 44.03
CA GLN D 26 13.27 -36.22 45.32
C GLN D 26 13.30 -37.70 45.64
N THR D 27 13.53 -38.05 46.90
CA THR D 27 13.62 -39.45 47.29
C THR D 27 12.39 -39.97 48.01
N LEU D 28 11.85 -41.04 47.48
CA LEU D 28 10.64 -41.65 47.99
C LEU D 28 11.02 -42.78 48.93
N PRO D 29 10.91 -42.59 50.24
CA PRO D 29 11.15 -43.71 51.16
C PRO D 29 9.90 -44.55 51.34
N LEU D 30 10.09 -45.86 51.38
CA LEU D 30 8.98 -46.82 51.58
C LEU D 30 9.35 -47.83 52.67
N GLN D 31 8.34 -48.22 53.49
CA GLN D 31 8.39 -49.37 54.38
C GLN D 31 7.35 -50.35 53.85
N LEU D 32 7.76 -51.26 52.99
CA LEU D 32 6.85 -52.23 52.43
C LEU D 32 6.54 -53.28 53.48
N PHE D 33 5.32 -53.78 53.47
CA PHE D 33 4.92 -54.84 54.39
C PHE D 33 4.18 -55.98 53.71
N HIS D 34 3.55 -55.75 52.57
CA HIS D 34 2.61 -56.71 51.98
C HIS D 34 3.32 -57.56 50.92
N PRO D 35 3.06 -58.90 50.89
CA PRO D 35 3.78 -59.76 49.95
C PRO D 35 3.58 -59.48 48.47
N GLN D 36 2.34 -59.35 47.99
CA GLN D 36 2.07 -59.09 46.57
C GLN D 36 2.97 -57.96 46.09
N GLU D 37 3.16 -56.96 46.96
CA GLU D 37 4.03 -55.83 46.63
C GLU D 37 5.50 -56.26 46.61
N VAL D 38 6.02 -56.72 47.76
CA VAL D 38 7.41 -57.15 47.85
C VAL D 38 7.76 -58.15 46.76
N SER D 39 6.79 -58.96 46.32
CA SER D 39 7.04 -59.85 45.20
C SER D 39 7.43 -59.06 43.96
N MET D 40 6.68 -57.98 43.68
CA MET D 40 7.00 -57.12 42.55
C MET D 40 8.36 -56.44 42.75
N VAL D 41 8.62 -55.97 43.97
CA VAL D 41 9.87 -55.27 44.27
C VAL D 41 11.06 -56.17 43.99
N ARG D 42 11.11 -57.33 44.66
CA ARG D 42 12.17 -58.31 44.41
C ARG D 42 12.34 -58.50 42.92
N ASN D 43 11.29 -58.97 42.25
CA ASN D 43 11.33 -59.14 40.80
C ASN D 43 11.94 -57.92 40.11
N LEU D 44 11.69 -56.72 40.63
CA LEU D 44 12.09 -55.48 39.95
C LEU D 44 13.59 -55.23 40.07
N ILE D 45 14.13 -55.34 41.27
CA ILE D 45 15.57 -55.00 41.46
C ILE D 45 16.39 -55.85 40.49
N GLN D 46 15.80 -56.94 40.00
CA GLN D 46 16.51 -57.85 39.06
C GLN D 46 16.29 -57.35 37.62
N LYS D 47 15.76 -56.15 37.46
CA LYS D 47 15.45 -55.63 36.11
C LYS D 47 15.82 -54.15 35.99
N ASP D 48 14.87 -53.29 35.62
CA ASP D 48 15.14 -51.85 35.44
C ASP D 48 15.06 -51.17 36.80
N ARG D 49 14.66 -51.91 37.84
CA ARG D 49 14.54 -51.33 39.20
C ARG D 49 13.73 -50.03 39.11
N THR D 50 12.63 -50.03 38.36
CA THR D 50 11.81 -48.83 38.20
C THR D 50 10.31 -49.16 38.27
N PHE D 51 9.58 -48.42 39.09
CA PHE D 51 8.12 -48.44 39.07
C PHE D 51 7.61 -47.05 38.70
N ALA D 52 6.29 -46.87 38.85
CA ALA D 52 5.63 -45.60 38.51
C ALA D 52 4.92 -45.05 39.75
N VAL D 53 5.11 -43.76 40.00
CA VAL D 53 4.39 -43.04 41.04
C VAL D 53 3.35 -42.16 40.38
N LEU D 54 2.13 -42.25 40.87
CA LEU D 54 1.00 -41.62 40.21
C LEU D 54 0.49 -40.46 41.06
N ALA D 55 0.23 -39.34 40.39
CA ALA D 55 -0.49 -38.21 40.98
C ALA D 55 -1.94 -38.30 40.54
N TYR D 56 -2.85 -37.85 41.41
CA TYR D 56 -4.24 -37.76 40.99
C TYR D 56 -4.82 -36.35 41.09
N ALA D 64 -6.22 -38.45 38.45
CA ALA D 64 -5.57 -37.82 37.31
C ALA D 64 -4.61 -38.78 36.57
N GLN D 65 -3.91 -38.26 35.55
CA GLN D 65 -3.24 -39.09 34.56
C GLN D 65 -1.82 -38.59 34.27
N PHE D 66 -1.04 -38.29 35.30
CA PHE D 66 0.40 -38.08 35.12
C PHE D 66 1.13 -38.70 36.30
N GLY D 67 2.46 -38.60 36.29
CA GLY D 67 3.25 -39.17 37.36
C GLY D 67 4.72 -39.19 37.01
N THR D 68 5.51 -39.81 37.89
CA THR D 68 6.95 -39.92 37.72
C THR D 68 7.39 -41.34 38.00
N THR D 69 8.40 -41.80 37.26
CA THR D 69 9.02 -43.08 37.57
C THR D 69 9.96 -42.91 38.74
N ALA D 70 10.12 -43.99 39.51
CA ALA D 70 11.06 -44.02 40.63
C ALA D 70 11.93 -45.26 40.56
N GLU D 71 13.25 -45.06 40.67
CA GLU D 71 14.25 -46.13 40.64
C GLU D 71 14.60 -46.58 42.05
N ILE D 72 14.45 -47.87 42.32
CA ILE D 72 14.95 -48.40 43.58
C ILE D 72 16.46 -48.28 43.59
N TYR D 73 17.00 -47.73 44.68
CA TYR D 73 18.44 -47.64 44.85
C TYR D 73 18.89 -48.09 46.23
N ALA D 74 17.96 -48.45 47.10
CA ALA D 74 18.27 -49.04 48.40
C ALA D 74 17.20 -50.07 48.73
N TYR D 75 17.62 -51.17 49.35
CA TYR D 75 16.70 -52.26 49.68
C TYR D 75 17.26 -52.96 50.90
N ARG D 76 16.39 -53.26 51.89
CA ARG D 76 16.80 -54.02 53.07
C ARG D 76 15.60 -54.76 53.64
N GLU D 77 15.76 -56.07 53.81
CA GLU D 77 14.79 -56.86 54.54
C GLU D 77 15.09 -56.81 56.04
N GLU D 78 14.04 -56.80 56.86
CA GLU D 78 14.26 -56.70 58.31
C GLU D 78 13.02 -57.15 59.10
N GLN D 79 12.88 -58.47 59.30
CA GLN D 79 11.71 -59.02 59.96
C GLN D 79 11.57 -58.44 61.37
N ASP D 80 10.57 -57.57 61.58
CA ASP D 80 10.36 -56.89 62.86
C ASP D 80 9.41 -57.72 63.71
N PHE D 81 9.87 -58.09 64.91
CA PHE D 81 9.16 -59.02 65.80
C PHE D 81 8.96 -60.18 64.83
N GLY D 82 7.73 -60.66 64.72
CA GLY D 82 7.39 -61.64 63.72
C GLY D 82 6.95 -61.20 62.33
N ILE D 83 6.89 -59.89 62.11
CA ILE D 83 6.42 -59.34 60.85
C ILE D 83 7.63 -59.05 59.97
N GLU D 84 7.68 -59.67 58.79
CA GLU D 84 8.72 -59.41 57.80
C GLU D 84 8.51 -58.03 57.15
N ILE D 85 9.50 -57.16 57.25
CA ILE D 85 9.43 -55.81 56.70
C ILE D 85 10.49 -55.66 55.62
N VAL D 86 10.17 -54.87 54.60
CA VAL D 86 11.13 -54.44 53.59
C VAL D 86 11.20 -52.94 53.65
N LYS D 87 12.41 -52.41 53.61
CA LYS D 87 12.62 -50.97 53.58
C LYS D 87 13.34 -50.67 52.27
N VAL D 88 12.62 -50.06 51.33
CA VAL D 88 13.17 -49.64 50.04
C VAL D 88 13.25 -48.11 50.01
N LYS D 89 14.17 -47.60 49.20
CA LYS D 89 14.23 -46.17 48.87
C LYS D 89 14.38 -46.07 47.36
N ALA D 90 13.74 -45.06 46.76
CA ALA D 90 13.80 -44.87 45.32
C ALA D 90 13.88 -43.39 45.05
N ILE D 91 14.29 -43.06 43.84
CA ILE D 91 14.50 -41.68 43.48
C ILE D 91 13.70 -41.38 42.21
N GLY D 92 13.24 -40.13 42.09
CA GLY D 92 12.47 -39.73 40.93
C GLY D 92 13.34 -39.64 39.69
N ARG D 93 12.80 -40.11 38.57
CA ARG D 93 13.62 -40.25 37.38
C ARG D 93 13.01 -39.52 36.19
N GLN D 94 11.96 -40.09 35.59
CA GLN D 94 11.32 -39.47 34.44
C GLN D 94 9.85 -39.18 34.73
N ARG D 95 9.36 -38.07 34.17
CA ARG D 95 7.97 -37.68 34.19
C ARG D 95 7.24 -38.29 33.01
N PHE D 96 5.95 -38.51 33.17
CA PHE D 96 5.20 -39.22 32.13
C PHE D 96 3.72 -38.86 32.18
N LYS D 97 3.04 -39.10 31.07
CA LYS D 97 1.58 -39.10 31.01
C LYS D 97 1.12 -40.53 30.81
N VAL D 98 0.01 -40.93 31.46
CA VAL D 98 -0.47 -42.31 31.35
C VAL D 98 -1.44 -42.45 30.18
N LEU D 99 -1.29 -43.55 29.46
CA LEU D 99 -2.11 -43.87 28.29
C LEU D 99 -3.16 -44.92 28.60
N GLU D 100 -2.73 -46.12 29.02
CA GLU D 100 -3.58 -47.19 29.52
C GLU D 100 -3.13 -47.55 30.93
N LEU D 101 -3.96 -48.30 31.64
CA LEU D 101 -3.67 -48.66 33.03
C LEU D 101 -4.39 -49.98 33.38
N ARG D 102 -4.12 -51.03 32.62
CA ARG D 102 -4.71 -52.33 32.91
C ARG D 102 -4.27 -52.83 34.29
N THR D 103 -5.25 -53.19 35.14
CA THR D 103 -4.93 -53.82 36.42
C THR D 103 -4.74 -55.33 36.25
N GLN D 104 -3.89 -55.90 37.09
CA GLN D 104 -3.72 -57.34 37.12
C GLN D 104 -4.67 -57.96 38.13
N SER D 105 -5.00 -59.23 37.92
CA SER D 105 -5.74 -59.97 38.94
C SER D 105 -4.95 -60.02 40.25
N ASP D 106 -3.61 -60.13 40.14
CA ASP D 106 -2.76 -60.06 41.33
C ASP D 106 -2.96 -58.74 42.07
N GLY D 107 -3.02 -57.63 41.34
CA GLY D 107 -3.23 -56.31 41.91
C GLY D 107 -2.30 -55.27 41.33
N ILE D 108 -1.01 -55.61 41.25
CA ILE D 108 0.02 -54.71 40.75
C ILE D 108 -0.50 -54.19 39.42
N GLN D 109 -0.63 -52.87 39.30
CA GLN D 109 -1.17 -52.29 38.08
C GLN D 109 0.03 -52.08 37.15
N GLN D 110 -0.21 -52.26 35.86
CA GLN D 110 0.71 -51.85 34.82
C GLN D 110 0.18 -50.62 34.09
N ALA D 111 1.08 -49.83 33.52
CA ALA D 111 0.70 -48.57 32.91
C ALA D 111 1.42 -48.33 31.59
N LYS D 112 0.63 -48.07 30.55
CA LYS D 112 1.19 -47.55 29.30
C LYS D 112 1.47 -46.07 29.51
N VAL D 113 2.75 -45.73 29.50
CA VAL D 113 3.24 -44.44 29.95
C VAL D 113 3.93 -43.77 28.78
N GLN D 114 3.65 -42.48 28.60
CA GLN D 114 4.30 -41.64 27.61
C GLN D 114 5.24 -40.72 28.39
N ILE D 115 6.55 -40.99 28.31
CA ILE D 115 7.52 -40.17 29.03
C ILE D 115 7.45 -38.75 28.48
N LEU D 116 7.19 -37.78 29.35
CA LEU D 116 7.07 -36.41 28.90
C LEU D 116 8.44 -35.93 28.40
N PRO D 117 8.46 -34.87 27.62
CA PRO D 117 9.71 -34.42 27.00
C PRO D 117 10.64 -33.75 27.99
N GLU D 118 11.95 -33.93 27.77
CA GLU D 118 13.00 -33.12 28.39
C GLU D 118 13.92 -32.59 27.28
N CYS D 119 13.46 -31.53 26.63
CA CYS D 119 14.18 -30.92 25.52
C CYS D 119 15.43 -30.24 26.04
N VAL D 120 16.58 -30.61 25.48
CA VAL D 120 17.87 -29.99 25.79
C VAL D 120 18.25 -29.16 24.58
N LEU D 121 18.59 -27.90 24.79
CA LEU D 121 18.85 -26.98 23.69
C LEU D 121 20.27 -26.43 23.72
N PRO D 122 20.91 -26.32 22.56
CA PRO D 122 22.26 -25.76 22.52
C PRO D 122 22.26 -24.31 22.96
N SER D 123 23.46 -23.77 23.13
CA SER D 123 23.56 -22.33 23.34
C SER D 123 22.91 -21.59 22.17
N THR D 124 22.17 -20.54 22.48
CA THR D 124 21.54 -19.79 21.40
C THR D 124 22.54 -19.34 20.37
N MET D 125 23.78 -19.04 20.79
CA MET D 125 24.78 -18.56 19.84
C MET D 125 25.37 -19.68 18.99
N SER D 126 25.15 -20.94 19.36
CA SER D 126 25.69 -22.06 18.59
C SER D 126 25.46 -21.86 17.09
N ALA D 127 24.24 -21.49 16.71
CA ALA D 127 23.89 -21.43 15.30
C ALA D 127 24.52 -20.23 14.60
N VAL D 128 24.63 -19.10 15.27
CA VAL D 128 25.20 -17.90 14.62
C VAL D 128 26.62 -17.64 15.09
N GLN D 129 27.31 -18.65 15.61
CA GLN D 129 28.69 -18.46 16.01
C GLN D 129 29.55 -18.27 14.77
N LEU D 130 30.46 -17.30 14.84
CA LEU D 130 31.47 -17.09 13.82
C LEU D 130 32.65 -18.02 14.05
N GLU D 131 32.93 -18.87 13.06
CA GLU D 131 34.03 -19.83 13.14
C GLU D 131 35.29 -19.23 13.75
N SER D 132 35.70 -18.04 13.29
CA SER D 132 36.94 -17.45 13.81
C SER D 132 36.85 -17.21 15.30
N LEU D 133 35.64 -16.91 15.80
CA LEU D 133 35.41 -16.63 17.21
C LEU D 133 35.25 -17.89 18.05
N ASN D 134 35.07 -19.06 17.41
CA ASN D 134 34.81 -20.27 18.17
C ASN D 134 35.91 -20.53 19.20
N LYS D 135 37.16 -20.15 18.88
CA LYS D 135 38.29 -20.39 19.79
C LYS D 135 38.12 -19.67 21.12
N CYS D 136 37.53 -18.48 21.13
CA CYS D 136 37.38 -17.65 22.31
C CYS D 136 36.16 -18.02 23.16
N GLN D 137 35.52 -19.15 22.90
CA GLN D 137 34.32 -19.54 23.59
C GLN D 137 34.59 -20.33 24.87
N ILE D 138 35.84 -20.63 25.18
CA ILE D 138 36.18 -21.20 26.47
C ILE D 138 36.66 -20.06 27.35
N PHE D 139 35.90 -19.74 28.41
CA PHE D 139 36.23 -18.60 29.24
C PHE D 139 37.02 -19.04 30.48
N PRO D 140 37.99 -18.26 30.93
CA PRO D 140 38.72 -18.65 32.13
C PRO D 140 37.78 -18.80 33.31
N SER D 141 38.11 -19.71 34.22
CA SER D 141 37.23 -20.03 35.34
C SER D 141 36.85 -18.78 36.12
N LYS D 142 35.64 -18.78 36.68
CA LYS D 142 35.14 -17.66 37.47
C LYS D 142 35.73 -17.66 38.88
N PRO D 143 36.61 -16.71 39.22
CA PRO D 143 37.08 -16.60 40.60
C PRO D 143 35.93 -16.17 41.51
N VAL D 144 35.75 -16.89 42.61
CA VAL D 144 34.64 -16.63 43.51
C VAL D 144 34.79 -15.31 44.26
N SER D 151 30.94 -11.61 41.28
CA SER D 151 31.19 -10.20 40.99
C SER D 151 30.55 -9.81 39.64
N TYR D 152 29.80 -8.70 39.59
CA TYR D 152 29.11 -8.31 38.36
C TYR D 152 30.06 -8.23 37.16
N LYS D 153 31.31 -7.80 37.40
CA LYS D 153 32.27 -7.63 36.31
C LYS D 153 32.43 -8.90 35.50
N TRP D 154 32.45 -10.06 36.18
CA TRP D 154 32.49 -11.32 35.46
C TRP D 154 31.23 -11.52 34.62
N TRP D 155 30.05 -11.56 35.26
CA TRP D 155 28.83 -11.87 34.53
C TRP D 155 28.49 -10.81 33.47
N GLN D 156 29.15 -9.66 33.51
CA GLN D 156 29.01 -8.71 32.41
C GLN D 156 29.99 -9.03 31.28
N LYS D 157 31.25 -9.30 31.62
CA LYS D 157 32.17 -9.79 30.61
C LYS D 157 31.67 -11.12 30.06
N TYR D 158 30.97 -11.91 30.88
CA TYR D 158 30.42 -13.16 30.40
C TYR D 158 29.42 -12.91 29.29
N GLN D 159 28.49 -11.97 29.52
CA GLN D 159 27.49 -11.66 28.51
C GLN D 159 28.11 -11.08 27.26
N LYS D 160 29.15 -10.25 27.39
CA LYS D 160 29.77 -9.65 26.21
C LYS D 160 30.43 -10.70 25.32
N ARG D 161 31.09 -11.70 25.91
CA ARG D 161 31.74 -12.71 25.08
C ARG D 161 30.73 -13.73 24.54
N LYS D 162 29.85 -14.26 25.40
CA LYS D 162 29.02 -15.41 25.03
C LYS D 162 27.98 -15.06 23.98
N PHE D 163 27.49 -13.82 23.99
CA PHE D 163 26.40 -13.37 23.11
C PHE D 163 26.87 -12.30 22.13
N HIS D 164 28.17 -12.28 21.83
CA HIS D 164 28.73 -11.29 20.92
C HIS D 164 28.09 -11.37 19.53
N CYS D 165 27.97 -12.59 18.99
CA CYS D 165 27.33 -12.84 17.71
C CYS D 165 25.83 -12.62 17.74
N ALA D 166 25.26 -12.21 18.86
CA ALA D 166 23.89 -11.75 18.78
C ALA D 166 23.83 -10.51 17.89
N ASN D 167 25.00 -9.96 17.56
CA ASN D 167 25.08 -8.81 16.65
C ASN D 167 24.70 -9.18 15.23
N LEU D 168 24.80 -10.45 14.88
CA LEU D 168 24.31 -10.91 13.59
C LEU D 168 22.80 -11.18 13.56
N THR D 169 22.10 -10.98 14.68
CA THR D 169 20.69 -11.33 14.76
C THR D 169 19.84 -10.09 15.06
N SER D 170 18.53 -10.29 15.09
CA SER D 170 17.59 -9.20 15.27
C SER D 170 17.33 -8.83 16.71
N TRP D 171 18.00 -9.47 17.66
CA TRP D 171 17.84 -9.21 19.08
C TRP D 171 19.17 -8.95 19.76
N PRO D 172 19.16 -8.32 20.96
CA PRO D 172 20.42 -7.95 21.63
C PRO D 172 20.92 -8.95 22.69
N ARG D 173 22.12 -8.69 23.19
CA ARG D 173 22.74 -9.56 24.20
C ARG D 173 21.80 -9.83 25.38
N TRP D 174 21.26 -8.77 25.98
CA TRP D 174 20.51 -8.94 27.21
C TRP D 174 19.27 -9.80 27.02
N LEU D 175 18.71 -9.83 25.80
CA LEU D 175 17.63 -10.76 25.52
C LEU D 175 18.12 -12.20 25.66
N TYR D 176 19.12 -12.57 24.87
CA TYR D 176 19.59 -13.95 24.91
C TYR D 176 20.00 -14.33 26.33
N SER D 177 20.41 -13.36 27.16
CA SER D 177 20.70 -13.69 28.56
C SER D 177 19.47 -14.25 29.26
N LEU D 178 18.33 -13.58 29.09
CA LEU D 178 17.12 -14.05 29.74
C LEU D 178 16.83 -15.53 29.43
N TYR D 179 17.43 -16.11 28.38
CA TYR D 179 17.15 -17.51 28.06
C TYR D 179 18.39 -18.39 28.19
N ASP D 180 19.42 -17.94 28.90
CA ASP D 180 20.69 -18.64 28.97
C ASP D 180 20.83 -19.42 30.27
N ALA D 181 20.83 -20.76 30.17
CA ALA D 181 20.87 -21.67 31.32
C ALA D 181 21.83 -21.28 32.48
N GLU D 182 23.10 -21.01 32.16
CA GLU D 182 24.09 -20.78 33.16
C GLU D 182 23.73 -19.43 33.90
N THR D 183 23.21 -18.44 33.14
CA THR D 183 22.75 -17.16 33.70
C THR D 183 21.49 -17.34 34.55
N LEU D 184 20.53 -18.15 34.10
CA LEU D 184 19.34 -18.32 34.92
C LEU D 184 19.66 -19.01 36.24
N MET D 185 20.48 -20.06 36.20
CA MET D 185 20.86 -20.75 37.43
C MET D 185 21.50 -19.79 38.42
N ASP D 186 22.38 -18.90 37.94
CA ASP D 186 23.04 -17.98 38.87
C ASP D 186 22.03 -17.03 39.51
N ARG D 187 21.13 -16.46 38.72
CA ARG D 187 20.07 -15.60 39.29
C ARG D 187 19.24 -16.35 40.35
N ILE D 188 18.95 -17.62 40.12
CA ILE D 188 18.14 -18.38 41.09
C ILE D 188 18.94 -18.66 42.35
N LYS D 189 20.22 -18.96 42.21
CA LYS D 189 21.09 -19.11 43.37
C LYS D 189 21.13 -17.83 44.18
N LYS D 190 21.38 -16.70 43.51
CA LYS D 190 21.49 -15.44 44.25
C LYS D 190 20.30 -15.24 45.18
N GLN D 191 19.07 -15.36 44.65
CA GLN D 191 17.88 -15.20 45.47
C GLN D 191 17.82 -16.23 46.58
N LEU D 192 18.16 -17.49 46.26
CA LEU D 192 18.19 -18.50 47.31
C LEU D 192 19.17 -18.16 48.43
N ARG D 193 20.28 -17.48 48.11
CA ARG D 193 21.22 -17.06 49.14
C ARG D 193 20.59 -16.02 50.06
N GLU D 194 19.57 -15.31 49.57
CA GLU D 194 18.82 -14.41 50.44
C GLU D 194 18.15 -15.18 51.59
N TRP D 195 17.65 -16.38 51.29
CA TRP D 195 16.99 -17.26 52.25
C TRP D 195 17.96 -18.13 53.03
N ASP D 196 19.25 -18.02 52.79
CA ASP D 196 20.14 -18.98 53.42
C ASP D 196 21.56 -18.57 53.08
N GLU D 197 22.47 -18.68 54.05
CA GLU D 197 23.89 -18.51 53.81
C GLU D 197 24.40 -19.95 53.64
N ASN D 198 24.25 -20.44 52.41
CA ASN D 198 24.63 -21.85 52.13
C ASN D 198 25.85 -21.89 51.21
N LEU D 199 26.01 -23.00 50.49
CA LEU D 199 27.22 -23.15 49.64
C LEU D 199 26.82 -23.24 48.17
N LYS D 200 27.76 -23.00 47.26
CA LYS D 200 27.48 -23.16 45.82
C LYS D 200 27.98 -24.55 45.41
N ASP D 201 29.04 -25.00 46.08
CA ASP D 201 29.60 -26.34 45.79
C ASP D 201 28.59 -27.40 46.21
N ASP D 202 28.56 -28.54 45.51
CA ASP D 202 27.65 -29.65 45.88
C ASP D 202 26.22 -29.10 46.02
N SER D 203 25.89 -28.55 47.19
CA SER D 203 24.56 -27.93 47.43
C SER D 203 23.65 -28.08 46.21
N LEU D 204 23.84 -27.22 45.20
CA LEU D 204 22.90 -27.24 44.06
C LEU D 204 23.54 -27.90 42.83
N PRO D 205 22.77 -28.67 42.04
CA PRO D 205 23.32 -29.38 40.88
C PRO D 205 23.93 -28.46 39.82
N SER D 206 24.68 -29.05 38.90
CA SER D 206 25.34 -28.26 37.88
C SER D 206 24.63 -28.33 36.55
N ASN D 207 24.19 -29.53 36.17
CA ASN D 207 23.38 -29.69 34.97
C ASN D 207 22.09 -28.91 35.16
N PRO D 208 21.67 -28.09 34.18
CA PRO D 208 20.47 -27.27 34.39
C PRO D 208 19.19 -28.08 34.44
N ILE D 209 19.16 -29.26 33.81
CA ILE D 209 18.05 -30.17 34.03
C ILE D 209 17.87 -30.43 35.52
N ASP D 210 18.90 -30.97 36.16
CA ASP D 210 18.74 -31.36 37.57
C ASP D 210 18.53 -30.16 38.48
N PHE D 211 19.14 -29.02 38.14
CA PHE D 211 18.95 -27.81 38.94
C PHE D 211 17.50 -27.34 38.85
N SER D 212 16.90 -27.40 37.66
CA SER D 212 15.49 -27.00 37.56
C SER D 212 14.63 -27.83 38.50
N TYR D 213 14.84 -29.16 38.54
CA TYR D 213 13.98 -30.00 39.36
C TYR D 213 14.30 -29.87 40.83
N ARG D 214 15.54 -29.52 41.16
CA ARG D 214 15.87 -29.29 42.57
C ARG D 214 15.12 -28.06 43.09
N VAL D 215 15.07 -26.99 42.29
CA VAL D 215 14.39 -25.77 42.67
C VAL D 215 12.88 -26.00 42.78
N ALA D 216 12.32 -26.81 41.89
CA ALA D 216 10.91 -27.17 42.07
C ALA D 216 10.67 -27.74 43.45
N ALA D 217 11.62 -28.57 43.92
CA ALA D 217 11.50 -29.28 45.19
C ALA D 217 11.78 -28.42 46.42
N CYS D 218 12.48 -27.30 46.29
CA CYS D 218 12.83 -26.48 47.44
C CYS D 218 11.94 -25.26 47.61
N LEU D 219 11.26 -24.82 46.58
CA LEU D 219 10.39 -23.65 46.67
C LEU D 219 9.17 -23.93 47.54
N PRO D 220 8.75 -22.95 48.35
CA PRO D 220 7.51 -23.08 49.12
C PRO D 220 6.27 -22.89 48.24
N ILE D 221 6.10 -23.77 47.25
CA ILE D 221 4.97 -23.70 46.32
C ILE D 221 3.98 -24.81 46.67
N ASP D 222 2.75 -24.61 46.23
CA ASP D 222 1.67 -25.56 46.42
C ASP D 222 1.74 -26.61 45.32
N ASP D 223 0.88 -27.63 45.41
CA ASP D 223 1.06 -28.77 44.50
C ASP D 223 0.82 -28.37 43.05
N VAL D 224 -0.16 -27.49 42.79
CA VAL D 224 -0.46 -27.14 41.39
C VAL D 224 0.76 -26.49 40.73
N LEU D 225 1.47 -25.64 41.46
CA LEU D 225 2.68 -25.05 40.89
C LEU D 225 3.78 -26.09 40.71
N ARG D 226 3.83 -27.09 41.61
CA ARG D 226 4.74 -28.23 41.44
C ARG D 226 4.42 -29.00 40.16
N ILE D 227 3.16 -29.35 39.96
CA ILE D 227 2.81 -30.07 38.74
C ILE D 227 3.14 -29.24 37.51
N GLN D 228 2.80 -27.96 37.53
CA GLN D 228 3.11 -27.14 36.36
C GLN D 228 4.58 -27.26 36.00
N LEU D 229 5.48 -26.99 36.95
CA LEU D 229 6.91 -27.12 36.65
C LEU D 229 7.21 -28.50 36.08
N LEU D 230 6.49 -29.53 36.53
CA LEU D 230 6.72 -30.86 36.02
C LEU D 230 6.23 -31.03 34.59
N LYS D 231 5.24 -30.27 34.16
CA LYS D 231 4.78 -30.45 32.80
C LYS D 231 5.53 -29.59 31.80
N ILE D 232 6.25 -28.57 32.27
CA ILE D 232 7.07 -27.79 31.37
C ILE D 232 8.05 -28.71 30.65
N GLY D 233 8.37 -28.36 29.40
CA GLY D 233 9.09 -29.20 28.48
C GLY D 233 10.59 -28.99 28.37
N SER D 234 11.16 -28.00 29.07
CA SER D 234 12.59 -27.77 28.99
C SER D 234 13.10 -27.12 30.27
N ALA D 235 14.28 -27.55 30.70
CA ALA D 235 14.88 -26.96 31.88
C ALA D 235 15.02 -25.44 31.74
N ILE D 236 15.19 -24.92 30.52
CA ILE D 236 15.27 -23.47 30.37
C ILE D 236 13.93 -22.83 30.74
N GLN D 237 12.85 -23.32 30.14
CA GLN D 237 11.54 -22.75 30.46
C GLN D 237 11.19 -22.99 31.93
N ARG D 238 11.67 -24.09 32.50
CA ARG D 238 11.34 -24.41 33.89
C ARG D 238 12.04 -23.44 34.84
N LEU D 239 13.33 -23.18 34.61
CA LEU D 239 14.07 -22.18 35.37
C LEU D 239 13.40 -20.82 35.28
N ARG D 240 13.11 -20.36 34.06
CA ARG D 240 12.46 -19.07 33.88
C ARG D 240 11.16 -19.01 34.67
N CYS D 241 10.35 -20.06 34.56
CA CYS D 241 9.12 -20.12 35.34
C CYS D 241 9.41 -20.05 36.84
N GLU D 242 10.30 -20.92 37.32
CA GLU D 242 10.72 -20.84 38.72
C GLU D 242 11.13 -19.42 39.07
N LEU D 243 12.07 -18.88 38.32
CA LEU D 243 12.48 -17.51 38.54
C LEU D 243 11.26 -16.59 38.64
N ASP D 244 10.21 -16.86 37.84
CA ASP D 244 9.04 -15.98 37.84
C ASP D 244 8.22 -16.15 39.11
N ILE D 245 8.15 -17.37 39.63
CA ILE D 245 7.44 -17.60 40.88
C ILE D 245 8.15 -16.87 42.02
N MET D 246 9.48 -16.97 42.08
CA MET D 246 10.23 -16.34 43.17
C MET D 246 10.17 -14.82 43.11
N ASN D 247 9.86 -14.27 41.96
CA ASN D 247 9.78 -12.82 41.86
C ASN D 247 8.36 -12.32 41.96
N LYS D 248 7.39 -13.11 41.49
CA LYS D 248 6.00 -12.70 41.38
C LYS D 248 5.08 -13.23 42.48
N CYS D 249 5.39 -14.39 43.08
CA CYS D 249 4.51 -15.00 44.10
C CYS D 249 5.05 -14.73 45.51
N THR D 250 5.04 -13.45 45.86
CA THR D 250 5.74 -12.98 47.04
C THR D 250 4.87 -13.00 48.29
N SER D 251 3.67 -13.55 48.19
CA SER D 251 2.75 -13.66 49.32
C SER D 251 2.31 -15.10 49.49
N LEU D 252 2.36 -15.61 50.73
CA LEU D 252 1.94 -16.97 51.05
C LEU D 252 0.64 -16.97 51.85
N CYS D 253 -0.42 -17.55 51.27
CA CYS D 253 -1.75 -17.53 51.86
C CYS D 253 -2.21 -18.94 52.23
N CYS D 254 -3.29 -18.99 53.02
CA CYS D 254 -3.88 -20.25 53.45
C CYS D 254 -4.51 -20.95 52.26
N LYS D 255 -4.12 -22.19 52.00
CA LYS D 255 -4.59 -22.87 50.80
C LYS D 255 -6.08 -23.19 50.87
N GLN D 256 -6.66 -23.24 52.08
CA GLN D 256 -8.02 -23.68 52.30
C GLN D 256 -9.07 -22.59 52.14
N CYS D 257 -8.81 -21.39 52.65
CA CYS D 257 -9.72 -20.26 52.49
C CYS D 257 -9.20 -19.22 51.50
N GLN D 258 -7.98 -19.42 50.99
CA GLN D 258 -7.42 -18.54 49.92
C GLN D 258 -7.54 -17.04 50.23
N GLU D 259 -7.79 -16.63 51.47
CA GLU D 259 -7.98 -15.17 51.70
C GLU D 259 -7.40 -14.92 53.09
N THR D 260 -6.11 -15.17 53.27
CA THR D 260 -5.45 -14.96 54.57
C THR D 260 -3.97 -14.86 54.32
N GLU D 261 -3.46 -13.65 54.15
CA GLU D 261 -1.99 -13.49 53.99
C GLU D 261 -1.31 -14.07 55.24
N ILE D 262 -0.59 -15.17 55.06
CA ILE D 262 0.12 -15.78 56.21
C ILE D 262 1.53 -15.17 56.28
N THR D 263 2.18 -14.94 55.14
CA THR D 263 3.57 -14.51 55.24
C THR D 263 4.03 -14.05 53.85
N THR D 264 5.28 -13.55 53.78
CA THR D 264 5.82 -12.96 52.57
C THR D 264 7.27 -13.41 52.37
N LYS D 265 7.77 -13.20 51.16
CA LYS D 265 9.06 -13.76 50.81
C LYS D 265 10.15 -13.17 51.67
N ASN D 266 10.17 -11.84 51.82
CA ASN D 266 11.29 -11.21 52.48
C ASN D 266 11.34 -11.55 53.96
N GLU D 267 10.42 -12.41 54.38
CA GLU D 267 10.42 -12.86 55.79
C GLU D 267 11.01 -14.27 55.88
N ILE D 268 11.31 -14.89 54.73
CA ILE D 268 11.81 -16.29 54.74
C ILE D 268 13.27 -16.30 55.25
N PHE D 269 13.61 -17.26 56.11
CA PHE D 269 14.98 -17.35 56.66
C PHE D 269 15.35 -18.80 56.91
N SER D 270 16.63 -19.07 57.15
CA SER D 270 17.08 -20.46 57.43
C SER D 270 17.68 -20.53 58.84
N LEU D 271 16.97 -21.18 59.75
CA LEU D 271 17.51 -21.36 61.13
C LEU D 271 18.52 -22.50 61.06
N SER D 272 18.05 -23.69 60.70
CA SER D 272 18.94 -24.82 60.61
C SER D 272 19.89 -24.67 59.42
N LEU D 273 20.94 -25.48 59.41
CA LEU D 273 21.81 -25.55 58.26
C LEU D 273 21.24 -26.41 57.16
N CYS D 274 19.99 -26.85 57.29
CA CYS D 274 19.33 -27.66 56.29
C CYS D 274 18.54 -26.85 55.27
N GLY D 275 18.45 -25.53 55.42
CA GLY D 275 17.72 -24.73 54.47
C GLY D 275 16.53 -24.01 55.08
N PRO D 276 15.73 -23.37 54.23
CA PRO D 276 14.57 -22.63 54.73
C PRO D 276 13.30 -23.46 54.77
N MET D 277 13.29 -24.57 54.02
CA MET D 277 12.17 -25.50 53.99
C MET D 277 12.68 -26.95 54.07
N ALA D 278 13.37 -27.27 55.13
CA ALA D 278 13.78 -28.65 55.22
C ALA D 278 12.59 -29.52 55.63
N ALA D 279 12.71 -30.82 55.38
CA ALA D 279 11.68 -31.77 55.78
C ALA D 279 11.99 -32.34 57.17
N TYR D 280 11.05 -32.19 58.10
CA TYR D 280 11.19 -32.76 59.42
C TYR D 280 10.19 -33.90 59.55
N VAL D 281 10.46 -34.81 60.48
CA VAL D 281 9.58 -35.95 60.69
C VAL D 281 9.04 -35.89 62.11
N ASN D 282 7.70 -35.75 62.23
CA ASN D 282 7.06 -35.78 63.54
C ASN D 282 7.21 -37.18 64.10
N PRO D 283 6.82 -37.42 65.36
CA PRO D 283 7.00 -38.74 65.97
C PRO D 283 5.97 -39.76 65.52
N HIS D 284 5.34 -39.55 64.37
CA HIS D 284 4.43 -40.55 63.83
C HIS D 284 4.70 -40.82 62.37
N GLY D 285 5.91 -40.49 61.91
CA GLY D 285 6.30 -40.66 60.52
C GLY D 285 5.76 -39.62 59.56
N TYR D 286 4.69 -38.91 59.93
CA TYR D 286 4.26 -37.78 59.13
C TYR D 286 5.45 -36.85 58.87
N VAL D 287 5.60 -36.41 57.62
CA VAL D 287 6.69 -35.52 57.24
C VAL D 287 6.13 -34.15 56.90
N HIS D 288 6.79 -33.11 57.39
CA HIS D 288 6.44 -31.73 57.08
C HIS D 288 7.64 -31.01 56.51
N GLU D 289 7.58 -30.67 55.22
CA GLU D 289 8.44 -29.60 54.72
C GLU D 289 8.00 -28.31 55.40
N THR D 290 8.85 -27.76 56.28
CA THR D 290 8.49 -26.61 57.11
C THR D 290 9.32 -25.38 56.72
N LEU D 291 8.66 -24.43 56.07
CA LEU D 291 9.29 -23.14 55.82
C LEU D 291 9.45 -22.41 57.14
N THR D 292 10.61 -21.82 57.37
CA THR D 292 10.83 -20.98 58.54
C THR D 292 10.67 -19.50 58.14
N VAL D 293 9.77 -18.80 58.80
CA VAL D 293 9.63 -17.38 58.52
C VAL D 293 9.89 -16.63 59.82
N TYR D 294 10.33 -15.38 59.69
CA TYR D 294 10.53 -14.54 60.86
C TYR D 294 9.18 -14.06 61.45
N LYS D 295 8.25 -13.65 60.59
CA LYS D 295 6.95 -13.11 61.02
C LYS D 295 5.81 -13.79 60.24
N ALA D 296 4.75 -14.21 60.95
CA ALA D 296 3.52 -14.76 60.37
C ALA D 296 2.32 -14.05 60.98
N CYS D 297 1.23 -13.97 60.21
CA CYS D 297 0.06 -13.19 60.58
C CYS D 297 -1.23 -14.02 60.43
N ASN D 298 -2.32 -13.51 61.01
CA ASN D 298 -3.64 -14.14 60.92
C ASN D 298 -3.59 -15.59 61.38
N LEU D 299 -2.77 -15.91 62.37
CA LEU D 299 -2.75 -17.26 62.89
C LEU D 299 -3.33 -17.28 64.30
N ASN D 300 -4.15 -18.26 64.58
CA ASN D 300 -4.57 -18.49 65.94
C ASN D 300 -3.72 -19.62 66.49
N LEU D 301 -3.15 -19.41 67.66
CA LEU D 301 -2.39 -20.45 68.34
C LEU D 301 -3.36 -21.38 69.08
N ILE D 302 -3.15 -22.69 68.92
CA ILE D 302 -3.92 -23.71 69.64
C ILE D 302 -3.02 -24.29 70.74
N GLY D 303 -3.60 -24.60 71.90
CA GLY D 303 -2.86 -25.17 73.02
C GLY D 303 -1.88 -24.17 73.63
N ARG D 304 -0.93 -24.71 74.39
CA ARG D 304 0.15 -23.92 74.96
C ARG D 304 1.47 -24.57 74.57
N PRO D 305 2.60 -23.83 74.67
CA PRO D 305 3.87 -24.30 74.07
C PRO D 305 4.33 -25.67 74.58
N SER D 306 5.28 -26.28 73.87
CA SER D 306 5.83 -27.58 74.24
C SER D 306 7.21 -27.76 73.62
N THR D 307 7.96 -28.75 74.15
CA THR D 307 9.27 -29.13 73.62
C THR D 307 9.34 -30.57 73.13
N GLU D 308 8.32 -31.40 73.35
CA GLU D 308 8.39 -32.79 72.92
C GLU D 308 8.63 -32.87 71.41
N HIS D 309 9.78 -33.43 71.01
CA HIS D 309 10.14 -33.65 69.61
C HIS D 309 10.41 -32.36 68.84
N SER D 310 10.62 -31.24 69.52
CA SER D 310 10.91 -29.98 68.85
C SER D 310 11.98 -30.16 67.78
N TRP D 311 11.62 -29.85 66.53
CA TRP D 311 12.61 -29.96 65.46
C TRP D 311 13.69 -28.90 65.56
N PHE D 312 13.52 -27.89 66.41
CA PHE D 312 14.47 -26.80 66.53
C PHE D 312 14.88 -26.70 67.99
N PRO D 313 15.91 -27.47 68.40
CA PRO D 313 16.29 -27.51 69.82
C PRO D 313 16.61 -26.11 70.36
N GLY D 314 16.08 -25.83 71.54
CA GLY D 314 16.09 -24.50 72.12
C GLY D 314 14.76 -23.78 72.04
N TYR D 315 13.85 -24.25 71.19
CA TYR D 315 12.57 -23.59 70.94
C TYR D 315 11.41 -24.49 71.34
N ALA D 316 10.32 -23.86 71.77
CA ALA D 316 9.05 -24.52 71.98
C ALA D 316 8.14 -24.29 70.79
N TRP D 317 7.22 -25.24 70.56
CA TRP D 317 6.24 -25.14 69.48
C TRP D 317 4.82 -25.06 70.05
N THR D 318 3.97 -24.30 69.36
CA THR D 318 2.55 -24.16 69.68
C THR D 318 1.80 -24.20 68.35
N VAL D 319 0.92 -25.20 68.15
CA VAL D 319 0.30 -25.37 66.84
C VAL D 319 -0.40 -24.09 66.41
N ALA D 320 -0.31 -23.74 65.13
CA ALA D 320 -0.92 -22.51 64.62
C ALA D 320 -1.82 -22.80 63.42
N GLN D 321 -3.02 -22.26 63.47
CA GLN D 321 -4.02 -22.51 62.44
C GLN D 321 -4.63 -21.21 61.97
N CYS D 322 -5.21 -21.28 60.79
CA CYS D 322 -5.75 -20.10 60.13
C CYS D 322 -6.89 -19.49 60.93
N LYS D 323 -6.83 -18.20 61.16
CA LYS D 323 -7.85 -17.50 61.96
C LYS D 323 -9.19 -17.61 61.33
N ILE D 324 -9.25 -17.88 60.03
CA ILE D 324 -10.53 -17.95 59.34
C ILE D 324 -11.24 -19.28 59.19
N CYS D 325 -10.52 -20.29 58.68
CA CYS D 325 -11.01 -21.64 58.48
C CYS D 325 -10.38 -22.65 59.43
N ALA D 326 -9.65 -22.18 60.42
CA ALA D 326 -8.97 -23.02 61.43
C ALA D 326 -8.18 -24.18 60.83
N SER D 327 -7.88 -24.12 59.53
CA SER D 327 -7.03 -25.10 58.89
C SER D 327 -5.63 -25.08 59.49
N HIS D 328 -5.00 -26.25 59.50
CA HIS D 328 -3.67 -26.30 60.07
C HIS D 328 -2.68 -25.62 59.15
N ILE D 329 -1.95 -24.65 59.69
CA ILE D 329 -0.90 -23.98 58.92
C ILE D 329 0.49 -24.41 59.35
N GLY D 330 0.69 -24.85 60.60
CA GLY D 330 2.01 -25.09 61.15
C GLY D 330 2.18 -24.90 62.67
N TRP D 331 3.26 -24.24 63.06
CA TRP D 331 3.60 -24.11 64.48
C TRP D 331 4.29 -22.76 64.74
N LYS D 332 4.15 -22.28 65.96
CA LYS D 332 4.88 -21.11 66.40
C LYS D 332 6.00 -21.58 67.30
N PHE D 333 7.21 -21.11 67.04
CA PHE D 333 8.40 -21.56 67.74
C PHE D 333 8.96 -20.44 68.61
N THR D 334 9.06 -20.71 69.92
CA THR D 334 9.43 -19.74 70.95
C THR D 334 10.66 -20.24 71.72
N ALA D 335 11.59 -19.32 72.00
CA ALA D 335 12.87 -19.67 72.63
C ALA D 335 12.70 -20.14 74.07
N THR D 336 13.33 -21.25 74.43
CA THR D 336 13.40 -21.68 75.82
C THR D 336 14.59 -21.05 76.57
N LYS D 337 15.38 -20.20 75.94
CA LYS D 337 16.43 -19.45 76.64
C LYS D 337 16.15 -17.97 76.45
N LYS D 338 17.12 -17.13 76.74
CA LYS D 338 16.99 -15.72 76.44
C LYS D 338 18.04 -15.21 75.46
N ASP D 339 19.19 -15.87 75.36
CA ASP D 339 20.18 -15.41 74.41
C ASP D 339 19.74 -15.71 72.98
N MET D 340 18.92 -16.75 72.78
CA MET D 340 18.74 -17.33 71.45
C MET D 340 18.21 -16.31 70.46
N SER D 341 18.80 -16.29 69.27
CA SER D 341 18.34 -15.46 68.16
C SER D 341 17.98 -16.34 66.97
N PRO D 342 16.80 -16.18 66.36
CA PRO D 342 15.74 -15.23 66.74
C PRO D 342 15.01 -15.73 67.98
N GLN D 343 14.33 -14.82 68.67
CA GLN D 343 13.57 -15.19 69.86
C GLN D 343 12.28 -15.93 69.53
N LYS D 344 11.70 -15.65 68.36
CA LYS D 344 10.44 -16.27 67.93
C LYS D 344 10.45 -16.40 66.42
N PHE D 345 9.83 -17.47 65.91
CA PHE D 345 9.66 -17.64 64.47
C PHE D 345 8.56 -18.68 64.25
N TRP D 346 8.04 -18.70 63.02
CA TRP D 346 6.97 -19.61 62.64
C TRP D 346 7.46 -20.67 61.65
N GLY D 347 7.10 -21.92 61.92
CA GLY D 347 7.27 -22.97 60.92
C GLY D 347 5.94 -23.23 60.22
N LEU D 348 5.88 -23.00 58.91
CA LEU D 348 4.64 -23.16 58.14
C LEU D 348 4.82 -24.34 57.19
N THR D 349 3.94 -25.35 57.31
CA THR D 349 4.09 -26.54 56.49
C THR D 349 3.59 -26.28 55.08
N ARG D 350 4.36 -26.79 54.10
CA ARG D 350 4.09 -26.62 52.67
C ARG D 350 2.65 -26.90 52.31
N SER D 351 2.19 -28.12 52.60
CA SER D 351 0.87 -28.56 52.15
C SER D 351 -0.24 -27.57 52.53
N ALA D 352 0.01 -26.69 53.50
CA ALA D 352 -1.01 -25.77 53.99
C ALA D 352 -0.98 -24.41 53.31
N LEU D 353 -0.03 -24.17 52.42
CA LEU D 353 0.23 -22.85 51.89
C LEU D 353 -0.10 -22.78 50.41
N LEU D 354 -0.20 -21.55 49.94
CA LEU D 354 -0.58 -21.21 48.57
C LEU D 354 0.16 -19.95 48.11
N PRO D 355 1.13 -20.11 47.20
CA PRO D 355 1.80 -18.95 46.60
C PRO D 355 0.81 -18.06 45.87
N THR D 356 0.93 -16.74 46.07
CA THR D 356 0.01 -15.80 45.43
C THR D 356 0.74 -14.53 45.02
N ILE D 357 0.13 -13.81 44.09
CA ILE D 357 0.67 -12.60 43.49
C ILE D 357 -0.14 -11.38 43.94
N PRO D 358 0.39 -10.54 44.85
CA PRO D 358 -0.26 -9.31 45.36
C PRO D 358 -0.87 -8.38 44.29
N VAL D 369 -1.40 -9.84 36.17
CA VAL D 369 -0.12 -10.56 36.22
C VAL D 369 -0.32 -12.07 36.19
N ILE D 370 0.61 -12.78 35.54
CA ILE D 370 0.48 -14.21 35.28
C ILE D 370 1.88 -14.81 35.17
N LEU D 371 2.00 -16.10 35.50
CA LEU D 371 3.33 -16.72 35.47
C LEU D 371 3.74 -16.97 34.02
N CYS D 372 4.90 -16.43 33.64
CA CYS D 372 5.42 -16.48 32.30
C CYS D 372 6.57 -17.48 32.23
N LEU D 373 6.59 -18.31 31.20
CA LEU D 373 7.73 -19.22 31.09
C LEU D 373 8.66 -18.82 29.91
N SER E 2 -0.79 -26.22 4.82
CA SER E 2 -0.47 -25.85 3.45
C SER E 2 0.84 -26.47 2.94
N TYR E 3 1.16 -26.15 1.68
CA TYR E 3 2.34 -26.65 1.00
C TYR E 3 3.11 -25.49 0.37
N ASN E 4 4.43 -25.57 0.39
CA ASN E 4 5.19 -24.38 0.11
C ASN E 4 6.45 -24.74 -0.67
N TYR E 5 7.02 -23.70 -1.29
CA TYR E 5 8.06 -23.82 -2.29
C TYR E 5 9.07 -22.71 -1.99
N VAL E 6 10.34 -23.07 -1.82
CA VAL E 6 11.39 -22.11 -1.46
C VAL E 6 12.40 -22.08 -2.60
N VAL E 7 12.86 -20.90 -2.96
CA VAL E 7 13.87 -20.79 -4.00
C VAL E 7 14.84 -19.66 -3.67
N THR E 8 16.10 -19.86 -4.05
CA THR E 8 17.12 -18.89 -3.73
C THR E 8 17.03 -17.75 -4.71
N ALA E 9 16.72 -16.57 -4.21
CA ALA E 9 16.79 -15.38 -5.03
C ALA E 9 18.20 -14.83 -5.07
N GLN E 10 18.88 -14.85 -3.93
CA GLN E 10 20.25 -14.40 -3.80
C GLN E 10 21.02 -15.46 -3.03
N LYS E 11 22.04 -16.05 -3.67
CA LYS E 11 22.91 -16.99 -2.99
C LYS E 11 23.65 -16.28 -1.85
N PRO E 12 24.06 -17.02 -0.81
CA PRO E 12 24.79 -16.41 0.32
C PRO E 12 26.07 -15.67 -0.10
N THR E 13 26.30 -14.51 0.52
CA THR E 13 27.38 -13.61 0.09
C THR E 13 28.57 -13.55 1.02
N ALA E 14 28.40 -13.87 2.31
CA ALA E 14 29.51 -13.90 3.27
C ALA E 14 30.43 -15.06 2.98
N VAL E 15 31.70 -14.91 3.35
CA VAL E 15 32.66 -16.05 3.18
C VAL E 15 32.93 -16.71 4.54
N ASN E 16 33.06 -18.03 4.55
CA ASN E 16 33.28 -18.78 5.82
C ASN E 16 34.66 -19.43 5.78
N GLY E 17 35.35 -19.35 4.64
CA GLY E 17 36.67 -19.98 4.51
C GLY E 17 37.34 -19.63 3.20
N CYS E 18 38.67 -19.49 3.23
CA CYS E 18 39.44 -19.10 2.01
C CYS E 18 40.82 -19.76 2.08
N VAL E 19 41.11 -20.68 1.15
CA VAL E 19 42.43 -21.39 1.14
C VAL E 19 43.11 -21.23 -0.24
N THR E 20 44.44 -21.27 -0.27
CA THR E 20 45.18 -21.21 -1.54
C THR E 20 45.76 -22.58 -1.81
N GLY E 21 46.13 -22.87 -3.05
CA GLY E 21 46.59 -24.19 -3.37
C GLY E 21 46.74 -24.36 -4.87
N HIS E 22 46.87 -25.64 -5.27
CA HIS E 22 46.99 -26.03 -6.67
C HIS E 22 46.05 -27.21 -6.89
N PHE E 23 44.78 -26.89 -7.09
CA PHE E 23 43.67 -27.80 -7.28
C PHE E 23 43.38 -28.11 -8.75
N THR E 24 43.43 -27.07 -9.62
CA THR E 24 43.22 -27.19 -11.07
C THR E 24 44.42 -27.83 -11.79
N SER E 25 45.64 -27.30 -11.56
CA SER E 25 46.89 -27.87 -12.05
C SER E 25 47.99 -27.54 -11.05
N ALA E 26 49.05 -28.34 -11.05
CA ALA E 26 50.21 -28.00 -10.23
C ALA E 26 50.85 -26.68 -10.68
N GLU E 27 50.55 -26.23 -11.91
CA GLU E 27 51.13 -25.03 -12.47
C GLU E 27 50.24 -23.79 -12.30
N ASP E 28 49.06 -23.92 -11.66
CA ASP E 28 48.13 -22.83 -11.41
C ASP E 28 48.07 -22.48 -9.92
N LEU E 29 47.93 -21.18 -9.62
CA LEU E 29 47.65 -20.70 -8.26
C LEU E 29 46.15 -20.52 -8.11
N ASN E 30 45.53 -21.38 -7.28
CA ASN E 30 44.09 -21.36 -7.09
C ASN E 30 43.72 -20.62 -5.82
N LEU E 31 42.62 -19.88 -5.89
CA LEU E 31 41.96 -19.33 -4.72
C LEU E 31 40.61 -20.01 -4.60
N LEU E 32 40.46 -20.86 -3.57
CA LEU E 32 39.20 -21.53 -3.25
C LEU E 32 38.48 -20.74 -2.17
N ILE E 33 37.29 -20.23 -2.50
CA ILE E 33 36.47 -19.47 -1.57
C ILE E 33 35.24 -20.29 -1.18
N ALA E 34 34.90 -20.24 0.11
CA ALA E 34 33.76 -20.96 0.67
C ALA E 34 32.73 -19.97 1.17
N LYS E 35 31.49 -20.15 0.73
CA LYS E 35 30.37 -19.27 1.07
C LYS E 35 29.23 -20.21 1.47
N ASN E 36 29.32 -20.75 2.69
CA ASN E 36 28.32 -21.63 3.27
C ASN E 36 28.23 -22.68 2.16
N THR E 37 27.02 -23.01 1.72
CA THR E 37 26.79 -24.00 0.69
C THR E 37 27.57 -23.98 -0.62
N ARG E 38 28.13 -22.84 -1.00
CA ARG E 38 28.81 -22.67 -2.27
C ARG E 38 30.32 -22.72 -2.18
N LEU E 39 30.94 -23.29 -3.22
CA LEU E 39 32.40 -23.34 -3.34
C LEU E 39 32.79 -22.54 -4.58
N GLU E 40 33.67 -21.56 -4.40
CA GLU E 40 34.16 -20.77 -5.53
C GLU E 40 35.61 -21.12 -5.79
N ILE E 41 35.93 -21.40 -7.04
CA ILE E 41 37.28 -21.74 -7.46
C ILE E 41 37.76 -20.69 -8.44
N TYR E 42 38.85 -20.01 -8.08
CA TYR E 42 39.49 -18.99 -8.90
C TYR E 42 40.93 -19.40 -9.20
N VAL E 43 41.46 -18.80 -10.27
CA VAL E 43 42.86 -18.87 -10.61
C VAL E 43 43.49 -17.50 -10.42
N VAL E 44 44.59 -17.47 -9.68
CA VAL E 44 45.24 -16.22 -9.29
C VAL E 44 46.06 -15.75 -10.50
N THR E 45 45.59 -14.73 -11.19
CA THR E 45 46.35 -14.12 -12.27
C THR E 45 47.24 -13.00 -11.71
N ALA E 46 48.13 -12.48 -12.56
CA ALA E 46 48.93 -11.34 -12.16
C ALA E 46 48.07 -10.10 -12.00
N GLU E 47 47.06 -9.91 -12.85
CA GLU E 47 46.21 -8.73 -12.77
C GLU E 47 45.14 -8.85 -11.68
N GLY E 48 44.64 -10.05 -11.44
CA GLY E 48 43.65 -10.27 -10.39
C GLY E 48 43.26 -11.73 -10.28
N LEU E 49 41.96 -12.02 -10.40
CA LEU E 49 41.48 -13.37 -10.27
C LEU E 49 40.78 -13.77 -11.57
N ARG E 50 40.82 -15.07 -11.89
CA ARG E 50 40.13 -15.59 -13.07
C ARG E 50 39.13 -16.63 -12.61
N PRO E 51 37.83 -16.42 -12.84
CA PRO E 51 36.83 -17.41 -12.41
C PRO E 51 36.96 -18.73 -13.17
N VAL E 52 37.04 -19.83 -12.43
CA VAL E 52 37.23 -21.17 -12.98
C VAL E 52 35.94 -22.00 -12.89
N LYS E 53 35.45 -22.27 -11.67
CA LYS E 53 34.13 -22.87 -11.52
C LYS E 53 33.58 -22.54 -10.14
N GLU E 54 32.25 -22.57 -10.03
CA GLU E 54 31.54 -22.35 -8.78
C GLU E 54 30.52 -23.47 -8.61
N VAL E 55 30.56 -24.15 -7.48
CA VAL E 55 29.78 -25.35 -7.30
C VAL E 55 28.90 -25.16 -6.07
N GLY E 56 27.89 -26.01 -5.95
CA GLY E 56 27.03 -26.03 -4.79
C GLY E 56 27.11 -27.39 -4.12
N MET E 57 26.91 -27.39 -2.80
CA MET E 57 26.95 -28.60 -1.99
C MET E 57 25.65 -28.76 -1.24
N TYR E 58 25.29 -30.01 -0.97
CA TYR E 58 24.18 -30.29 -0.06
C TYR E 58 24.68 -30.33 1.38
N GLY E 59 25.15 -29.17 1.85
CA GLY E 59 25.63 -29.07 3.21
C GLY E 59 26.44 -27.83 3.49
N LYS E 60 26.47 -27.42 4.76
CA LYS E 60 27.22 -26.25 5.18
C LYS E 60 28.69 -26.62 5.29
N ILE E 61 29.50 -26.03 4.44
CA ILE E 61 30.93 -26.26 4.47
C ILE E 61 31.32 -25.89 5.88
N ALA E 62 31.89 -26.84 6.64
CA ALA E 62 32.29 -26.56 8.02
C ALA E 62 33.81 -26.66 8.08
N VAL E 63 34.41 -27.47 7.23
CA VAL E 63 35.86 -27.56 7.10
C VAL E 63 36.19 -27.63 5.62
N MET E 64 37.29 -26.97 5.21
CA MET E 64 37.69 -26.94 3.80
C MET E 64 39.21 -26.86 3.73
N GLU E 65 39.86 -27.92 3.26
CA GLU E 65 41.31 -27.96 3.25
C GLU E 65 41.84 -28.57 1.96
N LEU E 66 43.03 -28.11 1.58
CA LEU E 66 43.78 -28.68 0.47
C LEU E 66 44.92 -29.59 0.97
N PHE E 67 45.44 -30.41 0.05
CA PHE E 67 46.51 -31.35 0.35
C PHE E 67 46.90 -32.03 -0.96
N ARG E 68 48.05 -32.69 -0.98
CA ARG E 68 48.52 -33.47 -2.13
C ARG E 68 49.08 -34.73 -1.50
N PRO E 69 48.33 -35.83 -1.45
CA PRO E 69 48.91 -37.07 -0.91
C PRO E 69 50.10 -37.44 -1.76
N LYS E 70 51.04 -38.18 -1.17
CA LYS E 70 52.22 -38.61 -1.91
C LYS E 70 51.53 -39.35 -3.05
N GLY E 71 51.91 -39.05 -4.28
CA GLY E 71 51.29 -39.69 -5.42
C GLY E 71 50.19 -39.03 -6.21
N GLU E 72 50.06 -37.70 -6.07
CA GLU E 72 49.14 -36.90 -6.86
C GLU E 72 49.92 -35.76 -7.52
N SER E 73 49.50 -35.38 -8.73
CA SER E 73 50.06 -34.20 -9.37
C SER E 73 49.40 -32.91 -8.86
N LYS E 74 48.08 -32.91 -8.75
CA LYS E 74 47.36 -31.75 -8.25
C LYS E 74 46.98 -31.97 -6.80
N ASP E 75 46.80 -30.87 -6.08
CA ASP E 75 46.21 -30.91 -4.77
C ASP E 75 44.80 -31.50 -4.81
N LEU E 76 44.39 -32.08 -3.69
CA LEU E 76 43.03 -32.56 -3.49
C LEU E 76 42.35 -31.75 -2.41
N LEU E 77 41.01 -31.71 -2.47
CA LEU E 77 40.20 -30.90 -1.58
C LEU E 77 39.50 -31.79 -0.56
N PHE E 78 39.65 -31.46 0.71
CA PHE E 78 38.85 -32.09 1.76
C PHE E 78 37.78 -31.14 2.28
N ILE E 79 36.58 -31.68 2.45
CA ILE E 79 35.46 -30.91 2.93
C ILE E 79 34.74 -31.76 3.96
N LEU E 80 34.46 -31.16 5.10
CA LEU E 80 33.52 -31.69 6.06
C LEU E 80 32.39 -30.68 6.20
N THR E 81 31.15 -31.16 6.11
CA THR E 81 29.97 -30.31 6.26
C THR E 81 29.41 -30.44 7.68
N ALA E 82 28.74 -29.38 8.12
CA ALA E 82 28.11 -29.33 9.44
C ALA E 82 27.30 -30.57 9.75
N LYS E 83 26.68 -31.21 8.76
CA LYS E 83 25.94 -32.42 9.05
C LYS E 83 26.84 -33.64 9.10
N TYR E 84 28.16 -33.39 9.11
CA TYR E 84 29.23 -34.40 9.25
C TYR E 84 29.48 -35.14 7.94
N ASN E 85 29.06 -34.56 6.81
CA ASN E 85 29.39 -35.13 5.50
C ASN E 85 30.85 -34.81 5.18
N ALA E 86 31.64 -35.86 4.98
CA ALA E 86 33.06 -35.71 4.70
C ALA E 86 33.34 -36.23 3.31
N CYS E 87 34.18 -35.53 2.57
CA CYS E 87 34.52 -35.98 1.23
C CYS E 87 35.89 -35.45 0.82
N ILE E 88 36.47 -36.11 -0.17
CA ILE E 88 37.65 -35.61 -0.85
C ILE E 88 37.30 -35.46 -2.32
N LEU E 89 37.70 -34.32 -2.89
CA LEU E 89 37.32 -33.95 -4.23
C LEU E 89 38.58 -33.65 -5.06
N GLU E 90 38.50 -33.91 -6.38
CA GLU E 90 39.54 -33.51 -7.34
C GLU E 90 38.92 -32.79 -8.53
N TYR E 91 39.78 -32.05 -9.25
CA TYR E 91 39.37 -31.28 -10.43
C TYR E 91 39.60 -32.12 -11.69
N LYS E 92 38.54 -32.30 -12.49
CA LYS E 92 38.60 -33.08 -13.72
C LYS E 92 37.97 -32.26 -14.85
N GLN E 93 38.82 -31.64 -15.66
CA GLN E 93 38.40 -30.84 -16.80
C GLN E 93 38.56 -31.74 -18.03
N SER E 94 37.45 -32.02 -18.72
CA SER E 94 37.46 -32.76 -19.96
C SER E 94 36.98 -31.84 -21.08
N GLY E 95 37.84 -30.89 -21.47
CA GLY E 95 37.48 -29.91 -22.48
C GLY E 95 36.72 -28.73 -21.89
N GLU E 96 35.81 -28.15 -22.68
CA GLU E 96 34.94 -27.10 -22.16
C GLU E 96 34.23 -27.54 -20.89
N SER E 97 34.00 -28.85 -20.74
CA SER E 97 33.28 -29.40 -19.60
C SER E 97 34.18 -29.49 -18.36
N ILE E 98 33.69 -29.00 -17.23
CA ILE E 98 34.37 -29.11 -15.94
C ILE E 98 33.46 -29.87 -14.99
N ASP E 99 34.04 -30.70 -14.14
CA ASP E 99 33.23 -31.42 -13.17
C ASP E 99 34.12 -31.86 -12.01
N ILE E 100 33.62 -31.68 -10.80
CA ILE E 100 34.37 -32.00 -9.60
C ILE E 100 33.98 -33.40 -9.14
N ILE E 101 34.93 -34.32 -9.19
CA ILE E 101 34.69 -35.71 -8.87
C ILE E 101 34.95 -35.97 -7.39
N THR E 102 34.18 -36.89 -6.80
CA THR E 102 34.32 -37.22 -5.37
C THR E 102 35.15 -38.50 -5.31
N ARG E 103 36.43 -38.34 -4.98
CA ARG E 103 37.31 -39.49 -4.79
C ARG E 103 36.80 -40.34 -3.62
N ALA E 104 36.66 -39.74 -2.45
CA ALA E 104 36.07 -40.41 -1.30
C ALA E 104 34.79 -39.70 -0.86
N HIS E 105 34.05 -40.37 0.02
CA HIS E 105 32.92 -39.74 0.69
C HIS E 105 32.46 -40.65 1.82
N GLY E 106 32.01 -40.03 2.89
CA GLY E 106 31.45 -40.76 4.01
C GLY E 106 31.03 -39.77 5.06
N ASN E 107 30.16 -40.24 5.96
CA ASN E 107 29.69 -39.44 7.08
C ASN E 107 30.38 -39.85 8.38
N VAL E 108 30.72 -38.87 9.20
CA VAL E 108 31.57 -39.11 10.36
C VAL E 108 30.84 -38.70 11.63
N GLN E 109 29.53 -38.89 11.68
CA GLN E 109 28.82 -38.61 12.92
C GLN E 109 29.08 -39.73 13.93
N ASP E 110 29.23 -39.36 15.19
CA ASP E 110 29.26 -40.36 16.26
C ASP E 110 27.90 -40.37 16.94
N ARG E 111 27.31 -41.56 17.07
CA ARG E 111 25.99 -41.68 17.70
C ARG E 111 25.97 -40.98 19.05
N ILE E 112 26.82 -41.44 19.95
CA ILE E 112 27.03 -40.77 21.23
C ILE E 112 28.10 -39.71 21.06
N GLY E 113 27.85 -38.51 21.56
CA GLY E 113 28.92 -37.52 21.60
C GLY E 113 28.51 -36.09 21.83
N ARG E 114 29.15 -35.42 22.81
CA ARG E 114 28.93 -34.00 23.06
C ARG E 114 29.78 -33.18 22.09
N PRO E 115 29.16 -32.33 21.26
CA PRO E 115 29.94 -31.50 20.32
C PRO E 115 30.74 -30.44 21.07
N SER E 116 31.98 -30.24 20.67
CA SER E 116 32.88 -29.41 21.44
C SER E 116 32.46 -27.94 21.43
N GLU E 117 32.72 -27.28 22.56
CA GLU E 117 32.39 -25.86 22.70
C GLU E 117 33.04 -25.02 21.61
N THR E 118 34.34 -25.18 21.37
CA THR E 118 35.02 -24.44 20.30
C THR E 118 34.75 -24.99 18.86
N GLY E 119 33.80 -25.91 18.70
CA GLY E 119 33.35 -26.31 17.38
C GLY E 119 34.33 -27.19 16.63
N ILE E 120 33.91 -27.57 15.43
CA ILE E 120 34.66 -28.54 14.63
C ILE E 120 36.01 -27.95 14.28
N ILE E 121 37.08 -28.60 14.73
CA ILE E 121 38.43 -28.39 14.20
C ILE E 121 38.72 -29.51 13.22
N GLY E 122 39.39 -29.18 12.12
CA GLY E 122 39.80 -30.21 11.18
C GLY E 122 41.18 -29.85 10.67
N ILE E 123 42.12 -30.78 10.75
CA ILE E 123 43.52 -30.54 10.39
C ILE E 123 44.02 -31.68 9.51
N ILE E 124 45.19 -31.49 8.88
CA ILE E 124 45.78 -32.54 8.03
C ILE E 124 47.28 -32.65 8.29
N ASP E 125 47.72 -33.85 8.56
CA ASP E 125 49.13 -34.11 8.79
C ASP E 125 49.95 -33.59 7.59
N PRO E 126 51.08 -32.92 7.84
CA PRO E 126 51.86 -32.35 6.72
C PRO E 126 52.33 -33.38 5.73
N GLU E 127 52.33 -34.67 6.08
CA GLU E 127 52.72 -35.74 5.19
C GLU E 127 51.52 -36.41 4.52
N CYS E 128 50.31 -35.90 4.74
CA CYS E 128 49.08 -36.52 4.24
C CYS E 128 48.89 -37.96 4.75
N ARG E 129 49.55 -38.32 5.87
CA ARG E 129 49.42 -39.66 6.43
C ARG E 129 48.04 -39.88 7.08
N MET E 130 47.37 -38.78 7.43
CA MET E 130 46.01 -38.88 8.02
C MET E 130 45.34 -37.52 8.22
N ILE E 131 44.02 -37.48 8.14
CA ILE E 131 43.23 -36.30 8.50
C ILE E 131 42.82 -36.40 9.96
N GLY E 132 42.89 -35.29 10.69
CA GLY E 132 42.44 -35.23 12.08
C GLY E 132 41.16 -34.41 12.20
N LEU E 133 40.21 -34.91 13.00
CA LEU E 133 38.88 -34.29 13.17
C LEU E 133 38.51 -34.21 14.65
N ARG E 134 38.40 -32.99 15.21
CA ARG E 134 37.87 -32.81 16.57
C ARG E 134 36.41 -32.40 16.49
N LEU E 135 35.52 -33.38 16.66
CA LEU E 135 34.08 -33.17 16.61
C LEU E 135 33.47 -33.05 17.99
N TYR E 136 33.92 -33.88 18.91
CA TYR E 136 33.25 -34.06 20.19
C TYR E 136 34.28 -33.98 21.30
N ASP E 137 33.81 -33.50 22.45
CA ASP E 137 34.69 -33.30 23.59
C ASP E 137 35.14 -34.64 24.16
N GLY E 138 36.46 -34.79 24.31
CA GLY E 138 37.06 -35.99 24.82
C GLY E 138 37.56 -36.97 23.78
N LEU E 139 37.28 -36.74 22.49
CA LEU E 139 37.65 -37.68 21.44
C LEU E 139 38.47 -36.98 20.36
N PHE E 140 39.08 -37.80 19.50
CA PHE E 140 39.82 -37.32 18.34
C PHE E 140 39.69 -38.33 17.21
N LYS E 141 38.97 -37.95 16.14
CA LYS E 141 38.81 -38.83 14.97
C LYS E 141 39.99 -38.73 14.03
N VAL E 142 40.39 -39.87 13.49
CA VAL E 142 41.55 -40.01 12.65
C VAL E 142 41.07 -40.73 11.39
N ILE E 143 41.08 -40.02 10.28
CA ILE E 143 40.74 -40.66 9.01
C ILE E 143 42.03 -41.02 8.28
N PRO E 144 42.58 -42.20 8.50
CA PRO E 144 43.80 -42.60 7.77
C PRO E 144 43.61 -42.40 6.27
N LEU E 145 44.66 -41.85 5.63
CA LEU E 145 44.65 -41.49 4.21
C LEU E 145 45.40 -42.56 3.40
N ASP E 146 44.71 -43.67 3.16
CA ASP E 146 45.23 -44.75 2.34
C ASP E 146 44.44 -44.83 1.05
N ARG E 147 45.12 -45.27 -0.01
CA ARG E 147 44.50 -45.23 -1.33
C ARG E 147 43.23 -46.06 -1.35
N ASP E 148 43.12 -47.04 -0.48
CA ASP E 148 41.92 -47.87 -0.47
C ASP E 148 40.75 -47.20 0.27
N ASN E 149 41.01 -46.25 1.17
CA ASN E 149 39.93 -45.65 1.94
C ASN E 149 39.11 -44.72 1.04
N LYS E 150 38.12 -45.28 0.36
CA LYS E 150 37.19 -44.47 -0.42
C LYS E 150 35.96 -44.10 0.37
N GLU E 151 35.56 -44.94 1.32
CA GLU E 151 34.43 -44.65 2.18
C GLU E 151 34.83 -43.85 3.40
N LEU E 152 36.09 -43.40 3.50
CA LEU E 152 36.56 -42.54 4.59
C LEU E 152 36.36 -43.16 5.98
N LYS E 153 36.55 -44.47 6.06
CA LYS E 153 36.51 -45.17 7.34
C LYS E 153 37.52 -44.59 8.32
N ALA E 154 37.10 -44.43 9.57
CA ALA E 154 37.90 -43.71 10.57
C ALA E 154 37.86 -44.43 11.91
N PHE E 155 38.69 -43.97 12.84
CA PHE E 155 38.74 -44.50 14.21
C PHE E 155 38.89 -43.34 15.19
N ASN E 156 38.30 -43.49 16.39
CA ASN E 156 38.45 -42.52 17.47
C ASN E 156 39.56 -42.98 18.44
N ILE E 157 39.98 -42.08 19.35
CA ILE E 157 40.79 -42.43 20.51
C ILE E 157 40.58 -41.37 21.62
N ARG E 158 40.66 -41.82 22.87
CA ARG E 158 40.28 -40.98 24.00
C ARG E 158 41.26 -39.83 24.14
N LEU E 159 40.72 -38.69 24.57
CA LEU E 159 41.49 -37.46 24.82
C LEU E 159 41.21 -37.00 26.24
N GLU E 160 42.17 -37.25 27.15
CA GLU E 160 41.97 -36.95 28.55
C GLU E 160 41.66 -35.47 28.77
N GLU E 161 42.30 -34.59 28.00
CA GLU E 161 41.95 -33.16 28.00
C GLU E 161 40.57 -32.99 27.38
N LEU E 162 39.60 -32.58 28.18
CA LEU E 162 38.22 -32.56 27.72
C LEU E 162 37.76 -31.20 27.23
N HIS E 163 38.66 -30.19 27.23
CA HIS E 163 38.30 -28.82 26.88
C HIS E 163 39.47 -28.19 26.10
N VAL E 164 39.50 -28.50 24.81
CA VAL E 164 40.56 -28.06 23.92
C VAL E 164 40.14 -26.79 23.18
N ILE E 165 40.98 -25.75 23.28
CA ILE E 165 40.74 -24.51 22.54
C ILE E 165 41.03 -24.71 21.05
N ASP E 166 42.26 -25.10 20.71
CA ASP E 166 42.69 -25.14 19.31
C ASP E 166 43.83 -26.13 19.11
N VAL E 167 43.70 -26.99 18.10
CA VAL E 167 44.68 -28.02 17.82
C VAL E 167 45.23 -27.81 16.40
N LYS E 168 46.35 -28.46 16.12
CA LYS E 168 46.92 -28.35 14.80
C LYS E 168 48.15 -29.25 14.76
N PHE E 169 48.29 -30.00 13.68
CA PHE E 169 49.46 -30.87 13.49
C PHE E 169 50.75 -30.05 13.43
N LEU E 170 51.84 -30.65 13.90
CA LEU E 170 53.11 -29.94 13.95
C LEU E 170 53.99 -30.29 12.76
N TYR E 171 54.84 -29.34 12.39
CA TYR E 171 55.73 -29.53 11.25
C TYR E 171 57.04 -30.16 11.70
N GLY E 172 57.71 -30.83 10.77
CA GLY E 172 59.03 -31.39 11.01
C GLY E 172 59.20 -32.25 12.25
N CYS E 173 58.45 -33.35 12.34
CA CYS E 173 58.51 -34.26 13.48
C CYS E 173 58.57 -35.70 12.97
N GLN E 174 59.27 -36.56 13.72
CA GLN E 174 59.41 -37.98 13.37
C GLN E 174 58.14 -38.75 13.02
N ALA E 175 57.13 -38.64 13.87
CA ALA E 175 55.84 -39.25 13.62
C ALA E 175 54.84 -38.11 13.60
N PRO E 176 53.60 -38.38 13.17
CA PRO E 176 52.58 -37.33 13.21
C PRO E 176 52.29 -36.89 14.63
N THR E 177 52.30 -35.57 14.84
CA THR E 177 52.20 -34.98 16.16
C THR E 177 51.27 -33.76 16.16
N ILE E 178 50.39 -33.72 17.14
CA ILE E 178 49.47 -32.62 17.28
C ILE E 178 49.95 -31.71 18.41
N CYS E 179 49.44 -30.49 18.39
CA CYS E 179 49.80 -29.48 19.37
C CYS E 179 48.52 -28.74 19.68
N PHE E 180 48.08 -28.80 20.92
CA PHE E 180 46.81 -28.20 21.27
C PHE E 180 46.95 -27.36 22.51
N VAL E 181 46.08 -26.34 22.63
CA VAL E 181 45.89 -25.57 23.84
C VAL E 181 44.63 -26.07 24.55
N TYR E 182 44.70 -26.20 25.88
CA TYR E 182 43.55 -26.68 26.64
C TYR E 182 43.43 -25.90 27.94
N GLN E 183 42.23 -25.91 28.48
CA GLN E 183 41.96 -25.29 29.76
C GLN E 183 41.49 -26.37 30.71
N ASP E 184 42.05 -26.37 31.90
CA ASP E 184 41.57 -27.17 33.02
C ASP E 184 41.59 -26.25 34.22
N PRO E 185 41.00 -26.68 35.34
CA PRO E 185 40.95 -25.85 36.55
C PRO E 185 42.19 -25.00 36.81
N GLN E 186 43.37 -25.60 36.64
CA GLN E 186 44.63 -24.93 36.99
C GLN E 186 44.89 -23.69 36.14
N GLY E 187 44.56 -23.75 34.85
CA GLY E 187 44.80 -22.61 33.96
C GLY E 187 44.76 -23.06 32.51
N ARG E 188 45.46 -22.29 31.68
CA ARG E 188 45.64 -22.59 30.25
C ARG E 188 47.08 -23.03 30.00
N HIS E 189 47.26 -24.17 29.30
CA HIS E 189 48.58 -24.70 29.01
C HIS E 189 48.61 -25.22 27.57
N VAL E 190 49.78 -25.72 27.14
CA VAL E 190 49.96 -26.36 25.84
C VAL E 190 50.52 -27.75 26.06
N LYS E 191 50.01 -28.73 25.30
CA LYS E 191 50.48 -30.12 25.32
C LYS E 191 50.49 -30.69 23.91
N THR E 192 51.37 -31.67 23.68
CA THR E 192 51.49 -32.34 22.39
C THR E 192 51.42 -33.84 22.61
N TYR E 193 50.80 -34.55 21.66
CA TYR E 193 50.70 -36.00 21.65
C TYR E 193 51.11 -36.50 20.28
N GLU E 194 51.50 -37.76 20.23
CA GLU E 194 51.88 -38.41 18.98
C GLU E 194 50.81 -39.39 18.55
N VAL E 195 50.74 -39.65 17.24
CA VAL E 195 49.62 -40.37 16.66
C VAL E 195 50.14 -41.60 15.94
N SER E 196 49.68 -42.78 16.38
CA SER E 196 50.08 -44.05 15.81
C SER E 196 48.89 -44.70 15.12
N LEU E 197 48.90 -44.68 13.79
CA LEU E 197 47.94 -45.45 13.00
C LEU E 197 48.16 -46.96 13.09
N ARG E 198 49.28 -47.42 13.69
CA ARG E 198 49.51 -48.85 13.87
C ARG E 198 48.84 -49.35 15.15
N GLU E 199 49.23 -48.81 16.29
CA GLU E 199 48.51 -49.09 17.53
C GLU E 199 47.23 -48.25 17.67
N LYS E 200 46.87 -47.51 16.61
CA LYS E 200 45.70 -46.64 16.59
C LYS E 200 45.44 -46.01 17.95
N GLU E 201 46.50 -45.48 18.56
CA GLU E 201 46.38 -44.86 19.91
C GLU E 201 47.37 -43.70 20.01
N PHE E 202 47.33 -42.97 21.13
CA PHE E 202 48.20 -41.77 21.31
C PHE E 202 49.50 -42.17 21.97
N ASN E 203 50.54 -41.34 21.80
CA ASN E 203 51.85 -41.58 22.47
C ASN E 203 52.37 -40.24 22.96
N LYS E 204 53.30 -40.25 23.92
CA LYS E 204 53.79 -38.98 24.52
C LYS E 204 54.36 -38.06 23.43
N GLY E 205 54.11 -36.76 23.56
CA GLY E 205 54.62 -35.84 22.57
C GLY E 205 55.94 -35.20 22.98
N PRO E 206 56.58 -34.52 22.02
CA PRO E 206 57.94 -34.01 22.28
C PRO E 206 58.05 -32.93 23.35
N TRP E 207 57.03 -32.09 23.61
CA TRP E 207 57.19 -31.02 24.60
C TRP E 207 55.83 -30.54 25.16
N LYS E 208 55.89 -29.60 26.10
CA LYS E 208 54.71 -28.99 26.74
C LYS E 208 55.14 -27.71 27.45
N GLN E 209 54.15 -26.94 27.90
CA GLN E 209 54.41 -25.69 28.62
C GLN E 209 53.27 -25.48 29.60
N GLU E 210 53.57 -25.63 30.89
CA GLU E 210 52.53 -25.82 31.89
C GLU E 210 51.66 -24.58 32.10
N ASN E 211 52.04 -23.41 31.59
CA ASN E 211 51.15 -22.27 31.78
C ASN E 211 51.40 -21.20 30.74
N VAL E 212 50.32 -20.66 30.18
CA VAL E 212 50.40 -19.63 29.14
C VAL E 212 49.23 -18.66 29.30
N GLU E 213 49.14 -17.65 28.43
CA GLU E 213 48.10 -16.63 28.56
C GLU E 213 46.72 -17.27 28.66
N ALA E 214 46.00 -16.94 29.73
CA ALA E 214 44.65 -17.45 29.95
C ALA E 214 43.72 -17.07 28.80
N GLU E 215 44.15 -16.12 27.97
CA GLU E 215 43.43 -15.72 26.76
C GLU E 215 44.07 -16.28 25.51
N ALA E 216 44.58 -17.51 25.57
CA ALA E 216 45.29 -18.07 24.42
C ALA E 216 44.31 -18.88 23.57
N SER E 217 44.30 -18.59 22.26
CA SER E 217 43.32 -19.24 21.38
C SER E 217 43.85 -19.68 20.01
N MET E 218 45.06 -19.32 19.58
CA MET E 218 45.56 -19.71 18.27
C MET E 218 46.78 -20.63 18.37
N VAL E 219 46.72 -21.74 17.67
CA VAL E 219 47.84 -22.65 17.44
C VAL E 219 48.31 -22.47 16.01
N ILE E 220 49.54 -22.00 15.84
CA ILE E 220 50.12 -21.86 14.52
C ILE E 220 51.29 -22.80 14.41
N ALA E 221 51.25 -23.71 13.44
CA ALA E 221 52.32 -24.66 13.23
C ALA E 221 53.39 -24.04 12.33
N VAL E 222 54.55 -23.73 12.88
CA VAL E 222 55.64 -23.17 12.06
C VAL E 222 56.17 -24.27 11.13
N PRO E 223 56.44 -23.97 9.85
CA PRO E 223 56.84 -25.02 8.90
C PRO E 223 58.28 -25.42 9.09
N GLU E 224 58.67 -26.49 8.38
CA GLU E 224 59.88 -27.25 8.64
C GLU E 224 61.10 -26.44 9.04
N PRO E 225 61.45 -25.36 8.36
CA PRO E 225 62.65 -24.61 8.75
C PRO E 225 62.83 -24.49 10.27
N PHE E 226 62.03 -23.63 10.93
CA PHE E 226 62.12 -23.39 12.36
C PHE E 226 61.28 -24.34 13.21
N GLY E 227 60.24 -24.94 12.63
CA GLY E 227 59.40 -25.87 13.38
C GLY E 227 58.73 -25.33 14.63
N GLY E 228 57.92 -26.13 15.25
CA GLY E 228 57.34 -25.66 16.48
C GLY E 228 56.01 -24.97 16.22
N ALA E 229 55.55 -24.26 17.26
CA ALA E 229 54.20 -23.72 17.33
C ALA E 229 54.21 -22.30 17.89
N ILE E 230 53.39 -21.43 17.29
CA ILE E 230 53.17 -20.05 17.73
C ILE E 230 51.82 -19.98 18.43
N ILE E 231 51.82 -19.54 19.68
CA ILE E 231 50.61 -19.45 20.50
C ILE E 231 50.31 -17.96 20.70
N ILE E 232 49.11 -17.56 20.27
CA ILE E 232 48.66 -16.17 20.27
C ILE E 232 47.51 -16.01 21.26
N GLY E 233 47.72 -15.14 22.25
CA GLY E 233 46.71 -14.80 23.25
C GLY E 233 46.37 -13.33 23.18
N GLN E 234 45.62 -12.81 24.15
CA GLN E 234 45.08 -11.48 23.97
C GLN E 234 46.18 -10.42 24.03
N GLU E 235 47.19 -10.62 24.87
CA GLU E 235 48.26 -9.64 24.99
C GLU E 235 49.63 -10.19 24.63
N SER E 236 49.74 -11.49 24.37
CA SER E 236 51.03 -12.16 24.32
C SER E 236 51.08 -13.11 23.14
N ILE E 237 52.14 -13.00 22.35
CA ILE E 237 52.47 -13.97 21.31
C ILE E 237 53.71 -14.72 21.78
N THR E 238 53.60 -16.04 21.97
CA THR E 238 54.73 -16.83 22.43
C THR E 238 55.05 -17.91 21.39
N TYR E 239 56.34 -18.10 21.13
CA TYR E 239 56.83 -19.26 20.37
C TYR E 239 57.32 -20.34 21.34
N HIS E 240 57.04 -21.60 21.00
CA HIS E 240 57.41 -22.81 21.75
C HIS E 240 58.03 -23.85 20.82
N ASN E 241 59.21 -24.37 21.18
CA ASN E 241 59.83 -25.48 20.43
C ASN E 241 60.86 -26.16 21.33
N GLY E 242 60.41 -27.15 22.10
CA GLY E 242 61.33 -27.93 22.92
C GLY E 242 62.02 -27.03 23.93
N ASP E 243 63.36 -26.96 23.84
CA ASP E 243 64.12 -26.09 24.74
C ASP E 243 63.81 -24.62 24.48
N LYS E 244 63.41 -24.26 23.26
CA LYS E 244 63.17 -22.86 22.92
C LYS E 244 61.81 -22.37 23.40
N TYR E 245 61.77 -21.11 23.83
CA TYR E 245 60.52 -20.44 24.24
C TYR E 245 60.78 -18.93 24.25
N LEU E 246 60.28 -18.23 23.24
CA LEU E 246 60.33 -16.77 23.15
C LEU E 246 58.91 -16.22 23.20
N ALA E 247 58.72 -15.14 23.96
CA ALA E 247 57.38 -14.55 24.14
C ALA E 247 57.46 -13.03 24.02
N ILE E 248 56.55 -12.46 23.23
CA ILE E 248 56.46 -11.02 23.05
C ILE E 248 55.10 -10.55 23.55
N ALA E 249 55.07 -9.36 24.14
CA ALA E 249 53.84 -8.70 24.58
C ALA E 249 53.78 -7.35 23.88
N PRO E 250 53.47 -7.32 22.59
CA PRO E 250 53.37 -6.07 21.89
C PRO E 250 52.16 -5.29 22.36
N PRO E 251 52.21 -4.01 22.31
CA PRO E 251 51.07 -3.21 22.77
C PRO E 251 50.05 -3.01 21.66
N ILE E 252 50.54 -2.97 20.42
CA ILE E 252 49.67 -2.72 19.28
C ILE E 252 48.54 -3.75 19.25
N ILE E 253 48.84 -5.00 19.59
CA ILE E 253 47.83 -6.04 19.54
C ILE E 253 46.87 -5.98 20.72
N LYS E 254 47.10 -5.04 21.64
CA LYS E 254 46.38 -5.01 22.90
C LYS E 254 45.06 -4.27 22.80
N GLN E 255 44.52 -4.06 21.59
CA GLN E 255 43.29 -3.29 21.41
C GLN E 255 42.12 -4.13 20.96
N SER E 256 42.38 -5.34 20.45
CA SER E 256 41.37 -6.24 19.90
C SER E 256 42.04 -7.59 19.70
N THR E 257 41.21 -8.63 19.63
CA THR E 257 41.68 -10.01 19.63
C THR E 257 42.04 -10.49 18.22
N ILE E 258 43.14 -11.22 18.11
CA ILE E 258 43.52 -11.76 16.81
C ILE E 258 42.72 -13.04 16.57
N VAL E 259 41.92 -13.05 15.51
CA VAL E 259 41.02 -14.17 15.24
C VAL E 259 41.37 -14.93 13.98
N CYS E 260 42.19 -14.39 13.09
CA CYS E 260 42.60 -15.21 11.95
C CYS E 260 44.03 -14.88 11.57
N HIS E 261 44.69 -15.88 11.01
CA HIS E 261 46.10 -15.83 10.65
C HIS E 261 46.26 -16.44 9.27
N ASN E 262 47.43 -16.25 8.70
CA ASN E 262 47.74 -16.93 7.46
C ASN E 262 49.23 -16.87 7.27
N ARG E 263 49.78 -17.92 6.65
CA ARG E 263 51.21 -18.01 6.38
C ARG E 263 51.47 -17.38 5.01
N VAL E 264 52.20 -16.27 5.01
CA VAL E 264 52.65 -15.68 3.75
C VAL E 264 53.62 -16.55 2.98
N ASP E 265 54.75 -16.87 3.60
CA ASP E 265 55.78 -17.65 2.92
C ASP E 265 55.66 -19.07 3.49
N PRO E 266 55.85 -20.10 2.67
CA PRO E 266 55.79 -21.48 3.19
C PRO E 266 56.91 -21.87 4.15
N ASN E 267 57.87 -20.99 4.44
CA ASN E 267 58.93 -21.29 5.40
C ASN E 267 58.69 -20.70 6.79
N GLY E 268 57.78 -19.75 6.95
CA GLY E 268 57.35 -19.30 8.26
C GLY E 268 57.83 -17.92 8.71
N SER E 269 58.68 -17.24 7.93
CA SER E 269 59.21 -15.96 8.39
C SER E 269 58.12 -14.93 8.61
N ARG E 270 57.08 -14.93 7.77
CA ARG E 270 56.06 -13.88 7.78
C ARG E 270 54.68 -14.49 7.94
N TYR E 271 53.86 -13.90 8.80
CA TYR E 271 52.47 -14.30 9.00
C TYR E 271 51.59 -13.05 8.96
N LEU E 272 50.33 -13.23 8.59
CA LEU E 272 49.37 -12.14 8.61
C LEU E 272 48.37 -12.36 9.73
N LEU E 273 48.15 -11.34 10.54
CA LEU E 273 47.23 -11.42 11.67
C LEU E 273 46.10 -10.43 11.45
N GLY E 274 44.91 -10.85 11.82
CA GLY E 274 43.75 -9.98 11.75
C GLY E 274 42.96 -10.02 13.04
N ASP E 275 42.52 -8.83 13.48
CA ASP E 275 41.75 -8.64 14.70
C ASP E 275 40.27 -8.42 14.36
N MET E 276 39.44 -8.30 15.40
CA MET E 276 38.00 -8.19 15.20
C MET E 276 37.55 -6.79 14.83
N GLU E 277 38.47 -5.89 14.52
CA GLU E 277 38.12 -4.52 14.18
C GLU E 277 38.72 -4.06 12.85
N GLY E 278 39.33 -4.96 12.07
CA GLY E 278 39.86 -4.60 10.77
C GLY E 278 41.37 -4.39 10.71
N ARG E 279 42.06 -4.45 11.84
CA ARG E 279 43.52 -4.33 11.84
C ARG E 279 44.14 -5.50 11.09
N LEU E 280 45.07 -5.19 10.20
CA LEU E 280 45.88 -6.20 9.53
C LEU E 280 47.32 -6.04 10.02
N PHE E 281 47.76 -6.95 10.90
CA PHE E 281 49.15 -6.97 11.37
C PHE E 281 50.01 -7.93 10.57
N MET E 282 51.32 -7.75 10.73
CA MET E 282 52.33 -8.64 10.16
C MET E 282 53.20 -9.23 11.28
N LEU E 283 53.13 -10.54 11.44
CA LEU E 283 54.03 -11.24 12.35
C LEU E 283 55.29 -11.64 11.58
N LEU E 284 56.45 -11.29 12.10
CA LEU E 284 57.72 -11.63 11.48
C LEU E 284 58.51 -12.54 12.41
N LEU E 285 59.08 -13.60 11.85
CA LEU E 285 60.02 -14.45 12.57
C LEU E 285 61.43 -14.07 12.10
N GLU E 286 62.15 -13.34 12.96
CA GLU E 286 63.51 -12.90 12.64
C GLU E 286 64.49 -14.06 12.84
N LYS E 287 65.12 -14.51 11.76
CA LYS E 287 65.94 -15.71 11.73
C LYS E 287 67.43 -15.38 11.78
N GLU E 288 68.22 -16.38 12.19
CA GLU E 288 69.66 -16.24 12.45
C GLU E 288 70.48 -17.28 11.66
N GLU E 289 70.91 -16.92 10.45
CA GLU E 289 71.72 -17.79 9.59
C GLU E 289 73.13 -17.90 10.14
N GLN E 290 73.40 -18.97 10.89
CA GLN E 290 74.68 -19.19 11.55
C GLN E 290 75.69 -19.90 10.63
N MET E 291 76.94 -20.00 11.07
CA MET E 291 77.95 -20.63 10.21
C MET E 291 77.96 -22.15 10.33
N ASP E 292 77.34 -22.71 11.35
CA ASP E 292 77.16 -24.16 11.44
C ASP E 292 75.85 -24.56 10.76
N GLY E 293 75.45 -23.81 9.74
CA GLY E 293 74.18 -24.02 9.06
C GLY E 293 72.94 -23.69 9.87
N THR E 294 72.96 -24.00 11.17
CA THR E 294 71.79 -23.78 12.01
C THR E 294 71.20 -22.40 11.80
N VAL E 295 69.88 -22.33 11.88
CA VAL E 295 69.15 -21.08 11.91
C VAL E 295 68.30 -21.08 13.17
N THR E 296 68.35 -19.97 13.92
CA THR E 296 67.67 -19.90 15.21
C THR E 296 66.75 -18.69 15.23
N LEU E 297 65.75 -18.75 16.12
CA LEU E 297 64.78 -17.66 16.27
C LEU E 297 65.37 -16.61 17.19
N LYS E 298 65.87 -15.52 16.60
CA LYS E 298 66.45 -14.44 17.39
C LYS E 298 65.35 -13.65 18.11
N ASP E 299 64.38 -13.14 17.34
CA ASP E 299 63.31 -12.36 17.95
C ASP E 299 62.03 -12.52 17.13
N LEU E 300 60.97 -11.81 17.58
CA LEU E 300 59.64 -11.76 16.98
C LEU E 300 59.18 -10.31 16.91
N ARG E 301 58.80 -9.83 15.72
CA ARG E 301 58.25 -8.49 15.55
C ARG E 301 56.84 -8.54 14.97
N VAL E 302 55.92 -7.77 15.54
CA VAL E 302 54.58 -7.59 14.99
C VAL E 302 54.48 -6.18 14.43
N GLU E 303 54.13 -6.08 13.16
CA GLU E 303 53.97 -4.79 12.49
C GLU E 303 52.55 -4.65 12.01
N LEU E 304 51.99 -3.45 12.17
CA LEU E 304 50.63 -3.17 11.73
C LEU E 304 50.65 -2.60 10.32
N LEU E 305 49.80 -3.14 9.46
CA LEU E 305 49.80 -2.71 8.07
C LEU E 305 48.77 -1.62 7.82
N GLY E 306 47.53 -1.83 8.26
CA GLY E 306 46.45 -0.89 8.01
C GLY E 306 45.10 -1.47 8.40
N GLU E 307 44.03 -0.91 7.81
CA GLU E 307 42.67 -1.37 8.06
C GLU E 307 42.10 -2.11 6.84
N THR E 308 41.39 -3.21 7.08
CA THR E 308 40.63 -3.87 6.02
C THR E 308 39.21 -4.12 6.52
N SER E 309 38.40 -4.87 5.79
CA SER E 309 37.10 -5.26 6.32
C SER E 309 37.30 -6.19 7.51
N ILE E 310 36.35 -6.17 8.44
CA ILE E 310 36.34 -7.10 9.56
C ILE E 310 36.69 -8.40 8.82
N ALA E 311 37.78 -9.05 9.25
CA ALA E 311 38.34 -10.20 8.56
C ALA E 311 37.81 -11.43 9.29
N GLU E 312 37.24 -12.36 8.54
CA GLU E 312 36.90 -13.68 9.03
C GLU E 312 37.99 -14.67 8.69
N CYS E 313 38.42 -14.70 7.42
CA CYS E 313 39.51 -15.52 6.95
C CYS E 313 40.47 -14.64 6.12
N LEU E 314 41.76 -15.00 6.12
CA LEU E 314 42.80 -14.27 5.40
C LEU E 314 43.66 -15.22 4.58
N THR E 315 44.09 -14.74 3.41
CA THR E 315 44.85 -15.58 2.50
C THR E 315 45.71 -14.67 1.62
N TYR E 316 47.03 -14.81 1.71
CA TYR E 316 47.93 -14.07 0.84
C TYR E 316 47.97 -14.75 -0.52
N LEU E 317 47.90 -13.94 -1.58
CA LEU E 317 47.86 -14.50 -2.92
C LEU E 317 49.23 -14.38 -3.59
N ASP E 318 49.62 -13.16 -3.97
CA ASP E 318 50.90 -12.95 -4.62
C ASP E 318 51.07 -11.46 -4.89
N ASN E 319 52.32 -11.07 -5.11
CA ASN E 319 52.64 -9.68 -5.39
C ASN E 319 51.95 -8.76 -4.39
N GLY E 320 51.77 -9.24 -3.16
CA GLY E 320 51.26 -8.44 -2.07
C GLY E 320 49.76 -8.23 -2.04
N VAL E 321 49.02 -8.95 -2.84
CA VAL E 321 47.56 -8.89 -2.75
C VAL E 321 47.11 -9.96 -1.76
N VAL E 322 46.33 -9.54 -0.76
CA VAL E 322 45.76 -10.42 0.24
C VAL E 322 44.27 -10.43 0.01
N PHE E 323 43.71 -11.61 -0.22
CA PHE E 323 42.26 -11.72 -0.21
C PHE E 323 41.78 -11.70 1.23
N VAL E 324 40.95 -10.72 1.57
CA VAL E 324 40.38 -10.58 2.91
C VAL E 324 38.95 -11.08 2.86
N GLY E 325 38.68 -12.23 3.46
CA GLY E 325 37.32 -12.77 3.50
C GLY E 325 36.56 -12.27 4.72
N SER E 326 35.34 -11.78 4.49
CA SER E 326 34.54 -11.07 5.48
C SER E 326 33.17 -11.71 5.63
N ARG E 327 32.69 -11.77 6.89
CA ARG E 327 31.35 -12.24 7.25
C ARG E 327 30.42 -11.07 7.57
N LEU E 328 31.00 -9.92 7.87
CA LEU E 328 30.31 -8.73 8.32
C LEU E 328 30.34 -7.60 7.31
N GLY E 329 31.41 -7.47 6.56
CA GLY E 329 31.45 -6.48 5.50
C GLY E 329 31.67 -7.09 4.13
N ASP E 330 32.07 -6.26 3.17
CA ASP E 330 32.40 -6.81 1.88
C ASP E 330 33.76 -7.49 1.98
N SER E 331 33.89 -8.60 1.25
CA SER E 331 35.21 -9.17 1.06
C SER E 331 35.94 -8.33 0.04
N GLN E 332 37.27 -8.42 0.05
CA GLN E 332 38.05 -7.48 -0.74
C GLN E 332 39.42 -8.08 -1.01
N LEU E 333 40.01 -7.65 -2.14
CA LEU E 333 41.43 -7.83 -2.43
C LEU E 333 42.18 -6.57 -1.99
N VAL E 334 43.18 -6.72 -1.14
CA VAL E 334 44.00 -5.58 -0.73
C VAL E 334 45.40 -5.76 -1.29
N LYS E 335 46.09 -4.65 -1.52
CA LYS E 335 47.46 -4.68 -2.00
C LYS E 335 48.33 -4.11 -0.90
N LEU E 336 49.26 -4.91 -0.42
CA LEU E 336 50.26 -4.42 0.53
C LEU E 336 51.29 -3.58 -0.22
N ASN E 337 51.67 -2.46 0.39
CA ASN E 337 52.65 -1.53 -0.16
C ASN E 337 53.87 -1.45 0.74
N VAL E 338 54.97 -0.92 0.19
CA VAL E 338 56.18 -0.71 0.96
C VAL E 338 56.30 0.72 1.46
N ASP E 339 55.39 1.61 1.08
CA ASP E 339 55.37 2.97 1.59
C ASP E 339 53.96 3.29 2.07
N SER E 340 53.87 4.19 3.04
CA SER E 340 52.58 4.49 3.66
C SER E 340 51.78 5.49 2.82
N ASN E 341 50.49 5.54 3.11
CA ASN E 341 49.60 6.56 2.58
C ASN E 341 49.57 7.72 3.57
N GLU E 342 48.67 8.68 3.34
CA GLU E 342 48.52 9.79 4.27
C GLU E 342 48.12 9.27 5.66
N GLN E 343 47.14 8.37 5.71
CA GLN E 343 46.75 7.78 6.97
C GLN E 343 47.77 6.79 7.49
N GLY E 344 48.94 6.71 6.84
CA GLY E 344 50.02 5.82 7.24
C GLY E 344 49.82 4.38 6.89
N SER E 345 48.69 4.04 6.26
CA SER E 345 48.44 2.64 5.92
C SER E 345 49.38 2.17 4.83
N TYR E 346 49.59 0.85 4.80
CA TYR E 346 50.23 0.19 3.69
C TYR E 346 49.24 -0.65 2.89
N VAL E 347 48.05 -0.88 3.45
CA VAL E 347 47.00 -1.60 2.75
C VAL E 347 46.21 -0.61 1.89
N VAL E 348 45.88 -1.03 0.68
CA VAL E 348 45.04 -0.21 -0.19
C VAL E 348 44.13 -1.15 -0.95
N ALA E 349 42.83 -1.01 -0.75
CA ALA E 349 41.91 -1.96 -1.35
C ALA E 349 41.93 -1.79 -2.86
N MET E 350 42.07 -2.90 -3.58
CA MET E 350 42.07 -2.89 -5.03
C MET E 350 40.87 -3.59 -5.62
N GLU E 351 39.97 -4.12 -4.80
CA GLU E 351 38.74 -4.71 -5.28
C GLU E 351 37.84 -4.87 -4.05
N THR E 352 36.56 -5.15 -4.31
CA THR E 352 35.62 -5.40 -3.22
C THR E 352 34.52 -6.30 -3.76
N PHE E 353 34.02 -7.21 -2.94
CA PHE E 353 33.05 -8.21 -3.37
C PHE E 353 31.84 -8.09 -2.46
N THR E 354 30.65 -7.89 -3.02
CA THR E 354 29.60 -7.46 -2.12
C THR E 354 29.16 -8.64 -1.26
N ASN E 355 29.01 -8.36 0.04
CA ASN E 355 28.39 -9.26 1.00
C ASN E 355 27.25 -8.52 1.68
N LEU E 356 26.04 -9.04 1.47
CA LEU E 356 24.83 -8.45 2.01
C LEU E 356 24.68 -8.72 3.49
N GLY E 357 25.27 -9.82 3.99
CA GLY E 357 25.04 -10.28 5.35
C GLY E 357 26.00 -9.65 6.34
N PRO E 358 25.64 -9.75 7.63
CA PRO E 358 24.35 -10.28 8.11
C PRO E 358 23.25 -9.32 7.72
N ILE E 359 22.13 -9.82 7.21
CA ILE E 359 20.95 -9.02 6.94
C ILE E 359 20.04 -9.11 8.17
N VAL E 360 19.92 -8.00 8.90
CA VAL E 360 19.20 -8.00 10.17
C VAL E 360 17.78 -7.44 10.07
N ASP E 361 17.48 -6.72 9.01
CA ASP E 361 16.15 -6.19 8.79
C ASP E 361 16.07 -5.78 7.34
N MET E 362 14.84 -5.71 6.83
CA MET E 362 14.67 -5.33 5.44
C MET E 362 13.21 -5.00 5.19
N CYS E 363 12.98 -4.27 4.10
CA CYS E 363 11.63 -3.96 3.62
C CYS E 363 11.66 -3.81 2.12
N VAL E 364 10.52 -4.03 1.51
CA VAL E 364 10.38 -3.92 0.06
C VAL E 364 9.70 -2.63 -0.29
N VAL E 365 10.18 -1.98 -1.36
CA VAL E 365 9.83 -0.60 -1.65
C VAL E 365 10.05 -0.35 -3.13
N ASP E 366 9.07 0.30 -3.78
CA ASP E 366 9.18 0.64 -5.20
C ASP E 366 9.70 2.08 -5.31
N LEU E 367 11.02 2.22 -5.18
CA LEU E 367 11.57 3.56 -5.06
C LEU E 367 11.35 4.36 -6.34
N GLU E 368 11.13 3.68 -7.45
CA GLU E 368 10.92 4.34 -8.73
C GLU E 368 9.48 4.26 -9.23
N ARG E 369 8.56 3.80 -8.39
CA ARG E 369 7.15 3.68 -8.77
C ARG E 369 7.00 3.07 -10.16
N GLN E 370 7.79 2.03 -10.45
CA GLN E 370 7.69 1.28 -11.70
C GLN E 370 7.01 -0.07 -11.53
N GLY E 371 6.43 -0.35 -10.35
CA GLY E 371 5.77 -1.62 -10.07
C GLY E 371 6.69 -2.83 -10.02
N GLN E 372 7.97 -2.60 -9.76
CA GLN E 372 9.02 -3.62 -9.76
C GLN E 372 9.29 -4.13 -8.35
N GLY E 373 9.70 -3.24 -7.45
CA GLY E 373 10.05 -3.66 -6.11
C GLY E 373 11.54 -3.82 -5.91
N GLN E 374 12.07 -3.13 -4.91
CA GLN E 374 13.47 -3.26 -4.53
C GLN E 374 13.57 -3.62 -3.06
N LEU E 375 14.53 -4.48 -2.72
CA LEU E 375 14.75 -4.86 -1.34
C LEU E 375 15.78 -3.91 -0.73
N VAL E 376 15.44 -3.29 0.40
CA VAL E 376 16.36 -2.42 1.11
C VAL E 376 16.64 -3.03 2.48
N THR E 377 17.92 -3.30 2.76
CA THR E 377 18.38 -4.16 3.85
C THR E 377 19.27 -3.40 4.80
N CYS E 378 19.08 -3.63 6.11
CA CYS E 378 20.12 -3.31 7.11
C CYS E 378 21.17 -4.40 7.10
N SER E 379 22.42 -4.04 6.85
CA SER E 379 23.42 -5.03 6.48
C SER E 379 24.74 -4.81 7.18
N GLY E 380 25.38 -5.92 7.55
CA GLY E 380 26.62 -5.85 8.28
C GLY E 380 26.42 -5.40 9.71
N ALA E 381 27.54 -5.05 10.32
CA ALA E 381 27.51 -4.60 11.71
C ALA E 381 28.74 -3.73 11.91
N PHE E 382 28.69 -2.88 12.92
CA PHE E 382 29.83 -2.03 13.26
C PHE E 382 30.30 -1.15 12.12
N LYS E 383 31.60 -1.11 11.81
CA LYS E 383 32.07 -0.20 10.76
C LYS E 383 31.62 -0.73 9.42
N GLU E 384 31.17 -1.98 9.35
CA GLU E 384 30.67 -2.52 8.10
C GLU E 384 29.18 -2.26 7.91
N GLY E 385 28.54 -1.55 8.85
CA GLY E 385 27.11 -1.27 8.74
C GLY E 385 26.69 -0.53 7.49
N SER E 386 25.63 -0.98 6.84
CA SER E 386 25.38 -0.45 5.51
C SER E 386 23.93 -0.65 5.11
N LEU E 387 23.36 0.34 4.42
CA LEU E 387 22.16 0.07 3.67
C LEU E 387 22.53 -0.50 2.31
N ARG E 388 21.74 -1.50 1.88
CA ARG E 388 21.88 -2.16 0.59
C ARG E 388 20.55 -2.06 -0.13
N ILE E 389 20.58 -1.71 -1.41
CA ILE E 389 19.37 -1.65 -2.24
C ILE E 389 19.51 -2.62 -3.41
N ILE E 390 18.54 -3.51 -3.56
CA ILE E 390 18.63 -4.66 -4.46
C ILE E 390 17.46 -4.60 -5.42
N ARG E 391 17.77 -4.55 -6.73
CA ARG E 391 16.78 -4.43 -7.78
C ARG E 391 17.05 -5.49 -8.84
N ASN E 392 15.98 -5.97 -9.50
CA ASN E 392 16.15 -7.01 -10.54
C ASN E 392 16.21 -6.34 -11.91
N LEU E 406 20.66 -9.28 -10.79
CA LEU E 406 20.23 -8.37 -9.70
C LEU E 406 21.28 -7.26 -9.51
N HIS E 407 20.86 -6.11 -8.99
CA HIS E 407 21.79 -4.97 -8.84
C HIS E 407 21.82 -4.55 -7.37
N ILE E 408 23.00 -4.19 -6.86
CA ILE E 408 23.13 -3.87 -5.41
C ILE E 408 23.80 -2.50 -5.25
N ARG E 409 23.13 -1.58 -4.56
CA ARG E 409 23.75 -0.26 -4.27
C ARG E 409 24.06 -0.24 -2.77
N THR E 410 25.28 0.12 -2.40
CA THR E 410 25.65 0.05 -0.98
C THR E 410 25.73 1.44 -0.40
N VAL E 411 25.06 1.67 0.73
CA VAL E 411 25.17 2.95 1.43
C VAL E 411 25.86 2.71 2.77
N PRO E 412 27.20 2.79 2.82
CA PRO E 412 27.95 2.66 4.08
C PRO E 412 27.50 3.58 5.21
N LEU E 413 27.11 3.03 6.36
CA LEU E 413 26.80 3.83 7.53
C LEU E 413 27.95 3.95 8.53
N TYR E 414 28.92 3.04 8.47
CA TYR E 414 30.01 2.95 9.45
C TYR E 414 29.50 2.75 10.89
N GLU E 415 28.27 2.24 11.05
CA GLU E 415 27.71 1.84 12.35
C GLU E 415 26.57 0.87 12.06
N SER E 416 25.90 0.39 13.11
CA SER E 416 25.11 -0.82 12.89
C SER E 416 23.62 -0.54 12.61
N PRO E 417 23.14 -0.67 11.37
CA PRO E 417 21.69 -0.62 11.14
C PRO E 417 21.01 -1.78 11.84
N ARG E 418 19.89 -1.50 12.50
CA ARG E 418 19.13 -2.54 13.18
C ARG E 418 17.73 -2.72 12.63
N LYS E 419 16.93 -1.67 12.56
CA LYS E 419 15.61 -1.78 11.96
C LYS E 419 15.44 -0.73 10.86
N ILE E 420 14.40 -0.91 10.05
CA ILE E 420 14.18 -0.04 8.90
C ILE E 420 12.72 -0.07 8.45
N CYS E 421 12.19 1.10 8.14
CA CYS E 421 10.88 1.21 7.51
C CYS E 421 10.88 2.41 6.58
N TYR E 422 9.99 2.34 5.59
CA TYR E 422 9.88 3.36 4.56
C TYR E 422 8.72 4.29 4.86
N GLN E 423 8.89 5.58 4.55
CA GLN E 423 7.84 6.58 4.82
C GLN E 423 7.58 7.34 3.53
N GLU E 424 6.71 6.75 2.69
CA GLU E 424 6.47 7.30 1.36
C GLU E 424 6.03 8.75 1.41
N VAL E 425 5.17 9.10 2.36
CA VAL E 425 4.65 10.46 2.44
C VAL E 425 5.80 11.45 2.59
N SER E 426 6.86 11.07 3.29
CA SER E 426 7.97 11.97 3.56
C SER E 426 9.19 11.66 2.70
N GLN E 427 9.06 10.70 1.79
CA GLN E 427 10.16 10.25 0.90
C GLN E 427 11.46 10.07 1.68
N CYS E 428 11.42 9.12 2.60
CA CYS E 428 12.55 8.90 3.48
C CYS E 428 12.40 7.56 4.18
N PHE E 429 13.50 7.10 4.75
CA PHE E 429 13.55 5.85 5.47
C PHE E 429 13.83 6.12 6.95
N GLY E 430 13.20 5.31 7.81
CA GLY E 430 13.54 5.29 9.22
C GLY E 430 14.43 4.10 9.52
N VAL E 431 15.53 4.38 10.21
CA VAL E 431 16.49 3.35 10.55
C VAL E 431 16.95 3.56 11.99
N LEU E 432 16.74 2.54 12.83
CA LEU E 432 17.37 2.47 14.15
C LEU E 432 18.82 2.04 14.00
N SER E 433 19.75 2.81 14.58
CA SER E 433 21.16 2.48 14.46
C SER E 433 21.81 2.40 15.84
N SER E 434 22.96 1.74 15.88
CA SER E 434 23.81 1.69 17.06
C SER E 434 25.21 2.14 16.69
N ARG E 435 25.91 2.72 17.66
CA ARG E 435 27.26 3.20 17.46
C ARG E 435 28.03 2.92 18.75
N ILE E 436 29.13 2.20 18.66
CA ILE E 436 29.91 1.97 19.87
C ILE E 436 30.75 3.21 20.15
N GLU E 437 30.75 3.64 21.42
CA GLU E 437 31.67 4.66 21.93
C GLU E 437 32.47 4.10 23.11
N VAL E 438 33.45 4.89 23.55
CA VAL E 438 34.37 4.51 24.62
C VAL E 438 34.27 5.55 25.73
N GLN E 439 33.97 5.09 26.94
CA GLN E 439 34.00 5.93 28.14
C GLN E 439 35.35 6.65 28.25
N ASP E 440 35.36 7.97 28.09
CA ASP E 440 36.61 8.73 28.04
C ASP E 440 36.93 9.28 29.43
N THR E 441 37.81 10.28 29.48
CA THR E 441 38.30 10.80 30.76
C THR E 441 37.61 12.07 31.24
N SER E 442 36.72 12.66 30.44
CA SER E 442 35.98 13.86 30.85
C SER E 442 34.67 13.38 31.46
N GLY E 443 34.63 12.13 31.93
CA GLY E 443 33.37 11.58 32.39
C GLY E 443 32.37 11.36 31.29
N GLY E 444 32.81 11.30 30.03
CA GLY E 444 31.90 11.16 28.92
C GLY E 444 32.17 9.97 28.04
N THR E 445 31.83 10.09 26.74
CA THR E 445 32.07 9.03 25.77
C THR E 445 32.53 9.66 24.47
N THR E 446 33.73 9.30 24.04
CA THR E 446 34.28 9.74 22.77
C THR E 446 33.97 8.71 21.69
N ALA E 447 33.72 9.18 20.47
CA ALA E 447 33.38 8.29 19.36
C ALA E 447 34.62 7.58 18.82
N LEU E 448 34.39 6.50 18.06
CA LEU E 448 35.48 5.71 17.50
C LEU E 448 35.82 6.14 16.08
N ARG E 449 34.81 6.32 15.23
CA ARG E 449 34.97 6.69 13.84
C ARG E 449 33.74 7.51 13.46
N PRO E 450 33.90 8.45 12.53
CA PRO E 450 32.72 9.17 12.02
C PRO E 450 31.78 8.17 11.39
N SER E 451 30.57 8.13 11.90
CA SER E 451 29.58 7.15 11.49
C SER E 451 28.33 7.93 11.13
N ALA E 452 27.27 7.22 10.75
CA ALA E 452 26.08 7.90 10.25
C ALA E 452 25.63 8.99 11.21
N SER E 453 25.24 8.62 12.43
CA SER E 453 24.71 9.59 13.38
C SER E 453 25.68 10.77 13.59
N THR E 454 26.96 10.49 13.84
CA THR E 454 27.90 11.56 14.18
C THR E 454 27.92 12.68 13.14
N GLN E 455 27.89 12.32 11.86
CA GLN E 455 28.02 13.32 10.81
C GLN E 455 26.71 13.50 10.04
N ALA E 456 25.63 13.73 10.78
CA ALA E 456 24.34 13.93 10.14
C ALA E 456 24.07 15.42 9.95
N LEU E 457 23.11 15.72 9.06
CA LEU E 457 22.81 17.11 8.73
C LEU E 457 22.11 17.84 9.87
N SER E 458 20.94 17.38 10.27
CA SER E 458 20.35 17.82 11.52
C SER E 458 20.57 16.74 12.58
N SER E 459 20.70 17.16 13.83
CA SER E 459 20.76 16.22 14.94
C SER E 459 19.88 16.71 16.07
N SER E 460 19.31 15.77 16.81
CA SER E 460 18.54 16.06 18.00
C SER E 460 18.81 14.97 19.02
N VAL E 461 18.62 15.30 20.31
CA VAL E 461 18.77 14.35 21.41
C VAL E 461 17.50 14.35 22.24
N SER E 462 17.04 13.16 22.64
CA SER E 462 15.81 13.08 23.40
C SER E 462 16.03 13.66 24.79
N SER E 463 15.02 14.32 25.32
CA SER E 463 15.11 14.85 26.68
C SER E 463 13.73 14.73 27.31
N SER E 464 13.47 13.60 27.95
CA SER E 464 12.20 13.37 28.62
C SER E 464 12.32 13.35 30.14
N LYS E 465 13.41 12.80 30.66
CA LYS E 465 13.62 12.69 32.11
C LYS E 465 12.49 11.88 32.77
N LEU E 466 11.85 10.98 32.01
CA LEU E 466 10.78 10.14 32.54
C LEU E 466 11.31 9.10 33.53
N PHE E 467 12.62 8.88 33.52
CA PHE E 467 13.25 7.91 34.39
C PHE E 467 14.50 8.48 35.03
N THR E 476 31.35 3.85 37.73
CA THR E 476 30.25 3.20 37.01
C THR E 476 30.74 2.62 35.68
N SER E 477 31.76 3.24 35.08
CA SER E 477 32.48 2.69 33.93
C SER E 477 33.80 3.42 33.80
N PHE E 478 34.80 2.75 33.23
CA PHE E 478 36.14 3.34 33.14
C PHE E 478 36.79 2.80 31.87
N GLY E 479 36.76 3.58 30.80
CA GLY E 479 37.31 3.17 29.52
C GLY E 479 36.52 2.13 28.74
N GLU E 480 35.34 1.72 29.24
CA GLU E 480 34.56 0.61 28.68
C GLU E 480 33.78 1.03 27.43
N GLU E 481 33.30 0.04 26.69
CA GLU E 481 32.51 0.31 25.49
C GLU E 481 31.07 0.64 25.85
N VAL E 482 30.47 1.53 25.07
CA VAL E 482 29.11 2.01 25.30
C VAL E 482 28.37 2.06 23.96
N GLU E 483 27.05 1.97 24.02
CA GLU E 483 26.21 2.02 22.83
C GLU E 483 25.38 3.29 22.81
N VAL E 484 25.39 3.96 21.67
CA VAL E 484 24.52 5.09 21.39
C VAL E 484 23.49 4.63 20.37
N HIS E 485 22.21 4.73 20.71
CA HIS E 485 21.12 4.37 19.79
C HIS E 485 20.53 5.63 19.18
N ASN E 486 20.37 5.62 17.86
CA ASN E 486 19.78 6.76 17.16
C ASN E 486 18.70 6.28 16.21
N LEU E 487 17.71 7.14 16.01
CA LEU E 487 16.80 7.06 14.88
C LEU E 487 17.44 7.89 13.78
N LEU E 488 17.78 7.24 12.67
CA LEU E 488 18.35 7.95 11.52
C LEU E 488 17.23 8.25 10.54
N ILE E 489 17.40 9.33 9.78
CA ILE E 489 16.44 9.73 8.76
C ILE E 489 17.21 9.82 7.45
N ILE E 490 16.95 8.86 6.55
CA ILE E 490 17.69 8.75 5.31
C ILE E 490 16.81 9.20 4.16
N ASP E 491 17.43 9.88 3.20
CA ASP E 491 16.71 10.42 2.06
C ASP E 491 16.60 9.34 0.99
N GLN E 492 15.37 8.98 0.64
CA GLN E 492 15.19 7.90 -0.31
C GLN E 492 15.95 8.14 -1.60
N HIS E 493 16.27 9.39 -1.95
CA HIS E 493 16.94 9.68 -3.22
C HIS E 493 18.45 9.68 -3.04
N THR E 494 18.94 10.64 -2.27
CA THR E 494 20.37 10.76 -2.03
C THR E 494 20.90 9.69 -1.08
N PHE E 495 20.06 9.20 -0.18
CA PHE E 495 20.50 8.25 0.84
C PHE E 495 21.54 8.87 1.77
N GLU E 496 21.32 10.12 2.16
CA GLU E 496 22.16 10.78 3.15
C GLU E 496 21.33 11.00 4.40
N VAL E 497 22.00 11.22 5.53
CA VAL E 497 21.34 11.20 6.84
C VAL E 497 20.80 12.61 7.10
N LEU E 498 19.49 12.78 6.88
CA LEU E 498 18.87 14.09 7.01
C LEU E 498 18.83 14.52 8.46
N HIS E 499 18.40 13.61 9.34
CA HIS E 499 18.30 13.87 10.77
C HIS E 499 18.75 12.63 11.54
N ALA E 500 19.28 12.86 12.74
CA ALA E 500 19.69 11.79 13.65
C ALA E 500 19.25 12.19 15.06
N HIS E 501 18.22 11.53 15.56
CA HIS E 501 17.75 11.73 16.94
C HIS E 501 18.34 10.65 17.84
N GLN E 502 19.08 11.06 18.86
CA GLN E 502 19.67 10.16 19.83
C GLN E 502 18.73 9.97 21.02
N PHE E 503 18.43 8.72 21.34
CA PHE E 503 17.51 8.43 22.43
C PHE E 503 18.19 8.65 23.78
N LEU E 504 17.47 8.28 24.85
CA LEU E 504 17.92 8.51 26.21
C LEU E 504 19.06 7.57 26.57
N GLN E 505 19.89 8.02 27.50
CA GLN E 505 20.99 7.18 27.94
C GLN E 505 20.46 5.87 28.49
N ASN E 506 21.16 4.78 28.17
CA ASN E 506 20.74 3.44 28.58
C ASN E 506 19.45 3.01 27.92
N GLU E 507 18.98 3.72 26.90
CA GLU E 507 17.73 3.37 26.26
C GLU E 507 18.05 2.49 25.05
N TYR E 508 17.46 1.30 25.01
CA TYR E 508 17.63 0.39 23.90
C TYR E 508 16.43 0.54 23.00
N ALA E 509 16.67 0.85 21.72
CA ALA E 509 15.58 0.98 20.75
C ALA E 509 15.37 -0.35 20.02
N LEU E 510 14.17 -0.90 20.12
CA LEU E 510 13.89 -2.25 19.63
C LEU E 510 12.94 -2.32 18.46
N SER E 511 11.90 -1.49 18.45
CA SER E 511 10.87 -1.61 17.43
C SER E 511 10.77 -0.32 16.65
N LEU E 512 10.36 -0.42 15.40
CA LEU E 512 10.18 0.76 14.55
C LEU E 512 9.01 0.55 13.61
N VAL E 513 8.16 1.55 13.48
CA VAL E 513 7.02 1.47 12.58
C VAL E 513 6.73 2.88 12.07
N SER E 514 6.37 2.95 10.79
CA SER E 514 5.81 4.14 10.21
C SER E 514 4.35 3.85 9.89
N CYS E 515 3.46 4.74 10.32
CA CYS E 515 2.07 4.64 9.91
C CYS E 515 1.32 5.91 10.31
N LYS E 516 0.04 5.91 9.98
CA LYS E 516 -0.91 6.93 10.43
C LYS E 516 -1.96 6.20 11.27
N LEU E 517 -2.27 6.75 12.46
CA LEU E 517 -3.22 6.14 13.39
C LEU E 517 -4.43 7.06 13.61
N GLY E 518 -5.57 6.45 13.95
CA GLY E 518 -6.77 7.26 14.17
C GLY E 518 -7.18 8.04 12.93
N LYS E 519 -8.11 8.98 13.16
CA LYS E 519 -8.53 9.88 12.08
C LYS E 519 -7.46 10.94 11.79
N ASP E 520 -6.35 10.95 12.54
CA ASP E 520 -5.23 11.82 12.20
C ASP E 520 -4.72 11.50 10.79
N PRO E 521 -4.26 12.49 10.03
CA PRO E 521 -3.84 12.21 8.66
C PRO E 521 -2.34 12.09 8.46
N ASN E 522 -1.53 12.66 9.36
CA ASN E 522 -0.10 12.65 9.12
C ASN E 522 0.46 11.24 9.35
N THR E 523 1.70 11.03 8.91
CA THR E 523 2.37 9.76 9.16
C THR E 523 3.50 9.98 10.16
N TYR E 524 3.63 9.05 11.10
CA TYR E 524 4.60 9.19 12.18
C TYR E 524 5.56 8.01 12.17
N PHE E 525 6.78 8.26 12.64
CA PHE E 525 7.71 7.19 13.01
C PHE E 525 7.48 6.87 14.47
N ILE E 526 6.93 5.69 14.77
CA ILE E 526 6.75 5.23 16.16
C ILE E 526 7.90 4.29 16.55
N VAL E 527 8.51 4.55 17.70
CA VAL E 527 9.66 3.79 18.13
C VAL E 527 9.35 3.12 19.47
N GLY E 528 9.66 1.83 19.58
CA GLY E 528 9.59 1.10 20.84
C GLY E 528 10.97 0.92 21.44
N THR E 529 11.07 1.10 22.75
CA THR E 529 12.37 1.09 23.43
C THR E 529 12.31 0.29 24.71
N ALA E 530 13.47 0.14 25.34
CA ALA E 530 13.58 -0.44 26.66
C ALA E 530 14.74 0.22 27.37
N MET E 531 14.54 0.50 28.66
CA MET E 531 15.62 1.01 29.50
C MET E 531 16.36 -0.21 30.03
N VAL E 532 17.70 -0.17 30.01
CA VAL E 532 18.48 -1.34 30.34
C VAL E 532 19.65 -0.97 31.22
N TYR E 533 19.87 -1.73 32.30
CA TYR E 533 20.95 -1.47 33.25
C TYR E 533 21.58 -2.81 33.65
N PRO E 534 22.92 -2.87 33.73
CA PRO E 534 23.57 -4.17 33.97
C PRO E 534 22.98 -4.89 35.15
N GLU E 535 22.75 -4.15 36.23
CA GLU E 535 22.19 -4.72 37.45
C GLU E 535 20.85 -5.41 37.16
N GLU E 536 19.91 -4.71 36.52
CA GLU E 536 18.56 -5.24 36.32
C GLU E 536 18.55 -6.22 35.15
N ALA E 537 18.05 -7.44 35.39
CA ALA E 537 18.19 -8.50 34.41
C ALA E 537 17.10 -8.44 33.35
N GLU E 538 15.85 -8.37 33.77
CA GLU E 538 14.67 -8.20 32.94
C GLU E 538 14.32 -6.73 32.80
N PRO E 539 13.75 -6.38 31.64
CA PRO E 539 13.39 -4.98 31.36
C PRO E 539 12.08 -4.61 32.05
N LYS E 540 12.18 -3.70 33.01
CA LYS E 540 11.00 -3.31 33.76
C LYS E 540 10.41 -1.97 33.31
N GLN E 541 11.05 -1.22 32.42
CA GLN E 541 10.43 0.01 31.97
C GLN E 541 11.05 0.45 30.65
N GLY E 542 10.20 0.74 29.66
CA GLY E 542 10.64 1.33 28.40
C GLY E 542 9.59 2.34 27.94
N ARG E 543 9.71 2.90 26.74
CA ARG E 543 8.71 3.86 26.30
C ARG E 543 8.35 3.61 24.83
N ILE E 544 7.14 4.03 24.46
CA ILE E 544 6.77 4.20 23.06
C ILE E 544 6.91 5.68 22.77
N VAL E 545 7.59 6.01 21.68
CA VAL E 545 7.75 7.41 21.30
C VAL E 545 7.16 7.59 19.92
N VAL E 546 6.51 8.74 19.72
CA VAL E 546 5.94 9.13 18.43
C VAL E 546 6.72 10.32 17.89
N PHE E 547 7.25 10.18 16.69
CA PHE E 547 7.92 11.28 16.00
C PHE E 547 7.13 11.67 14.77
N GLN E 548 7.55 12.78 14.16
CA GLN E 548 6.94 13.21 12.88
C GLN E 548 8.03 13.99 12.12
N TYR E 549 8.34 13.56 10.91
CA TYR E 549 9.34 14.29 10.07
C TYR E 549 8.60 15.06 9.01
N SER E 550 8.71 16.39 9.04
CA SER E 550 7.97 17.24 8.08
C SER E 550 8.75 18.55 7.90
N ASP E 551 9.68 18.83 8.81
CA ASP E 551 10.37 20.15 8.75
C ASP E 551 11.89 20.07 8.67
N GLY E 552 12.41 19.01 8.05
CA GLY E 552 13.88 18.85 8.03
C GLY E 552 14.37 18.42 9.39
N LYS E 553 13.46 18.22 10.35
CA LYS E 553 13.86 17.76 11.70
C LYS E 553 12.77 16.86 12.29
N LEU E 554 13.14 16.00 13.24
CA LEU E 554 12.15 15.11 13.90
C LEU E 554 11.44 15.92 14.98
N GLN E 555 10.13 15.73 15.10
CA GLN E 555 9.39 16.42 16.20
C GLN E 555 8.75 15.34 17.08
N THR E 556 9.09 15.33 18.37
CA THR E 556 8.47 14.37 19.27
C THR E 556 7.01 14.75 19.46
N VAL E 557 6.10 13.89 18.99
CA VAL E 557 4.68 14.18 19.11
C VAL E 557 4.08 13.62 20.40
N ALA E 558 4.66 12.56 20.97
CA ALA E 558 4.05 11.94 22.14
C ALA E 558 4.99 10.86 22.67
N GLU E 559 4.94 10.64 23.98
CA GLU E 559 5.69 9.52 24.55
C GLU E 559 4.91 8.88 25.68
N LYS E 560 4.62 7.58 25.56
CA LYS E 560 3.88 6.80 26.56
C LYS E 560 4.86 5.86 27.26
N GLU E 561 5.09 6.08 28.56
CA GLU E 561 5.96 5.22 29.35
C GLU E 561 5.25 3.89 29.65
N VAL E 562 5.94 2.79 29.35
CA VAL E 562 5.47 1.43 29.65
C VAL E 562 6.34 0.82 30.74
N LYS E 563 5.77 -0.17 31.43
CA LYS E 563 6.46 -0.85 32.51
C LYS E 563 7.16 -2.09 32.01
N GLY E 564 7.75 -2.03 30.82
CA GLY E 564 8.40 -3.18 30.26
C GLY E 564 9.26 -2.81 29.07
N ALA E 565 9.37 -3.72 28.10
CA ALA E 565 10.20 -3.51 26.91
C ALA E 565 9.34 -3.67 25.67
N VAL E 566 9.19 -2.60 24.90
CA VAL E 566 8.49 -2.71 23.63
C VAL E 566 9.32 -3.61 22.72
N TYR E 567 8.87 -4.85 22.50
CA TYR E 567 9.59 -5.72 21.59
C TYR E 567 9.06 -5.65 20.17
N SER E 568 7.79 -5.32 20.00
CA SER E 568 7.22 -5.32 18.65
C SER E 568 6.09 -4.30 18.60
N MET E 569 5.98 -3.61 17.47
CA MET E 569 4.83 -2.74 17.22
C MET E 569 4.23 -3.05 15.85
N VAL E 570 2.92 -3.25 15.80
CA VAL E 570 2.23 -3.49 14.54
C VAL E 570 1.06 -2.53 14.43
N GLU E 571 0.99 -1.76 13.34
CA GLU E 571 -0.21 -1.01 13.05
C GLU E 571 -1.33 -1.99 12.74
N PHE E 572 -2.46 -1.84 13.41
CA PHE E 572 -3.50 -2.87 13.45
C PHE E 572 -4.86 -2.22 13.24
N ASN E 573 -5.33 -2.23 12.00
CA ASN E 573 -6.62 -1.64 11.66
C ASN E 573 -6.71 -0.20 12.15
N GLY E 574 -5.70 0.59 11.81
CA GLY E 574 -5.64 1.98 12.21
C GLY E 574 -5.16 2.22 13.62
N LYS E 575 -5.20 1.21 14.48
CA LYS E 575 -4.67 1.24 15.84
C LYS E 575 -3.24 0.69 15.84
N LEU E 576 -2.56 0.81 16.98
CA LEU E 576 -1.20 0.30 17.12
C LEU E 576 -1.16 -0.87 18.12
N LEU E 577 -0.79 -2.06 17.60
CA LEU E 577 -0.52 -3.24 18.43
C LEU E 577 0.93 -3.20 18.93
N ALA E 578 1.11 -3.47 20.22
CA ALA E 578 2.43 -3.39 20.84
C ALA E 578 2.58 -4.47 21.89
N SER E 579 3.74 -5.10 21.92
CA SER E 579 4.03 -6.08 22.95
C SER E 579 4.96 -5.44 23.98
N ILE E 580 4.61 -5.58 25.27
CA ILE E 580 5.47 -5.18 26.37
C ILE E 580 5.70 -6.39 27.24
N ASN E 581 6.92 -6.92 27.18
CA ASN E 581 7.36 -8.11 27.91
C ASN E 581 6.25 -9.12 27.55
N SER E 582 5.58 -9.73 28.54
CA SER E 582 4.57 -10.72 28.26
C SER E 582 3.18 -10.25 27.79
N THR E 583 2.94 -8.94 27.74
CA THR E 583 1.62 -8.36 27.52
C THR E 583 1.49 -7.82 26.11
N VAL E 584 0.44 -8.21 25.41
CA VAL E 584 0.05 -7.61 24.12
C VAL E 584 -1.01 -6.56 24.36
N ARG E 585 -0.80 -5.36 23.82
CA ARG E 585 -1.62 -4.20 24.15
C ARG E 585 -2.01 -3.46 22.89
N LEU E 586 -3.32 -3.21 22.75
CA LEU E 586 -3.84 -2.41 21.65
C LEU E 586 -3.96 -0.97 22.11
N TYR E 587 -3.40 -0.05 21.34
CA TYR E 587 -3.47 1.37 21.65
C TYR E 587 -4.32 2.08 20.59
N GLU E 588 -4.80 3.28 20.95
CA GLU E 588 -5.62 4.13 20.09
C GLU E 588 -5.10 5.57 20.06
N TRP E 589 -5.24 6.19 18.89
CA TRP E 589 -4.80 7.57 18.68
C TRP E 589 -5.99 8.50 18.94
N THR E 590 -5.91 9.27 20.04
CA THR E 590 -6.97 10.17 20.45
C THR E 590 -6.94 11.46 19.63
N THR E 591 -8.06 12.18 19.66
CA THR E 591 -8.13 13.48 19.01
C THR E 591 -7.24 14.50 19.69
N GLU E 592 -6.89 14.29 20.96
CA GLU E 592 -5.91 15.13 21.64
C GLU E 592 -4.47 14.59 21.45
N LYS E 593 -4.24 13.77 20.41
CA LYS E 593 -2.91 13.30 20.00
C LYS E 593 -2.11 12.68 21.16
N GLU E 594 -2.70 11.66 21.76
CA GLU E 594 -2.03 10.83 22.76
C GLU E 594 -2.41 9.37 22.50
N LEU E 595 -1.84 8.46 23.29
CA LEU E 595 -2.11 7.03 23.13
C LEU E 595 -2.96 6.55 24.30
N ARG E 596 -4.10 5.93 23.99
CA ARG E 596 -5.04 5.41 25.00
C ARG E 596 -5.16 3.90 24.83
N THR E 597 -5.04 3.16 25.93
CA THR E 597 -5.12 1.70 25.85
C THR E 597 -6.53 1.22 25.54
N GLU E 598 -6.67 0.38 24.50
CA GLU E 598 -7.98 -0.18 24.13
C GLU E 598 -8.26 -1.47 24.90
N CYS E 599 -7.53 -2.55 24.60
CA CYS E 599 -7.60 -3.77 25.42
C CYS E 599 -6.20 -4.28 25.74
N ASN E 600 -6.16 -5.30 26.61
CA ASN E 600 -4.90 -5.93 27.03
C ASN E 600 -5.08 -7.43 27.01
N HIS E 601 -4.06 -8.12 26.53
CA HIS E 601 -3.97 -9.57 26.63
C HIS E 601 -2.64 -9.94 27.27
N TYR E 602 -2.71 -10.67 28.39
CA TYR E 602 -1.52 -11.01 29.16
C TYR E 602 -1.12 -12.45 28.88
N ASN E 603 0.15 -12.66 28.56
CA ASN E 603 0.59 -13.94 28.04
C ASN E 603 1.53 -14.64 29.01
N ASN E 604 1.56 -15.98 28.94
CA ASN E 604 2.50 -16.77 29.73
C ASN E 604 3.81 -17.03 29.00
N ILE E 605 3.96 -16.46 27.81
CA ILE E 605 5.24 -16.32 27.15
C ILE E 605 5.49 -14.83 26.98
N MET E 606 6.74 -14.47 26.78
CA MET E 606 7.11 -13.08 26.57
C MET E 606 7.02 -12.85 25.08
N ALA E 607 6.31 -11.81 24.67
CA ALA E 607 5.91 -11.64 23.27
C ALA E 607 7.00 -10.92 22.49
N LEU E 608 7.90 -11.70 21.88
CA LEU E 608 8.98 -11.12 21.07
C LEU E 608 8.55 -10.85 19.64
N TYR E 609 7.75 -11.75 19.09
CA TYR E 609 7.33 -11.69 17.70
C TYR E 609 5.86 -11.29 17.66
N LEU E 610 5.54 -10.28 16.86
CA LEU E 610 4.17 -9.81 16.73
C LEU E 610 3.89 -9.66 15.24
N LYS E 611 2.94 -10.42 14.73
CA LYS E 611 2.59 -10.36 13.33
C LYS E 611 1.07 -10.42 13.23
N THR E 612 0.50 -9.57 12.34
CA THR E 612 -0.95 -9.45 12.20
C THR E 612 -1.38 -9.61 10.75
N LYS E 613 -2.54 -10.24 10.56
CA LYS E 613 -3.20 -10.39 9.27
C LYS E 613 -4.67 -10.07 9.56
N GLY E 614 -5.05 -8.81 9.34
CA GLY E 614 -6.40 -8.34 9.61
C GLY E 614 -6.70 -8.29 11.10
N ASP E 615 -7.62 -9.13 11.54
CA ASP E 615 -7.97 -9.23 12.95
C ASP E 615 -7.16 -10.28 13.70
N PHE E 616 -6.50 -11.18 12.97
CA PHE E 616 -5.67 -12.22 13.58
C PHE E 616 -4.32 -11.64 14.02
N ILE E 617 -3.82 -12.11 15.18
CA ILE E 617 -2.54 -11.66 15.74
C ILE E 617 -1.66 -12.88 16.05
N LEU E 618 -0.39 -12.82 15.65
CA LEU E 618 0.57 -13.90 15.91
C LEU E 618 1.61 -13.47 16.95
N VAL E 619 1.78 -14.23 18.02
CA VAL E 619 2.74 -13.92 19.06
C VAL E 619 3.75 -15.07 19.23
N GLY E 620 5.03 -14.73 19.40
CA GLY E 620 6.06 -15.74 19.50
C GLY E 620 7.17 -15.33 20.44
N ASP E 621 7.91 -16.33 20.92
CA ASP E 621 9.04 -16.10 21.80
C ASP E 621 10.25 -16.84 21.27
N LEU E 622 11.36 -16.71 22.00
CA LEU E 622 12.59 -17.30 21.52
C LEU E 622 12.56 -18.83 21.46
N MET E 623 11.57 -19.49 22.08
CA MET E 623 11.56 -20.94 22.19
C MET E 623 10.53 -21.62 21.31
N ARG E 624 10.11 -20.98 20.21
CA ARG E 624 9.13 -21.56 19.32
C ARG E 624 7.78 -21.73 20.01
N SER E 625 7.52 -20.96 21.07
CA SER E 625 6.17 -20.89 21.60
C SER E 625 5.40 -20.01 20.64
N VAL E 626 4.37 -20.58 20.02
CA VAL E 626 3.53 -19.83 19.09
C VAL E 626 2.11 -19.81 19.60
N LEU E 627 1.48 -18.65 19.44
CA LEU E 627 0.20 -18.32 20.06
C LEU E 627 -0.61 -17.53 19.04
N LEU E 628 -1.85 -17.94 18.78
CA LEU E 628 -2.67 -17.26 17.78
C LEU E 628 -3.85 -16.57 18.47
N LEU E 629 -3.88 -15.23 18.41
CA LEU E 629 -4.89 -14.38 19.03
C LEU E 629 -5.84 -13.81 17.97
N ALA E 630 -7.08 -13.51 18.39
CA ALA E 630 -8.06 -12.83 17.54
C ALA E 630 -8.64 -11.62 18.27
N TYR E 631 -8.73 -10.48 17.57
CA TYR E 631 -9.38 -9.29 18.11
C TYR E 631 -10.89 -9.43 17.96
N LYS E 632 -11.60 -9.35 19.09
CA LYS E 632 -13.05 -9.44 19.08
C LYS E 632 -13.55 -8.01 18.89
N PRO E 633 -13.88 -7.61 17.67
CA PRO E 633 -14.07 -6.17 17.40
C PRO E 633 -15.32 -5.63 18.09
N MET E 634 -16.39 -6.43 18.16
CA MET E 634 -17.59 -5.98 18.87
C MET E 634 -17.41 -5.94 20.38
N GLU E 635 -16.58 -6.82 20.95
CA GLU E 635 -16.35 -6.83 22.40
C GLU E 635 -15.11 -6.06 22.80
N GLY E 636 -14.40 -5.49 21.83
CA GLY E 636 -13.16 -4.74 22.07
C GLY E 636 -12.15 -5.44 22.96
N ASN E 637 -12.00 -6.75 22.80
CA ASN E 637 -10.99 -7.48 23.55
C ASN E 637 -10.38 -8.56 22.67
N PHE E 638 -9.23 -9.11 23.13
CA PHE E 638 -8.57 -10.22 22.45
C PHE E 638 -9.11 -11.55 22.94
N GLU E 639 -9.08 -12.55 22.06
CA GLU E 639 -9.52 -13.91 22.39
C GLU E 639 -8.48 -14.92 21.94
N GLU E 640 -8.00 -15.76 22.87
CA GLU E 640 -6.95 -16.70 22.52
C GLU E 640 -7.52 -17.86 21.70
N ILE E 641 -6.91 -18.13 20.55
CA ILE E 641 -7.49 -19.01 19.54
C ILE E 641 -6.80 -20.38 19.51
N ALA E 642 -5.48 -20.36 19.38
CA ALA E 642 -4.71 -21.60 19.34
C ALA E 642 -3.30 -21.32 19.84
N ARG E 643 -2.56 -22.40 20.08
CA ARG E 643 -1.15 -22.26 20.41
C ARG E 643 -0.49 -23.61 20.23
N ASP E 644 0.83 -23.56 20.14
CA ASP E 644 1.65 -24.76 20.09
C ASP E 644 2.95 -24.40 20.78
N PHE E 645 3.42 -25.27 21.66
CA PHE E 645 4.74 -25.11 22.26
C PHE E 645 5.58 -26.33 21.91
N ASN E 646 6.73 -26.09 21.31
CA ASN E 646 7.67 -27.16 20.98
C ASN E 646 9.05 -26.57 21.17
N PRO E 647 9.60 -26.71 22.37
CA PRO E 647 10.77 -25.90 22.74
C PRO E 647 11.91 -26.12 21.76
N ASN E 648 12.42 -25.00 21.24
CA ASN E 648 13.51 -24.93 20.29
C ASN E 648 13.76 -23.46 20.04
N TRP E 649 14.98 -23.11 19.66
CA TRP E 649 15.31 -21.72 19.35
C TRP E 649 14.64 -21.30 18.04
N MET E 650 13.87 -20.18 18.08
CA MET E 650 13.10 -19.65 16.95
C MET E 650 13.54 -18.24 16.60
N SER E 651 13.87 -18.02 15.33
CA SER E 651 14.58 -16.84 14.87
C SER E 651 13.69 -15.78 14.26
N ALA E 652 12.62 -16.20 13.58
CA ALA E 652 11.74 -15.32 12.83
C ALA E 652 10.42 -16.04 12.62
N VAL E 653 9.36 -15.26 12.35
CA VAL E 653 8.01 -15.81 12.24
C VAL E 653 7.15 -14.89 11.37
N GLU E 654 6.11 -15.46 10.76
CA GLU E 654 5.41 -14.73 9.71
C GLU E 654 4.10 -15.42 9.37
N ILE E 655 3.06 -14.64 9.09
CA ILE E 655 1.76 -15.19 8.74
C ILE E 655 1.76 -15.47 7.24
N LEU E 656 1.50 -16.72 6.87
CA LEU E 656 1.52 -17.08 5.46
C LEU E 656 0.19 -16.75 4.81
N ASP E 657 -0.87 -17.35 5.34
CA ASP E 657 -2.24 -17.05 4.98
C ASP E 657 -3.00 -16.99 6.30
N ASP E 658 -4.32 -17.17 6.24
CA ASP E 658 -5.14 -17.12 7.45
C ASP E 658 -4.93 -18.34 8.33
N ASP E 659 -4.45 -19.45 7.77
CA ASP E 659 -4.41 -20.71 8.49
C ASP E 659 -3.00 -21.26 8.66
N ASN E 660 -2.04 -20.73 7.93
CA ASN E 660 -0.70 -21.28 7.93
C ASN E 660 0.26 -20.19 8.34
N PHE E 661 1.16 -20.53 9.26
CA PHE E 661 2.17 -19.62 9.75
C PHE E 661 3.53 -20.21 9.46
N LEU E 662 4.50 -19.36 9.12
CA LEU E 662 5.81 -19.83 8.78
C LEU E 662 6.82 -19.28 9.78
N GLY E 663 7.72 -20.15 10.22
CA GLY E 663 8.69 -19.77 11.23
C GLY E 663 10.08 -20.30 10.89
N ALA E 664 11.08 -19.73 11.56
CA ALA E 664 12.47 -20.11 11.40
C ALA E 664 13.05 -20.58 12.75
N GLU E 665 13.68 -21.76 12.77
CA GLU E 665 14.17 -22.32 14.03
C GLU E 665 15.46 -23.12 13.84
N ASN E 666 16.03 -23.54 14.97
CA ASN E 666 17.33 -24.23 14.98
C ASN E 666 17.21 -25.68 14.49
N ALA E 667 18.23 -26.15 13.78
CA ALA E 667 19.33 -25.31 13.34
C ALA E 667 19.22 -25.07 11.84
N PHE E 668 18.95 -23.83 11.42
CA PHE E 668 18.81 -23.50 9.98
C PHE E 668 17.65 -24.27 9.35
N ASN E 669 16.49 -24.21 10.00
CA ASN E 669 15.29 -24.92 9.55
C ASN E 669 14.15 -23.92 9.38
N LEU E 670 13.21 -24.29 8.54
CA LEU E 670 11.91 -23.64 8.50
C LEU E 670 10.87 -24.61 9.01
N PHE E 671 9.78 -24.07 9.52
CA PHE E 671 8.60 -24.86 9.84
C PHE E 671 7.37 -24.06 9.45
N VAL E 672 6.25 -24.78 9.31
CA VAL E 672 4.94 -24.22 9.05
C VAL E 672 3.92 -24.96 9.92
N CYS E 673 3.07 -24.21 10.61
CA CYS E 673 2.00 -24.80 11.41
C CYS E 673 0.68 -24.18 11.01
N GLN E 674 -0.42 -24.88 11.32
CA GLN E 674 -1.70 -24.59 10.71
C GLN E 674 -2.82 -24.70 11.74
N LYS E 675 -3.83 -23.85 11.56
CA LYS E 675 -5.05 -23.92 12.35
C LYS E 675 -5.93 -25.08 11.88
N ASP E 676 -6.23 -26.01 12.79
CA ASP E 676 -7.10 -27.14 12.44
C ASP E 676 -8.50 -26.62 12.11
N SER E 677 -8.96 -26.89 10.90
CA SER E 677 -10.28 -26.40 10.44
C SER E 677 -11.35 -26.66 11.51
N ALA E 679 -11.73 -29.19 12.99
CA ALA E 679 -12.37 -28.60 14.15
C ALA E 679 -13.07 -29.68 15.01
N THR E 680 -12.69 -30.94 14.78
CA THR E 680 -13.25 -32.12 15.44
C THR E 680 -13.47 -31.98 16.97
N THR E 681 -12.46 -31.53 17.68
CA THR E 681 -12.50 -31.42 19.10
C THR E 681 -11.90 -30.04 19.45
N ASP E 682 -12.31 -29.47 20.58
CA ASP E 682 -11.69 -28.22 21.05
C ASP E 682 -10.19 -28.34 21.18
N GLU E 683 -9.71 -29.47 21.69
CA GLU E 683 -8.28 -29.71 21.77
C GLU E 683 -7.62 -29.49 20.41
N GLU E 684 -8.22 -30.02 19.34
CA GLU E 684 -7.60 -29.97 18.02
C GLU E 684 -7.51 -28.54 17.49
N ARG E 685 -8.65 -27.81 17.51
CA ARG E 685 -8.66 -26.46 16.98
C ARG E 685 -7.81 -25.51 17.82
N GLN E 686 -7.71 -25.72 19.15
CA GLN E 686 -6.86 -24.90 20.00
C GLN E 686 -5.38 -25.25 19.90
N HIS E 687 -5.00 -26.23 19.07
CA HIS E 687 -3.61 -26.58 18.83
C HIS E 687 -3.24 -26.34 17.38
N LEU E 688 -2.07 -25.73 17.17
CA LEU E 688 -1.54 -25.46 15.85
C LEU E 688 -0.70 -26.66 15.39
N GLN E 689 -1.18 -27.40 14.38
CA GLN E 689 -0.54 -28.63 13.93
C GLN E 689 0.61 -28.30 12.98
N GLU E 690 1.65 -29.13 13.03
CA GLU E 690 2.82 -28.96 12.17
C GLU E 690 2.58 -29.64 10.83
N VAL E 691 2.70 -28.87 9.76
CA VAL E 691 2.39 -29.39 8.43
C VAL E 691 3.56 -29.16 7.48
N GLY E 692 4.74 -28.88 8.03
CA GLY E 692 5.89 -28.63 7.17
C GLY E 692 7.18 -28.42 7.93
N LEU E 693 8.24 -29.11 7.49
CA LEU E 693 9.59 -28.92 8.01
C LEU E 693 10.53 -28.83 6.83
N PHE E 694 11.68 -28.19 7.05
CA PHE E 694 12.67 -28.02 6.00
C PHE E 694 13.97 -27.41 6.52
N HIS E 695 15.09 -28.09 6.24
CA HIS E 695 16.43 -27.59 6.50
C HIS E 695 16.77 -26.61 5.38
N LEU E 696 16.58 -25.32 5.64
CA LEU E 696 17.04 -24.28 4.70
C LEU E 696 18.53 -24.36 4.53
N GLY E 697 19.27 -24.10 5.60
CA GLY E 697 20.71 -24.05 5.56
C GLY E 697 21.27 -22.66 5.75
N GLU E 698 20.42 -21.68 6.02
CA GLU E 698 20.81 -20.33 6.44
C GLU E 698 20.04 -20.00 7.69
N PHE E 699 20.37 -18.86 8.30
CA PHE E 699 19.78 -18.46 9.56
C PHE E 699 18.91 -17.24 9.28
N VAL E 700 17.61 -17.37 9.45
CA VAL E 700 16.69 -16.33 8.98
C VAL E 700 16.44 -15.30 10.08
N ASN E 701 16.81 -14.05 9.81
CA ASN E 701 16.57 -12.94 10.71
C ASN E 701 15.27 -12.18 10.45
N VAL E 702 14.68 -12.31 9.28
CA VAL E 702 13.60 -11.40 8.90
C VAL E 702 12.81 -12.04 7.78
N PHE E 703 11.49 -12.10 7.94
CA PHE E 703 10.62 -12.55 6.83
C PHE E 703 9.83 -11.33 6.40
N CYS E 704 9.66 -11.10 5.10
CA CYS E 704 8.96 -9.89 4.62
C CYS E 704 8.08 -10.24 3.42
N HIS E 705 6.79 -9.86 3.48
CA HIS E 705 5.88 -10.11 2.33
C HIS E 705 6.26 -9.13 1.22
N GLY E 706 6.35 -9.61 -0.01
CA GLY E 706 6.76 -8.79 -1.12
C GLY E 706 7.28 -9.65 -2.26
N SER E 707 7.68 -8.97 -3.31
CA SER E 707 8.28 -9.60 -4.46
C SER E 707 9.17 -8.56 -5.12
N LEU E 708 10.16 -9.03 -5.89
CA LEU E 708 11.05 -8.14 -6.61
C LEU E 708 10.78 -8.17 -8.11
N VAL E 709 9.80 -8.99 -8.55
CA VAL E 709 9.36 -9.11 -9.93
C VAL E 709 8.12 -8.22 -10.12
N MET E 710 7.49 -8.31 -11.30
CA MET E 710 6.41 -7.37 -11.61
C MET E 710 5.03 -8.05 -11.70
N PRO E 719 -0.87 -20.45 -10.33
CA PRO E 719 0.26 -21.39 -10.32
C PRO E 719 0.93 -21.41 -8.95
N THR E 720 1.23 -20.20 -8.50
CA THR E 720 1.96 -19.93 -7.27
C THR E 720 1.15 -18.89 -6.49
N GLN E 721 0.79 -19.22 -5.25
CA GLN E 721 -0.02 -18.35 -4.40
C GLN E 721 0.87 -17.69 -3.35
N GLY E 722 1.10 -16.39 -3.50
CA GLY E 722 1.72 -15.60 -2.43
C GLY E 722 3.21 -15.39 -2.64
N SER E 723 3.82 -14.70 -1.67
CA SER E 723 5.23 -14.40 -1.83
C SER E 723 5.71 -13.82 -0.50
N VAL E 724 6.76 -14.43 0.05
CA VAL E 724 7.37 -14.00 1.31
C VAL E 724 8.87 -14.05 1.04
N LEU E 725 9.54 -12.94 1.29
CA LEU E 725 10.99 -12.84 1.16
C LEU E 725 11.63 -13.03 2.53
N PHE E 726 12.84 -13.61 2.54
CA PHE E 726 13.56 -13.67 3.80
C PHE E 726 15.03 -13.33 3.63
N GLY E 727 15.56 -12.61 4.63
CA GLY E 727 16.97 -12.31 4.75
C GLY E 727 17.67 -13.14 5.83
N THR E 728 18.93 -13.42 5.61
CA THR E 728 19.67 -14.34 6.45
C THR E 728 20.99 -13.72 6.86
N VAL E 729 21.70 -14.45 7.71
CA VAL E 729 22.93 -13.93 8.29
C VAL E 729 24.10 -13.98 7.31
N ASN E 730 24.01 -14.80 6.27
CA ASN E 730 25.06 -14.85 5.24
C ASN E 730 24.74 -14.00 4.03
N GLY E 731 23.68 -13.18 4.11
CA GLY E 731 23.33 -12.39 2.96
C GLY E 731 22.68 -13.18 1.85
N MET E 732 22.26 -14.40 2.13
CA MET E 732 21.36 -15.12 1.24
C MET E 732 19.97 -14.50 1.35
N ILE E 733 19.25 -14.44 0.23
CA ILE E 733 17.88 -13.95 0.22
C ILE E 733 16.99 -15.00 -0.42
N GLY E 734 15.86 -15.28 0.20
CA GLY E 734 15.03 -16.38 -0.20
C GLY E 734 13.58 -15.98 -0.39
N LEU E 735 12.86 -16.82 -1.11
CA LEU E 735 11.44 -16.60 -1.37
C LEU E 735 10.67 -17.86 -1.03
N VAL E 736 9.59 -17.70 -0.28
CA VAL E 736 8.62 -18.74 -0.03
C VAL E 736 7.30 -18.33 -0.64
N THR E 737 6.66 -19.26 -1.36
CA THR E 737 5.30 -19.12 -1.84
C THR E 737 4.55 -20.44 -1.69
N SER E 738 3.22 -20.36 -1.75
CA SER E 738 2.35 -21.51 -1.48
C SER E 738 1.95 -22.21 -2.76
N LEU E 739 1.57 -23.47 -2.62
CA LEU E 739 1.21 -24.33 -3.72
C LEU E 739 -0.13 -24.98 -3.41
N SER E 740 -0.82 -25.37 -4.47
CA SER E 740 -1.98 -26.24 -4.32
C SER E 740 -1.53 -27.68 -4.10
N GLU E 741 -2.38 -28.47 -3.39
CA GLU E 741 -2.09 -29.90 -3.21
C GLU E 741 -1.68 -30.55 -4.52
N SER E 742 -2.44 -30.30 -5.59
CA SER E 742 -2.06 -30.70 -6.93
C SER E 742 -0.62 -30.45 -7.36
N TRP E 743 -0.13 -29.23 -7.10
CA TRP E 743 1.18 -28.87 -7.60
C TRP E 743 2.21 -29.47 -6.65
N TYR E 744 1.92 -29.51 -5.35
CA TYR E 744 2.91 -30.04 -4.40
C TYR E 744 3.29 -31.48 -4.72
N ASN E 745 2.32 -32.30 -5.10
CA ASN E 745 2.62 -33.70 -5.39
C ASN E 745 3.28 -33.89 -6.76
N LEU E 746 2.94 -33.07 -7.75
CA LEU E 746 3.66 -33.13 -9.02
C LEU E 746 5.13 -32.80 -8.82
N LEU E 747 5.42 -31.69 -8.14
CA LEU E 747 6.79 -31.23 -7.97
C LEU E 747 7.54 -32.07 -6.94
N LEU E 748 6.82 -32.59 -5.93
CA LEU E 748 7.40 -33.62 -5.09
C LEU E 748 7.84 -34.80 -5.94
N ASP E 749 6.90 -35.42 -6.66
CA ASP E 749 7.26 -36.44 -7.63
C ASP E 749 8.44 -35.99 -8.46
N MET E 750 8.31 -34.84 -9.13
CA MET E 750 9.41 -34.25 -9.89
C MET E 750 10.76 -34.33 -9.15
N GLN E 751 10.82 -33.74 -7.95
CA GLN E 751 12.08 -33.69 -7.18
C GLN E 751 12.80 -35.03 -7.16
N ASN E 752 12.08 -36.10 -6.80
CA ASN E 752 12.69 -37.43 -6.72
C ASN E 752 13.39 -37.78 -8.03
N ARG E 753 12.68 -37.60 -9.15
CA ARG E 753 13.25 -37.94 -10.45
C ARG E 753 14.56 -37.22 -10.69
N LEU E 754 14.57 -35.89 -10.51
CA LEU E 754 15.80 -35.14 -10.69
C LEU E 754 16.89 -35.67 -9.77
N ASN E 755 16.57 -35.86 -8.49
CA ASN E 755 17.61 -36.27 -7.55
C ASN E 755 18.34 -37.52 -8.02
N LYS E 756 17.66 -38.40 -8.77
CA LYS E 756 18.36 -39.55 -9.32
C LYS E 756 19.39 -39.14 -10.37
N VAL E 757 19.20 -38.00 -11.01
CA VAL E 757 20.00 -37.61 -12.18
C VAL E 757 21.03 -36.52 -11.85
N ILE E 758 20.75 -35.65 -10.86
CA ILE E 758 21.71 -34.60 -10.52
C ILE E 758 22.85 -35.20 -9.73
N LYS E 759 24.06 -34.69 -9.99
CA LYS E 759 25.25 -35.22 -9.30
C LYS E 759 25.53 -34.34 -8.07
N SER E 760 25.67 -34.95 -6.89
CA SER E 760 25.90 -34.18 -5.66
C SER E 760 27.39 -34.21 -5.31
N VAL E 761 28.06 -33.06 -5.33
CA VAL E 761 29.46 -33.05 -4.86
C VAL E 761 29.46 -33.67 -3.47
N GLY E 762 30.35 -34.64 -3.21
CA GLY E 762 30.39 -35.30 -1.89
C GLY E 762 29.35 -36.39 -1.78
N LYS E 763 28.70 -36.76 -2.88
CA LYS E 763 27.71 -37.86 -2.86
C LYS E 763 26.74 -37.67 -1.69
N ILE E 764 26.44 -36.43 -1.33
CA ILE E 764 25.44 -36.15 -0.29
C ILE E 764 24.04 -36.31 -0.87
N GLU E 765 23.22 -37.10 -0.21
CA GLU E 765 21.88 -37.35 -0.73
C GLU E 765 20.99 -36.19 -0.37
N HIS E 766 20.27 -35.66 -1.38
CA HIS E 766 19.46 -34.47 -1.18
C HIS E 766 18.52 -34.64 0.00
N SER E 767 17.83 -35.78 0.06
CA SER E 767 16.99 -36.11 1.21
C SER E 767 17.69 -35.82 2.53
N PHE E 768 18.89 -36.39 2.73
CA PHE E 768 19.62 -36.20 3.98
C PHE E 768 19.84 -34.72 4.28
N TRP E 769 20.22 -33.96 3.26
CA TRP E 769 20.56 -32.54 3.45
C TRP E 769 19.34 -31.73 3.86
N ARG E 770 18.25 -31.83 3.10
CA ARG E 770 17.05 -31.05 3.39
C ARG E 770 16.23 -31.62 4.55
N SER E 771 16.69 -32.70 5.17
CA SER E 771 16.02 -33.24 6.35
C SER E 771 16.17 -32.27 7.51
N PHE E 772 15.08 -32.09 8.25
CA PHE E 772 15.07 -31.22 9.42
C PHE E 772 16.09 -31.70 10.44
N HIS E 773 17.01 -30.82 10.83
CA HIS E 773 18.16 -31.16 11.67
C HIS E 773 18.23 -30.27 12.90
N THR E 774 18.23 -30.93 14.07
CA THR E 774 18.59 -30.34 15.36
C THR E 774 19.83 -31.07 15.90
N GLU E 775 20.44 -30.49 16.94
CA GLU E 775 21.69 -31.03 17.47
C GLU E 775 21.57 -32.51 17.80
N ARG E 776 20.38 -32.98 18.19
CA ARG E 776 20.19 -34.38 18.55
C ARG E 776 18.82 -34.88 18.09
N LYS E 777 18.41 -34.53 16.87
CA LYS E 777 17.23 -35.10 16.25
C LYS E 777 17.23 -34.74 14.76
N THR E 778 16.83 -35.71 13.92
CA THR E 778 16.71 -35.50 12.47
C THR E 778 15.41 -36.11 11.99
N GLU E 779 14.82 -35.48 10.99
CA GLU E 779 13.46 -35.74 10.54
C GLU E 779 13.35 -35.36 9.07
N PRO E 780 12.49 -36.05 8.32
CA PRO E 780 12.44 -35.84 6.87
C PRO E 780 11.57 -34.65 6.51
N ALA E 781 12.03 -33.86 5.56
CA ALA E 781 11.34 -32.64 5.18
C ALA E 781 9.95 -32.94 4.65
N THR E 782 9.07 -31.96 4.79
CA THR E 782 7.68 -32.25 4.52
C THR E 782 6.95 -30.96 4.20
N GLY E 783 6.21 -30.95 3.09
CA GLY E 783 5.45 -29.77 2.75
C GLY E 783 6.29 -28.59 2.34
N PHE E 784 7.53 -28.84 1.87
CA PHE E 784 8.35 -27.85 1.21
C PHE E 784 8.90 -28.43 -0.07
N ILE E 785 9.17 -27.57 -1.06
CA ILE E 785 9.79 -27.99 -2.32
C ILE E 785 11.02 -27.13 -2.59
N ASP E 786 12.15 -27.80 -2.81
CA ASP E 786 13.44 -27.16 -3.02
C ASP E 786 13.48 -26.58 -4.45
N GLY E 787 12.82 -25.43 -4.60
CA GLY E 787 12.78 -24.71 -5.84
C GLY E 787 14.09 -24.70 -6.62
N ASP E 788 15.18 -24.33 -5.95
CA ASP E 788 16.50 -24.46 -6.55
C ASP E 788 16.65 -25.81 -7.24
N LEU E 789 16.29 -26.90 -6.56
CA LEU E 789 16.40 -28.20 -7.19
C LEU E 789 15.55 -28.27 -8.44
N ILE E 790 14.25 -28.13 -8.28
CA ILE E 790 13.31 -28.04 -9.39
C ILE E 790 13.81 -27.21 -10.57
N GLU E 791 14.42 -26.05 -10.30
CA GLU E 791 14.84 -25.13 -11.36
C GLU E 791 16.00 -25.70 -12.16
N SER E 792 16.88 -26.45 -11.51
CA SER E 792 17.98 -27.10 -12.22
C SER E 792 17.49 -28.11 -13.25
N PHE E 793 16.25 -28.60 -13.14
CA PHE E 793 15.69 -29.41 -14.22
C PHE E 793 15.82 -28.71 -15.55
N LEU E 794 15.55 -27.39 -15.57
CA LEU E 794 15.65 -26.62 -16.81
C LEU E 794 17.05 -26.72 -17.43
N ASP E 795 18.10 -26.87 -16.63
CA ASP E 795 19.47 -26.96 -17.12
C ASP E 795 19.96 -28.40 -17.21
N ILE E 796 19.19 -29.33 -17.78
CA ILE E 796 19.78 -30.63 -18.08
C ILE E 796 19.63 -30.94 -19.56
N SER E 797 20.14 -32.08 -19.99
CA SER E 797 20.07 -32.45 -21.40
C SER E 797 18.70 -32.99 -21.74
N ARG E 798 18.21 -32.62 -22.94
CA ARG E 798 16.85 -32.99 -23.33
C ARG E 798 16.58 -34.50 -23.26
N PRO E 799 17.54 -35.40 -23.50
CA PRO E 799 17.29 -36.81 -23.14
C PRO E 799 16.94 -36.96 -21.68
N LYS E 800 17.68 -36.29 -20.80
CA LYS E 800 17.44 -36.39 -19.38
C LYS E 800 16.02 -35.95 -19.02
N MET E 801 15.58 -34.81 -19.56
CA MET E 801 14.21 -34.36 -19.32
C MET E 801 13.22 -35.42 -19.75
N GLN E 802 13.56 -36.18 -20.80
CA GLN E 802 12.72 -37.29 -21.21
C GLN E 802 12.62 -38.31 -20.08
N GLU E 803 13.76 -38.76 -19.58
CA GLU E 803 13.75 -39.73 -18.49
C GLU E 803 12.99 -39.19 -17.28
N VAL E 804 13.29 -37.96 -16.87
CA VAL E 804 12.62 -37.40 -15.71
C VAL E 804 11.12 -37.21 -15.92
N VAL E 805 10.64 -37.29 -17.16
CA VAL E 805 9.21 -37.13 -17.41
C VAL E 805 8.52 -38.45 -17.71
N ALA E 806 9.27 -39.52 -17.93
CA ALA E 806 8.69 -40.79 -18.36
C ALA E 806 7.68 -41.30 -17.34
N ASN E 807 6.43 -41.49 -17.80
CA ASN E 807 5.39 -42.10 -16.98
C ASN E 807 4.73 -41.22 -15.91
N LEU E 808 4.68 -39.91 -16.13
CA LEU E 808 4.14 -39.00 -15.15
C LEU E 808 2.68 -38.61 -15.29
N GLU E 819 2.81 -40.16 -18.59
CA GLU E 819 3.83 -39.83 -19.58
C GLU E 819 3.68 -38.38 -20.04
N ALA E 820 3.92 -37.45 -19.12
CA ALA E 820 3.89 -36.04 -19.48
C ALA E 820 5.11 -35.69 -20.33
N THR E 821 4.91 -34.86 -21.35
CA THR E 821 6.00 -34.56 -22.28
C THR E 821 7.10 -33.76 -21.59
N ALA E 822 8.34 -33.91 -22.06
CA ALA E 822 9.34 -32.95 -21.63
C ALA E 822 8.80 -31.52 -21.77
N ASP E 823 8.47 -31.12 -23.00
CA ASP E 823 8.14 -29.74 -23.30
C ASP E 823 7.00 -29.15 -22.46
N ASP E 824 6.07 -29.95 -21.93
CA ASP E 824 5.13 -29.34 -21.01
C ASP E 824 5.70 -29.15 -19.61
N LEU E 825 6.97 -29.49 -19.40
CA LEU E 825 7.60 -29.30 -18.10
C LEU E 825 8.70 -28.26 -18.11
N ILE E 826 9.39 -28.06 -19.25
CA ILE E 826 10.24 -26.87 -19.39
C ILE E 826 9.40 -25.63 -19.12
N LYS E 827 8.18 -25.60 -19.68
CA LYS E 827 7.31 -24.44 -19.50
C LYS E 827 6.91 -24.28 -18.04
N VAL E 828 6.51 -25.38 -17.38
CA VAL E 828 6.14 -25.31 -15.96
C VAL E 828 7.26 -24.65 -15.17
N VAL E 829 8.45 -25.24 -15.23
CA VAL E 829 9.59 -24.74 -14.46
C VAL E 829 9.92 -23.31 -14.85
N GLU E 830 9.89 -22.99 -16.15
CA GLU E 830 10.08 -21.60 -16.58
C GLU E 830 9.04 -20.67 -15.98
N GLU E 831 7.82 -21.16 -15.75
CA GLU E 831 6.83 -20.38 -15.01
C GLU E 831 7.29 -20.12 -13.59
N LEU E 832 7.92 -21.12 -12.96
CA LEU E 832 8.37 -20.95 -11.60
C LEU E 832 9.57 -20.00 -11.55
N THR E 833 10.43 -20.01 -12.57
CA THR E 833 11.55 -19.08 -12.58
C THR E 833 11.10 -17.61 -12.62
N ARG E 834 9.80 -17.35 -12.83
CA ARG E 834 9.30 -15.98 -12.91
C ARG E 834 9.01 -15.36 -11.55
N ILE E 835 9.01 -16.14 -10.46
CA ILE E 835 8.69 -15.55 -9.16
C ILE E 835 9.91 -14.89 -8.49
N HIS E 836 11.09 -15.06 -9.05
CA HIS E 836 12.22 -14.25 -8.66
C HIS E 836 12.99 -13.94 -9.92
N SER F 3 -3.21 -38.06 75.69
CA SER F 3 -3.37 -39.44 75.21
C SER F 3 -4.28 -39.58 73.97
N LEU F 4 -5.55 -39.95 74.20
CA LEU F 4 -6.53 -40.14 73.11
C LEU F 4 -7.14 -38.84 72.62
N THR F 5 -6.57 -37.72 73.05
CA THR F 5 -7.04 -36.40 72.68
C THR F 5 -6.02 -35.63 71.86
N THR F 6 -4.83 -36.20 71.63
CA THR F 6 -3.77 -35.55 70.86
C THR F 6 -3.77 -36.02 69.41
N CYS F 7 -3.64 -35.05 68.49
CA CYS F 7 -3.58 -35.30 67.06
C CYS F 7 -2.21 -35.84 66.66
N GLU F 8 -2.20 -36.86 65.81
CA GLU F 8 -0.94 -37.47 65.42
C GLU F 8 -0.22 -36.74 64.29
N VAL F 9 -0.88 -35.83 63.60
CA VAL F 9 -0.21 -35.14 62.50
C VAL F 9 0.61 -33.94 63.00
N CYS F 10 0.01 -33.07 63.80
CA CYS F 10 0.63 -31.79 64.14
C CYS F 10 0.93 -31.62 65.62
N GLY F 11 0.62 -32.60 66.48
CA GLY F 11 0.83 -32.53 67.92
C GLY F 11 -0.23 -31.81 68.73
N ALA F 12 -1.37 -31.45 68.14
CA ALA F 12 -2.43 -30.79 68.89
C ALA F 12 -2.87 -31.61 70.10
N CYS F 13 -3.13 -30.96 71.24
CA CYS F 13 -3.79 -31.63 72.37
C CYS F 13 -5.08 -30.90 72.78
N PHE F 14 -6.23 -31.56 72.56
CA PHE F 14 -7.52 -31.02 72.98
C PHE F 14 -7.89 -31.47 74.38
N GLU F 15 -9.14 -31.23 74.76
CA GLU F 15 -9.64 -31.69 76.03
C GLU F 15 -10.69 -32.76 75.85
N THR F 16 -11.35 -32.80 74.71
CA THR F 16 -12.33 -33.84 74.46
C THR F 16 -11.99 -34.58 73.18
N ARG F 17 -12.37 -35.86 73.14
CA ARG F 17 -12.21 -36.64 71.93
C ARG F 17 -12.85 -35.93 70.73
N LYS F 18 -13.99 -35.26 70.95
CA LYS F 18 -14.60 -34.48 69.89
C LYS F 18 -13.72 -33.31 69.48
N GLY F 19 -12.97 -32.77 70.43
CA GLY F 19 -11.96 -31.79 70.07
C GLY F 19 -11.11 -32.31 68.92
N LEU F 20 -10.52 -33.50 69.13
CA LEU F 20 -9.74 -34.14 68.08
C LEU F 20 -10.59 -34.40 66.86
N SER F 21 -11.77 -34.99 67.06
CA SER F 21 -12.60 -35.41 65.93
C SER F 21 -12.77 -34.30 64.90
N SER F 22 -13.05 -33.08 65.35
CA SER F 22 -13.18 -31.97 64.41
C SER F 22 -11.83 -31.61 63.80
N HIS F 23 -10.81 -31.42 64.64
CA HIS F 23 -9.47 -31.05 64.16
C HIS F 23 -9.01 -31.97 63.04
N ALA F 24 -9.34 -33.25 63.14
CA ALA F 24 -9.11 -34.22 62.08
C ALA F 24 -9.41 -33.63 60.71
N ARG F 25 -10.62 -33.11 60.53
CA ARG F 25 -11.03 -32.60 59.21
C ARG F 25 -10.11 -31.47 58.75
N SER F 26 -9.72 -30.59 59.66
CA SER F 26 -8.74 -29.55 59.34
C SER F 26 -7.54 -30.09 58.54
N HIS F 27 -7.09 -31.33 58.83
CA HIS F 27 -5.93 -31.91 58.16
C HIS F 27 -6.29 -32.58 56.84
N LEU F 28 -7.43 -33.27 56.80
CA LEU F 28 -7.81 -34.00 55.60
C LEU F 28 -8.29 -33.21 54.39
N ARG F 29 -9.35 -32.43 54.55
CA ARG F 29 -9.98 -31.70 53.44
C ARG F 29 -9.00 -30.62 53.01
ZN ZN G . 14.93 10.86 -48.04
S SO4 H . -12.80 7.16 -35.40
O1 SO4 H . -12.30 8.24 -34.45
O2 SO4 H . -12.23 5.81 -34.98
O3 SO4 H . -14.32 7.14 -35.41
O4 SO4 H . -12.25 7.46 -36.77
C1 A1A5H I . 26.64 -0.72 -33.58
C2 A1A5H I . 26.93 -2.06 -33.78
C3 A1A5H I . 25.92 -3.00 -33.91
C11 A1A5H I . 28.88 -2.49 -32.60
C13 A1A5H I . 30.39 -2.57 -32.82
C14 A1A5H I . 30.77 -3.81 -33.63
C15 A1A5H I . 30.17 -5.05 -33.00
C17 A1A5H I . 28.50 -3.75 -31.88
C18 A1A5H I . 31.26 -1.36 -32.90
C19 A1A5H I . 31.26 -2.20 -31.66
C20 A1A5H I . 28.13 -6.13 -32.29
C21 A1A5H I . 27.83 -6.24 -30.82
C22 A1A5H I . 20.89 -2.57 -33.95
C23 A1A5H I . 20.48 -3.21 -35.25
C24 A1A5H I . 18.98 -3.46 -35.23
C25 A1A5H I . 18.60 -4.31 -34.06
C27 A1A5H I . 20.44 -3.38 -32.76
C4 A1A5H I . 24.60 -2.56 -33.84
C5 A1A5H I . 24.31 -1.24 -33.65
C6 A1A5H I . 25.33 -0.31 -33.51
C7 A1A5H I . 23.33 -3.35 -33.96
C9 A1A5H I . 22.84 -1.06 -33.66
N16 A1A5H I . 28.73 -4.88 -32.77
N26 A1A5H I . 19.36 -4.20 -32.94
N8 A1A5H I . 22.31 -2.31 -33.86
O10 A1A5H I . 22.18 -0.05 -33.54
O12 A1A5H I . 28.25 -2.48 -33.85
O28 A1A5H I . 21.02 -3.31 -31.69
O29 A1A5H I . 17.66 -5.10 -34.10
H30 A1A5H I . 27.45 0.01 -33.44
H31 A1A5H I . 26.16 -4.05 -34.05
H35 A1A5H I . 28.67 -1.59 -32.03
H36 A1A5H I . 31.85 -3.87 -33.68
H37 A1A5H I . 30.45 -3.71 -34.66
H39 A1A5H I . 30.66 -5.29 -32.05
H38 A1A5H I . 30.33 -5.92 -33.63
H40 A1A5H I . 27.47 -3.71 -31.55
H41 A1A5H I . 29.09 -3.85 -30.97
H43 A1A5H I . 30.82 -0.36 -32.89
H42 A1A5H I . 32.13 -1.34 -33.56
H45 A1A5H I . 32.13 -2.82 -31.42
H44 A1A5H I . 30.81 -1.84 -30.75
H47 A1A5H I . 28.85 -6.93 -32.47
H46 A1A5H I . 27.23 -6.42 -32.81
H50 A1A5H I . 28.67 -5.96 -30.18
H48 A1A5H I . 27.56 -7.26 -30.56
H49 A1A5H I . 26.98 -5.63 -30.50
H51 A1A5H I . 20.34 -1.62 -33.90
H53 A1A5H I . 20.99 -4.15 -35.38
H52 A1A5H I . 20.78 -2.59 -36.09
H55 A1A5H I . 18.64 -3.92 -36.15
H54 A1A5H I . 18.44 -2.52 -35.17
H32 A1A5H I . 25.07 0.74 -33.38
H33 A1A5H I . 23.25 -4.13 -33.21
H34 A1A5H I . 23.27 -3.83 -34.93
H56 A1A5H I . 19.11 -4.80 -32.16
ZN ZN J . 24.29 4.71 -38.81
ZN ZN K . -7.71 -20.33 56.10
S SO4 L . 16.21 -11.35 39.30
O1 SO4 L . 17.06 -10.09 39.33
O2 SO4 L . 14.77 -10.93 39.47
O3 SO4 L . 16.38 -12.11 38.00
O4 SO4 L . 16.64 -12.26 40.42
C1 A1A5H M . 2.02 -36.03 67.81
C2 A1A5H M . 2.58 -35.80 69.06
C3 A1A5H M . 3.56 -34.83 69.22
C11 A1A5H M . 2.56 -37.84 70.24
C13 A1A5H M . 1.43 -38.64 70.92
C14 A1A5H M . 1.22 -38.12 72.33
C15 A1A5H M . 2.49 -38.32 73.13
C17 A1A5H M . 3.79 -37.99 71.09
C18 A1A5H M . 1.35 -40.11 70.69
C19 A1A5H M . 0.27 -39.20 70.16
C20 A1A5H M . 3.59 -36.17 72.73
C21 A1A5H M . 4.18 -35.78 74.04
C22 A1A5H M . 5.80 -31.66 65.99
C23 A1A5H M . 5.58 -30.28 66.55
C24 A1A5H M . 6.53 -29.30 65.90
C25 A1A5H M . 7.95 -29.72 66.06
C27 A1A5H M . 7.26 -32.07 66.09
C4 A1A5H M . 3.98 -34.10 68.12
C5 A1A5H M . 3.43 -34.32 66.88
C6 A1A5H M . 2.44 -35.29 66.72
C7 A1A5H M . 5.02 -33.03 68.01
C9 A1A5H M . 4.06 -33.42 65.90
N16 A1A5H M . 3.63 -37.62 72.49
N26 A1A5H M . 8.19 -31.07 66.14
N8 A1A5H M . 4.98 -32.69 66.60
O10 A1A5H M . 3.83 -33.31 64.71
O12 A1A5H M . 2.16 -36.49 70.18
O28 A1A5H M . 7.59 -33.25 66.09
O29 A1A5H M . 8.87 -28.92 66.13
H30 A1A5H M . 1.26 -36.80 67.68
H31 A1A5H M . 4.01 -34.65 70.19
H35 A1A5H M . 2.69 -38.25 69.24
H36 A1A5H M . 0.40 -38.68 72.77
H37 A1A5H M . 0.88 -37.09 72.34
H39 A1A5H M . 2.73 -39.36 73.23
H38 A1A5H M . 2.38 -37.96 74.15
H40 A1A5H M . 4.16 -39.02 71.04
H41 A1A5H M . 4.61 -37.42 70.66
H43 A1A5H M . 2.05 -40.61 70.04
H42 A1A5H M . 1.14 -40.77 71.53
H45 A1A5H M . -0.71 -39.24 70.60
H44 A1A5H M . 0.18 -39.00 69.09
H47 A1A5H M . 4.18 -35.70 71.96
H46 A1A5H M . 2.61 -35.71 72.67
H50 A1A5H M . 3.52 -36.00 74.87
H48 A1A5H M . 5.12 -36.30 74.22
H49 A1A5H M . 4.41 -34.72 74.10
H51 A1A5H M . 5.58 -31.59 64.92
H53 A1A5H M . 5.74 -30.29 67.62
H52 A1A5H M . 4.54 -29.99 66.42
H55 A1A5H M . 6.40 -28.30 66.29
H54 A1A5H M . 6.30 -29.21 64.82
H32 A1A5H M . 1.99 -35.42 65.74
H33 A1A5H M . 4.79 -32.18 68.65
H34 A1A5H M . 6.00 -33.39 68.32
H56 A1A5H M . 9.15 -31.35 66.26
ZN ZN N . -3.41 -31.84 63.82
#